data_4ISQ
#
_entry.id   4ISQ
#
_cell.length_a   164.227
_cell.length_b   57.550
_cell.length_c   165.274
_cell.angle_alpha   90.000
_cell.angle_beta   118.110
_cell.angle_gamma   90.000
#
_symmetry.space_group_name_H-M   'P 1 21 1'
#
loop_
_entity.id
_entity.type
_entity.pdbx_description
1 polymer Neurotoxin
2 polymer Synaptotagmin-1
3 non-polymer 'SULFATE ION'
4 non-polymer GLYCEROL
5 water water
#
loop_
_entity_poly.entity_id
_entity_poly.type
_entity_poly.pdbx_seq_one_letter_code
_entity_poly.pdbx_strand_id
1 'polypeptide(L)'
;MHHHHHHYFSINDSKILSLQNKKNTLMDTSGYNAEVRVEGNVQLNPIFPFDFKLGSSGDDRGKVIVTQNENIVYNAMYES
FSISFWIRINKWVSNLPGYTIIDSVKNNSGWSIGIISNFLVFTLKQNENSEQDINFSYDISKNAAGYNKWFFVTITTNMM
GNMMIYINGKLIDTIKVKELTGINFSKTITFQMNKIPNTGLITSDSDNINMWIRDFYIFAKELDDKDINILFNSLQYTNV
VKDYWGNDLRYDKEYYMINVNYMNRYMSKKGNGIVFNTRKNNNDFNEGYKIIIKRIRGNTNDTRVRGENVLYFNTTIDNK
QYSLGMYKPSRNLGTDLVPLGALDQPMDEIRKYGSFIIQPCNTFDYYASQLFLSSNATTNRLGILSIGSYSFKLGDDYWF
NHEYLIPVIKIEHYASLLESTSTHWVFVPAS
;
A,B,C
2 'polypeptide(L)' GEGKEDAFSKLKEKFMNELHK D,E,F
#
# COMPACT_ATOMS: atom_id res chain seq x y z
N SER A 10 2.56 -0.69 0.95
CA SER A 10 2.95 -0.91 -0.47
C SER A 10 3.59 -2.27 -0.69
N ILE A 11 3.59 -2.72 -1.94
CA ILE A 11 4.26 -3.97 -2.32
C ILE A 11 5.78 -3.83 -2.39
N ASN A 12 6.27 -2.59 -2.49
CA ASN A 12 7.70 -2.30 -2.48
C ASN A 12 8.36 -2.50 -1.11
N ASP A 13 7.56 -2.55 -0.05
CA ASP A 13 8.06 -2.86 1.29
C ASP A 13 8.65 -4.27 1.36
N SER A 14 8.09 -5.19 0.57
CA SER A 14 8.55 -6.58 0.54
C SER A 14 9.64 -6.84 -0.50
N LYS A 15 10.00 -5.81 -1.27
CA LYS A 15 11.01 -5.95 -2.33
C LYS A 15 12.40 -6.06 -1.73
N ILE A 16 13.07 -7.20 -1.96
CA ILE A 16 14.40 -7.47 -1.40
C ILE A 16 15.52 -7.41 -2.43
N LEU A 17 15.18 -7.39 -3.71
CA LEU A 17 16.15 -7.23 -4.79
C LEU A 17 15.53 -6.44 -5.93
N SER A 18 16.32 -5.56 -6.53
CA SER A 18 15.86 -4.74 -7.65
C SER A 18 17.02 -4.45 -8.61
N LEU A 19 17.30 -5.39 -9.49
CA LEU A 19 18.38 -5.26 -10.46
C LEU A 19 17.99 -4.27 -11.54
N GLN A 20 18.70 -3.15 -11.61
CA GLN A 20 18.38 -2.09 -12.56
C GLN A 20 19.65 -1.44 -13.12
N ASN A 21 19.61 -1.07 -14.40
CA ASN A 21 20.66 -0.28 -15.01
C ASN A 21 20.50 1.16 -14.59
N LYS A 22 21.52 1.69 -13.91
CA LYS A 22 21.50 3.05 -13.39
C LYS A 22 22.84 3.71 -13.69
N LYS A 23 22.80 4.84 -14.41
CA LYS A 23 24.01 5.56 -14.81
C LYS A 23 24.98 4.64 -15.56
N ASN A 24 24.44 3.82 -16.46
CA ASN A 24 25.21 2.81 -17.20
C ASN A 24 25.92 1.82 -16.29
N THR A 25 25.24 1.43 -15.20
CA THR A 25 25.79 0.48 -14.23
C THR A 25 24.66 -0.37 -13.66
N LEU A 26 24.81 -1.70 -13.74
CA LEU A 26 23.86 -2.62 -13.13
C LEU A 26 24.07 -2.64 -11.62
N MET A 27 22.98 -2.50 -10.86
CA MET A 27 23.07 -2.48 -9.40
C MET A 27 21.73 -2.78 -8.74
N ASP A 28 21.79 -3.13 -7.47
CA ASP A 28 20.59 -3.33 -6.66
C ASP A 28 20.12 -1.97 -6.14
N THR A 29 18.84 -1.68 -6.35
CA THR A 29 18.25 -0.42 -5.91
C THR A 29 17.19 -0.61 -4.83
N SER A 30 17.09 -1.82 -4.29
CA SER A 30 16.10 -2.13 -3.25
C SER A 30 16.46 -1.51 -1.90
N GLY A 31 17.74 -1.22 -1.71
CA GLY A 31 18.25 -0.68 -0.45
C GLY A 31 19.17 -1.67 0.26
N TYR A 32 19.06 -2.95 -0.09
CA TYR A 32 19.86 -4.00 0.54
C TYR A 32 21.27 -4.13 -0.06
N ASN A 33 21.54 -3.39 -1.13
CA ASN A 33 22.90 -3.23 -1.67
C ASN A 33 23.62 -4.54 -1.97
N ALA A 34 22.96 -5.40 -2.75
CA ALA A 34 23.58 -6.65 -3.21
C ALA A 34 24.70 -6.34 -4.19
N GLU A 35 25.77 -7.13 -4.13
CA GLU A 35 26.90 -6.96 -5.05
C GLU A 35 26.51 -7.45 -6.44
N VAL A 36 26.80 -6.64 -7.45
CA VAL A 36 26.49 -6.97 -8.83
C VAL A 36 27.76 -6.89 -9.68
N ARG A 37 28.32 -8.05 -10.01
CA ARG A 37 29.52 -8.12 -10.84
C ARG A 37 29.14 -8.47 -12.28
N VAL A 38 29.79 -7.81 -13.24
CA VAL A 38 29.49 -7.99 -14.66
C VAL A 38 30.75 -8.45 -15.41
N GLU A 39 30.61 -9.51 -16.20
CA GLU A 39 31.72 -10.10 -16.94
C GLU A 39 31.31 -10.47 -18.36
N GLY A 40 32.25 -10.41 -19.29
CA GLY A 40 32.02 -10.78 -20.68
C GLY A 40 31.22 -9.75 -21.47
N ASN A 41 30.64 -10.18 -22.58
CA ASN A 41 29.89 -9.31 -23.46
C ASN A 41 28.47 -9.04 -22.92
N VAL A 42 28.34 -7.97 -22.13
CA VAL A 42 27.06 -7.54 -21.61
C VAL A 42 26.83 -6.09 -22.04
N GLN A 43 25.81 -5.88 -22.89
CA GLN A 43 25.50 -4.56 -23.42
C GLN A 43 24.34 -3.95 -22.68
N LEU A 44 24.50 -2.71 -22.23
CA LEU A 44 23.46 -1.99 -21.50
C LEU A 44 22.81 -0.95 -22.41
N ASN A 45 21.48 -0.91 -22.39
CA ASN A 45 20.73 0.05 -23.19
C ASN A 45 20.76 1.43 -22.53
N PRO A 46 21.24 2.46 -23.26
CA PRO A 46 21.26 3.82 -22.68
C PRO A 46 19.90 4.52 -22.65
N ILE A 47 18.86 3.91 -23.23
CA ILE A 47 17.50 4.45 -23.17
C ILE A 47 16.52 3.41 -22.65
N PHE A 48 15.31 3.87 -22.31
CA PHE A 48 14.26 2.99 -21.77
C PHE A 48 14.01 1.83 -22.74
N PRO A 49 13.82 0.60 -22.21
CA PRO A 49 13.67 0.19 -20.80
C PRO A 49 14.98 -0.01 -20.02
N PHE A 50 16.11 0.47 -20.54
CA PHE A 50 17.40 0.33 -19.86
C PHE A 50 17.73 -1.14 -19.59
N ASP A 51 17.52 -1.96 -20.62
CA ASP A 51 17.73 -3.41 -20.51
C ASP A 51 19.21 -3.78 -20.61
N PHE A 52 19.52 -5.03 -20.28
CA PHE A 52 20.85 -5.57 -20.53
C PHE A 52 20.76 -6.82 -21.42
N LYS A 53 21.70 -6.93 -22.36
CA LYS A 53 21.66 -7.93 -23.42
C LYS A 53 22.70 -9.01 -23.21
N LEU A 54 22.28 -10.27 -23.26
CA LEU A 54 23.17 -11.43 -23.15
C LEU A 54 23.12 -12.27 -24.43
N GLY A 55 24.21 -12.96 -24.71
CA GLY A 55 24.31 -13.87 -25.87
C GLY A 55 24.63 -15.28 -25.43
N SER A 56 24.70 -16.20 -26.38
CA SER A 56 24.98 -17.61 -26.07
C SER A 56 26.20 -18.20 -26.80
N SER A 57 26.91 -17.38 -27.57
CA SER A 57 28.07 -17.85 -28.33
C SER A 57 29.38 -17.23 -27.80
N GLY A 58 30.45 -18.01 -27.84
CA GLY A 58 31.76 -17.57 -27.40
C GLY A 58 31.99 -17.73 -25.91
N ASP A 59 33.26 -17.73 -25.50
CA ASP A 59 33.63 -17.77 -24.09
C ASP A 59 33.38 -16.42 -23.41
N ASP A 60 33.37 -15.36 -24.21
CA ASP A 60 33.11 -14.01 -23.74
C ASP A 60 31.65 -13.63 -23.96
N ARG A 61 30.73 -14.56 -23.64
CA ARG A 61 29.31 -14.41 -24.02
C ARG A 61 28.54 -13.42 -23.14
N GLY A 62 28.89 -13.34 -21.86
CA GLY A 62 28.25 -12.42 -20.93
C GLY A 62 27.78 -13.11 -19.67
N LYS A 63 27.99 -12.46 -18.53
CA LYS A 63 27.71 -13.06 -17.22
C LYS A 63 27.50 -11.99 -16.17
N VAL A 64 26.33 -12.01 -15.52
CA VAL A 64 26.01 -11.07 -14.44
C VAL A 64 25.84 -11.86 -13.14
N ILE A 65 26.76 -11.64 -12.20
CA ILE A 65 26.72 -12.29 -10.89
C ILE A 65 26.11 -11.34 -9.86
N VAL A 66 24.96 -11.72 -9.30
CA VAL A 66 24.32 -10.93 -8.26
C VAL A 66 24.43 -11.67 -6.92
N THR A 67 25.33 -11.20 -6.07
CA THR A 67 25.53 -11.78 -4.74
C THR A 67 24.74 -10.97 -3.72
N GLN A 68 23.71 -11.56 -3.13
CA GLN A 68 22.90 -10.90 -2.10
C GLN A 68 23.73 -10.70 -0.85
N ASN A 69 23.81 -9.44 -0.41
CA ASN A 69 24.84 -8.98 0.53
C ASN A 69 24.84 -9.73 1.86
N GLU A 70 23.74 -9.62 2.62
CA GLU A 70 23.67 -10.17 3.96
C GLU A 70 22.33 -10.87 4.20
N ASN A 71 22.23 -11.52 5.36
CA ASN A 71 21.03 -12.25 5.77
C ASN A 71 19.80 -11.36 6.06
N ILE A 72 20.05 -10.07 6.17
CA ILE A 72 19.01 -9.08 6.34
C ILE A 72 17.84 -9.36 5.42
N VAL A 73 18.17 -9.54 4.16
CA VAL A 73 17.17 -9.68 3.08
C VAL A 73 16.06 -10.68 3.41
N TYR A 74 16.41 -11.75 4.14
CA TYR A 74 15.44 -12.78 4.52
C TYR A 74 14.76 -12.51 5.87
N ASN A 75 14.99 -11.33 6.45
CA ASN A 75 14.52 -11.02 7.79
C ASN A 75 13.00 -10.80 7.88
N ALA A 76 12.36 -10.50 6.75
CA ALA A 76 10.91 -10.30 6.70
C ALA A 76 10.20 -11.39 5.89
N MET A 77 10.86 -12.55 5.71
CA MET A 77 10.32 -13.64 4.91
C MET A 77 9.65 -14.69 5.80
N TYR A 78 8.47 -15.16 5.38
CA TYR A 78 7.77 -16.25 6.05
C TYR A 78 8.02 -17.55 5.27
N GLU A 79 7.10 -17.96 4.41
CA GLU A 79 7.30 -19.12 3.54
C GLU A 79 6.94 -18.79 2.10
N SER A 80 7.08 -17.51 1.74
CA SER A 80 6.65 -17.05 0.43
C SER A 80 7.65 -16.07 -0.19
N PHE A 81 7.83 -16.18 -1.50
CA PHE A 81 8.64 -15.25 -2.26
C PHE A 81 8.14 -15.19 -3.71
N SER A 82 8.35 -14.05 -4.35
CA SER A 82 7.91 -13.84 -5.73
C SER A 82 9.01 -13.22 -6.58
N ILE A 83 9.24 -13.78 -7.76
CA ILE A 83 10.23 -13.27 -8.71
C ILE A 83 9.49 -12.70 -9.91
N SER A 84 9.91 -11.53 -10.38
CA SER A 84 9.30 -10.90 -11.55
C SER A 84 10.33 -10.18 -12.41
N PHE A 85 10.18 -10.26 -13.72
CA PHE A 85 11.10 -9.61 -14.65
C PHE A 85 10.55 -9.53 -16.07
N TRP A 86 10.93 -8.48 -16.79
CA TRP A 86 10.68 -8.38 -18.23
C TRP A 86 11.77 -9.13 -18.95
N ILE A 87 11.40 -9.84 -20.02
CA ILE A 87 12.35 -10.63 -20.78
C ILE A 87 11.96 -10.72 -22.27
N ARG A 88 12.98 -10.72 -23.12
CA ARG A 88 12.81 -10.96 -24.55
C ARG A 88 13.88 -11.93 -25.02
N ILE A 89 13.48 -12.89 -25.85
CA ILE A 89 14.40 -13.87 -26.40
C ILE A 89 14.30 -13.86 -27.93
N ASN A 90 15.44 -13.86 -28.61
CA ASN A 90 15.48 -13.88 -30.06
C ASN A 90 16.66 -14.72 -30.56
N LYS A 91 16.44 -15.70 -31.42
CA LYS A 91 15.15 -16.08 -31.98
C LYS A 91 14.60 -17.31 -31.25
N TRP A 92 13.53 -17.15 -30.48
CA TRP A 92 12.98 -18.24 -29.68
C TRP A 92 12.14 -19.19 -30.53
N VAL A 93 12.83 -20.07 -31.24
CA VAL A 93 12.19 -21.07 -32.09
C VAL A 93 11.58 -22.19 -31.25
N SER A 94 10.60 -22.89 -31.82
CA SER A 94 9.85 -23.92 -31.08
C SER A 94 10.69 -25.18 -30.80
N ASN A 95 11.75 -25.39 -31.58
CA ASN A 95 12.66 -26.53 -31.38
C ASN A 95 13.99 -26.10 -30.77
N LEU A 96 13.96 -25.09 -29.91
CA LEU A 96 15.16 -24.56 -29.28
C LEU A 96 15.75 -25.60 -28.32
N PRO A 97 17.08 -25.79 -28.35
CA PRO A 97 17.69 -26.69 -27.38
C PRO A 97 17.66 -26.12 -25.97
N GLY A 98 17.98 -26.96 -24.98
CA GLY A 98 17.91 -26.56 -23.58
C GLY A 98 18.93 -25.50 -23.19
N TYR A 99 18.47 -24.49 -22.46
CA TYR A 99 19.34 -23.43 -21.95
C TYR A 99 18.94 -23.05 -20.54
N THR A 100 19.91 -23.03 -19.63
CA THR A 100 19.72 -22.40 -18.33
C THR A 100 20.12 -20.94 -18.50
N ILE A 101 19.23 -20.03 -18.10
CA ILE A 101 19.45 -18.60 -18.33
C ILE A 101 19.61 -17.78 -17.05
N ILE A 102 18.85 -18.12 -16.01
CA ILE A 102 18.97 -17.47 -14.71
C ILE A 102 19.07 -18.55 -13.64
N ASP A 103 20.28 -18.77 -13.12
CA ASP A 103 20.55 -19.85 -12.18
C ASP A 103 20.81 -19.31 -10.77
N SER A 104 20.14 -19.91 -9.78
CA SER A 104 20.35 -19.56 -8.38
C SER A 104 20.31 -20.83 -7.52
N VAL A 105 21.12 -21.81 -7.93
CA VAL A 105 21.21 -23.09 -7.23
C VAL A 105 22.62 -23.27 -6.67
N LYS A 106 22.69 -23.58 -5.37
CA LYS A 106 23.96 -23.87 -4.71
C LYS A 106 23.82 -25.17 -3.93
N ASN A 107 24.74 -26.11 -4.18
CA ASN A 107 24.71 -27.44 -3.54
C ASN A 107 23.38 -28.16 -3.73
N ASN A 108 22.90 -28.16 -4.98
CA ASN A 108 21.63 -28.81 -5.36
C ASN A 108 20.38 -28.23 -4.69
N SER A 109 20.47 -26.99 -4.21
CA SER A 109 19.35 -26.35 -3.52
C SER A 109 19.20 -24.90 -3.99
N GLY A 110 17.96 -24.48 -4.19
CA GLY A 110 17.64 -23.12 -4.65
C GLY A 110 16.57 -23.13 -5.72
N TRP A 111 16.71 -22.24 -6.70
CA TRP A 111 15.79 -22.20 -7.84
C TRP A 111 16.55 -21.88 -9.12
N SER A 112 15.93 -22.19 -10.26
CA SER A 112 16.57 -21.98 -11.56
C SER A 112 15.52 -21.75 -12.65
N ILE A 113 15.79 -20.78 -13.52
CA ILE A 113 14.95 -20.53 -14.69
C ILE A 113 15.70 -20.94 -15.94
N GLY A 114 15.02 -21.68 -16.82
CA GLY A 114 15.60 -22.12 -18.08
C GLY A 114 14.59 -22.14 -19.22
N ILE A 115 15.09 -22.35 -20.43
CA ILE A 115 14.24 -22.44 -21.62
C ILE A 115 14.60 -23.65 -22.47
N ILE A 116 13.58 -24.32 -22.99
CA ILE A 116 13.76 -25.47 -23.87
C ILE A 116 12.52 -25.60 -24.76
N SER A 117 12.75 -25.86 -26.04
CA SER A 117 11.68 -25.87 -27.05
C SER A 117 10.89 -24.55 -26.92
N ASN A 118 9.58 -24.63 -26.75
CA ASN A 118 8.75 -23.44 -26.55
C ASN A 118 8.38 -23.22 -25.08
N PHE A 119 9.14 -23.84 -24.18
CA PHE A 119 8.86 -23.77 -22.74
C PHE A 119 9.83 -22.85 -22.01
N LEU A 120 9.30 -22.04 -21.10
CA LEU A 120 10.12 -21.36 -20.10
C LEU A 120 9.83 -22.05 -18.76
N VAL A 121 10.83 -22.72 -18.21
CA VAL A 121 10.67 -23.56 -17.03
C VAL A 121 11.30 -22.92 -15.80
N PHE A 122 10.52 -22.83 -14.72
CA PHE A 122 11.02 -22.44 -13.41
C PHE A 122 11.12 -23.69 -12.55
N THR A 123 12.34 -24.03 -12.13
CA THR A 123 12.57 -25.20 -11.30
C THR A 123 12.91 -24.77 -9.87
N LEU A 124 12.28 -25.41 -8.89
CA LEU A 124 12.52 -25.12 -7.48
C LEU A 124 13.14 -26.35 -6.82
N LYS A 125 14.41 -26.24 -6.43
CA LYS A 125 15.19 -27.35 -5.87
C LYS A 125 15.32 -27.26 -4.35
N GLN A 126 14.98 -28.36 -3.67
CA GLN A 126 15.27 -28.49 -2.23
C GLN A 126 16.60 -29.20 -2.04
N ASN A 127 16.80 -30.30 -2.77
CA ASN A 127 18.03 -31.09 -2.67
C ASN A 127 18.21 -31.97 -3.90
N GLU A 128 19.20 -32.87 -3.86
CA GLU A 128 19.46 -33.84 -4.94
C GLU A 128 18.19 -34.58 -5.40
N ASN A 129 17.40 -35.05 -4.43
CA ASN A 129 16.28 -35.94 -4.71
C ASN A 129 14.92 -35.25 -4.84
N SER A 130 14.83 -33.99 -4.45
CA SER A 130 13.55 -33.29 -4.38
C SER A 130 13.54 -31.99 -5.19
N GLU A 131 12.68 -31.94 -6.21
CA GLU A 131 12.48 -30.71 -6.98
C GLU A 131 11.10 -30.71 -7.65
N GLN A 132 10.52 -29.52 -7.77
CA GLN A 132 9.28 -29.31 -8.52
C GLN A 132 9.47 -28.17 -9.50
N ASP A 133 8.92 -28.31 -10.70
CA ASP A 133 8.99 -27.24 -11.69
C ASP A 133 7.62 -26.86 -12.23
N ILE A 134 7.57 -25.70 -12.85
CA ILE A 134 6.35 -25.15 -13.44
C ILE A 134 6.79 -24.36 -14.68
N ASN A 135 5.92 -24.28 -15.68
CA ASN A 135 6.32 -23.69 -16.95
C ASN A 135 5.24 -22.89 -17.65
N PHE A 136 5.69 -22.09 -18.61
CA PHE A 136 4.82 -21.44 -19.59
C PHE A 136 5.27 -21.88 -20.97
N SER A 137 4.34 -22.42 -21.75
CA SER A 137 4.60 -22.81 -23.13
C SER A 137 3.83 -21.90 -24.06
N TYR A 138 4.54 -21.13 -24.88
CA TYR A 138 3.88 -20.20 -25.80
C TYR A 138 3.17 -20.95 -26.93
N ASP A 139 2.16 -20.30 -27.49
CA ASP A 139 1.37 -20.87 -28.58
C ASP A 139 2.18 -20.85 -29.88
N ILE A 140 2.55 -22.03 -30.37
CA ILE A 140 3.42 -22.14 -31.55
C ILE A 140 2.71 -21.67 -32.82
N SER A 141 1.41 -21.98 -32.94
CA SER A 141 0.63 -21.58 -34.11
C SER A 141 0.48 -20.06 -34.23
N LYS A 142 0.42 -19.37 -33.10
CA LYS A 142 0.31 -17.90 -33.08
C LYS A 142 1.67 -17.20 -33.17
N ASN A 143 2.75 -17.97 -33.07
CA ASN A 143 4.10 -17.42 -33.17
C ASN A 143 4.99 -18.31 -34.04
N ALA A 144 4.60 -18.43 -35.32
CA ALA A 144 5.31 -19.29 -36.27
C ALA A 144 6.73 -18.82 -36.56
N ALA A 145 6.98 -17.52 -36.41
CA ALA A 145 8.32 -16.95 -36.61
C ALA A 145 9.11 -16.89 -35.30
N GLY A 146 8.68 -17.64 -34.28
CA GLY A 146 9.33 -17.63 -32.97
C GLY A 146 8.71 -16.61 -32.04
N TYR A 147 8.73 -16.91 -30.74
CA TYR A 147 8.22 -16.01 -29.72
C TYR A 147 9.31 -14.98 -29.38
N ASN A 148 9.43 -13.96 -30.23
CA ASN A 148 10.54 -13.01 -30.14
C ASN A 148 10.13 -11.66 -29.54
N LYS A 149 9.07 -11.66 -28.72
CA LYS A 149 8.52 -10.42 -28.18
C LYS A 149 8.76 -10.30 -26.68
N TRP A 150 8.85 -9.06 -26.19
CA TRP A 150 8.96 -8.79 -24.76
C TRP A 150 7.76 -9.37 -24.02
N PHE A 151 8.02 -10.09 -22.93
CA PHE A 151 6.95 -10.54 -22.03
C PHE A 151 7.35 -10.42 -20.56
N PHE A 152 6.36 -10.19 -19.71
CA PHE A 152 6.59 -9.99 -18.29
C PHE A 152 6.31 -11.27 -17.51
N VAL A 153 7.36 -11.85 -16.94
CA VAL A 153 7.24 -13.03 -16.11
C VAL A 153 6.99 -12.62 -14.67
N THR A 154 6.07 -13.31 -14.00
CA THR A 154 5.93 -13.21 -12.55
C THR A 154 5.72 -14.61 -11.97
N ILE A 155 6.60 -15.01 -11.05
CA ILE A 155 6.55 -16.33 -10.45
C ILE A 155 6.38 -16.15 -8.94
N THR A 156 5.30 -16.73 -8.39
CA THR A 156 5.04 -16.68 -6.96
C THR A 156 5.06 -18.09 -6.39
N THR A 157 5.60 -18.24 -5.19
CA THR A 157 5.72 -19.55 -4.53
C THR A 157 5.37 -19.47 -3.06
N ASN A 158 4.51 -20.38 -2.62
CA ASN A 158 4.20 -20.58 -1.20
C ASN A 158 4.50 -22.03 -0.84
N MET A 159 5.36 -22.24 0.16
CA MET A 159 5.78 -23.60 0.52
C MET A 159 4.65 -24.40 1.18
N MET A 160 3.74 -23.70 1.86
CA MET A 160 2.53 -24.31 2.42
C MET A 160 1.31 -24.12 1.52
N GLY A 161 1.56 -23.68 0.28
CA GLY A 161 0.49 -23.42 -0.68
C GLY A 161 0.86 -23.85 -2.08
N ASN A 162 0.63 -22.96 -3.04
CA ASN A 162 0.84 -23.27 -4.46
C ASN A 162 2.06 -22.58 -5.05
N MET A 163 2.57 -23.16 -6.13
CA MET A 163 3.62 -22.57 -6.95
C MET A 163 2.92 -22.09 -8.23
N MET A 164 2.96 -20.79 -8.48
CA MET A 164 2.22 -20.19 -9.59
C MET A 164 3.13 -19.39 -10.53
N ILE A 165 2.74 -19.37 -11.80
CA ILE A 165 3.48 -18.60 -12.82
C ILE A 165 2.51 -17.73 -13.62
N TYR A 166 2.90 -16.47 -13.82
CA TYR A 166 2.12 -15.52 -14.61
C TYR A 166 2.93 -15.02 -15.80
N ILE A 167 2.24 -14.74 -16.89
CA ILE A 167 2.84 -14.13 -18.07
C ILE A 167 1.98 -12.92 -18.46
N ASN A 168 2.60 -11.75 -18.54
CA ASN A 168 1.89 -10.51 -18.83
C ASN A 168 0.68 -10.27 -17.92
N GLY A 169 0.87 -10.55 -16.63
CA GLY A 169 -0.17 -10.35 -15.63
C GLY A 169 -1.26 -11.42 -15.59
N LYS A 170 -1.15 -12.43 -16.44
CA LYS A 170 -2.17 -13.47 -16.57
C LYS A 170 -1.65 -14.80 -16.01
N LEU A 171 -2.46 -15.44 -15.18
CA LEU A 171 -2.11 -16.73 -14.58
C LEU A 171 -2.09 -17.83 -15.64
N ILE A 172 -0.96 -18.52 -15.76
CA ILE A 172 -0.78 -19.58 -16.76
C ILE A 172 -0.94 -20.97 -16.16
N ASP A 173 -0.34 -21.20 -14.99
CA ASP A 173 -0.40 -22.51 -14.36
C ASP A 173 -0.27 -22.40 -12.84
N THR A 174 -0.86 -23.37 -12.14
CA THR A 174 -0.80 -23.45 -10.68
C THR A 174 -0.53 -24.89 -10.27
N ILE A 175 0.55 -25.11 -9.53
CA ILE A 175 0.92 -26.44 -9.04
C ILE A 175 1.07 -26.38 -7.52
N LYS A 176 0.54 -27.40 -6.84
CA LYS A 176 0.58 -27.47 -5.39
C LYS A 176 1.95 -27.98 -4.93
N VAL A 177 2.52 -27.34 -3.91
CA VAL A 177 3.82 -27.73 -3.38
C VAL A 177 3.64 -28.93 -2.45
N LYS A 178 3.96 -30.12 -2.95
CA LYS A 178 3.78 -31.36 -2.19
C LYS A 178 5.12 -32.01 -1.82
N GLU A 179 5.96 -32.21 -2.81
CA GLU A 179 7.25 -32.88 -2.63
C GLU A 179 8.25 -32.05 -1.81
N LEU A 180 8.12 -30.72 -1.85
CA LEU A 180 9.07 -29.82 -1.19
C LEU A 180 8.58 -29.35 0.18
N THR A 181 9.46 -29.41 1.18
CA THR A 181 9.15 -28.98 2.54
C THR A 181 9.67 -27.57 2.82
N GLY A 182 10.88 -27.30 2.35
CA GLY A 182 11.50 -25.98 2.51
C GLY A 182 12.62 -25.80 1.50
N ILE A 183 13.15 -24.58 1.41
CA ILE A 183 14.24 -24.28 0.49
C ILE A 183 15.30 -23.42 1.17
N ASN A 184 16.52 -23.95 1.26
CA ASN A 184 17.67 -23.15 1.63
C ASN A 184 18.19 -22.44 0.39
N PHE A 185 17.89 -21.14 0.29
CA PHE A 185 18.19 -20.38 -0.92
C PHE A 185 19.68 -20.09 -1.07
N SER A 186 20.13 -20.02 -2.32
CA SER A 186 21.47 -19.55 -2.64
C SER A 186 21.48 -18.04 -2.55
N LYS A 187 22.58 -17.48 -2.06
CA LYS A 187 22.76 -16.03 -2.01
C LYS A 187 23.27 -15.45 -3.34
N THR A 188 23.52 -16.34 -4.32
CA THR A 188 24.02 -15.93 -5.63
C THR A 188 22.99 -16.20 -6.72
N ILE A 189 22.83 -15.22 -7.62
CA ILE A 189 22.00 -15.38 -8.82
C ILE A 189 22.87 -15.07 -10.04
N THR A 190 22.97 -16.02 -10.95
CA THR A 190 23.83 -15.87 -12.13
C THR A 190 22.99 -15.80 -13.40
N PHE A 191 23.01 -14.63 -14.06
CA PHE A 191 22.38 -14.45 -15.36
C PHE A 191 23.40 -14.81 -16.44
N GLN A 192 23.20 -15.95 -17.10
CA GLN A 192 24.10 -16.41 -18.16
C GLN A 192 23.41 -17.50 -18.97
N MET A 193 23.58 -17.42 -20.30
CA MET A 193 22.95 -18.39 -21.19
C MET A 193 23.88 -19.59 -21.38
N ASN A 194 23.54 -20.71 -20.73
CA ASN A 194 24.36 -21.91 -20.74
C ASN A 194 23.60 -23.10 -21.32
N LYS A 195 24.17 -23.68 -22.37
CA LYS A 195 23.55 -24.81 -23.08
C LYS A 195 23.60 -26.06 -22.21
N ILE A 196 22.47 -26.75 -22.08
CA ILE A 196 22.38 -27.99 -21.33
C ILE A 196 22.91 -29.15 -22.20
N PRO A 197 23.71 -30.05 -21.62
CA PRO A 197 24.14 -31.25 -22.35
C PRO A 197 22.96 -32.09 -22.85
N ASN A 198 22.91 -32.30 -24.17
CA ASN A 198 21.78 -32.99 -24.79
C ASN A 198 21.81 -34.50 -24.55
N ASP A 207 21.50 -19.92 -35.33
CA ASP A 207 21.53 -20.90 -34.24
C ASP A 207 21.78 -20.23 -32.88
N ASN A 208 22.63 -19.20 -32.87
CA ASN A 208 22.92 -18.43 -31.66
C ASN A 208 21.74 -17.54 -31.28
N ILE A 209 21.48 -17.42 -29.98
CA ILE A 209 20.34 -16.64 -29.48
C ILE A 209 20.77 -15.52 -28.54
N ASN A 210 19.95 -14.47 -28.48
CA ASN A 210 20.16 -13.35 -27.57
C ASN A 210 19.02 -13.24 -26.56
N MET A 211 19.31 -12.60 -25.43
CA MET A 211 18.35 -12.45 -24.35
C MET A 211 18.45 -11.05 -23.75
N TRP A 212 17.31 -10.36 -23.67
CA TRP A 212 17.23 -9.05 -23.03
C TRP A 212 16.43 -9.16 -21.73
N ILE A 213 16.94 -8.51 -20.68
CA ILE A 213 16.27 -8.50 -19.37
C ILE A 213 16.24 -7.07 -18.82
N ARG A 214 15.16 -6.72 -18.13
CA ARG A 214 15.10 -5.45 -17.39
C ARG A 214 14.16 -5.53 -16.19
N ASP A 215 14.52 -4.83 -15.12
CA ASP A 215 13.74 -4.78 -13.88
C ASP A 215 13.47 -6.17 -13.29
N PHE A 216 14.56 -6.85 -12.91
CA PHE A 216 14.46 -8.13 -12.24
C PHE A 216 14.26 -7.90 -10.74
N TYR A 217 13.03 -8.11 -10.27
CA TYR A 217 12.69 -7.91 -8.87
C TYR A 217 12.46 -9.24 -8.15
N ILE A 218 12.79 -9.27 -6.86
CA ILE A 218 12.41 -10.37 -5.99
C ILE A 218 11.70 -9.79 -4.76
N PHE A 219 10.56 -10.38 -4.41
CA PHE A 219 9.77 -9.95 -3.27
C PHE A 219 9.77 -11.02 -2.19
N ALA A 220 9.71 -10.61 -0.94
CA ALA A 220 9.71 -11.52 0.20
C ALA A 220 8.28 -11.87 0.65
N LYS A 221 7.37 -11.98 -0.30
CA LYS A 221 6.00 -12.41 -0.02
C LYS A 221 5.35 -12.95 -1.29
N GLU A 222 4.14 -13.50 -1.13
CA GLU A 222 3.36 -14.02 -2.25
C GLU A 222 2.48 -12.90 -2.79
N LEU A 223 2.76 -12.47 -4.02
CA LEU A 223 1.95 -11.45 -4.68
C LEU A 223 0.68 -12.07 -5.24
N ASP A 224 -0.46 -11.41 -5.03
CA ASP A 224 -1.73 -11.86 -5.59
C ASP A 224 -1.97 -11.21 -6.96
N ASP A 225 -3.02 -11.64 -7.65
CA ASP A 225 -3.33 -11.15 -9.00
C ASP A 225 -3.40 -9.62 -9.07
N LYS A 226 -4.05 -9.02 -8.07
CA LYS A 226 -4.17 -7.56 -7.98
C LYS A 226 -2.81 -6.87 -8.01
N ASP A 227 -1.89 -7.34 -7.19
CA ASP A 227 -0.55 -6.74 -7.09
C ASP A 227 0.28 -6.99 -8.35
N ILE A 228 0.11 -8.16 -8.96
CA ILE A 228 0.88 -8.53 -10.15
C ILE A 228 0.47 -7.68 -11.35
N ASN A 229 -0.83 -7.40 -11.49
CA ASN A 229 -1.32 -6.55 -12.57
C ASN A 229 -0.94 -5.08 -12.40
N ILE A 230 -0.93 -4.60 -11.16
CA ILE A 230 -0.45 -3.26 -10.85
C ILE A 230 1.03 -3.13 -11.21
N LEU A 231 1.82 -4.09 -10.74
CA LEU A 231 3.25 -4.16 -11.04
C LEU A 231 3.50 -4.21 -12.55
N PHE A 232 2.71 -5.02 -13.25
CA PHE A 232 2.82 -5.19 -14.70
C PHE A 232 2.61 -3.86 -15.43
N ASN A 233 1.56 -3.14 -15.05
CA ASN A 233 1.22 -1.86 -15.70
C ASN A 233 2.13 -0.71 -15.26
N SER A 234 2.57 -0.71 -14.01
CA SER A 234 3.44 0.35 -13.48
C SER A 234 4.82 0.37 -14.15
N LEU A 235 5.27 -0.79 -14.62
CA LEU A 235 6.57 -0.89 -15.31
C LEU A 235 6.49 -0.58 -16.81
N GLN A 236 5.33 -0.14 -17.29
CA GLN A 236 5.13 0.18 -18.70
C GLN A 236 4.68 1.61 -18.90
N TYR A 237 4.95 2.14 -20.09
CA TYR A 237 4.33 3.37 -20.57
C TYR A 237 3.24 2.95 -21.55
N THR A 238 2.03 2.75 -21.03
CA THR A 238 0.93 2.20 -21.83
C THR A 238 0.47 3.13 -22.95
N ASN A 239 0.68 4.44 -22.77
CA ASN A 239 0.34 5.42 -23.81
C ASN A 239 1.26 5.33 -25.03
N VAL A 240 2.49 4.86 -24.82
CA VAL A 240 3.43 4.64 -25.92
C VAL A 240 3.06 3.35 -26.66
N VAL A 241 2.72 3.49 -27.94
CA VAL A 241 2.37 2.33 -28.76
C VAL A 241 3.62 1.49 -29.00
N LYS A 242 3.44 0.17 -29.00
CA LYS A 242 4.55 -0.77 -29.14
C LYS A 242 4.54 -1.45 -30.51
N ASP A 243 5.72 -1.85 -30.97
CA ASP A 243 5.83 -2.65 -32.19
C ASP A 243 5.51 -4.11 -31.87
N TYR A 244 5.58 -4.98 -32.88
CA TYR A 244 5.20 -6.38 -32.72
C TYR A 244 6.03 -7.14 -31.68
N TRP A 245 7.27 -6.70 -31.45
CA TRP A 245 8.14 -7.35 -30.46
C TRP A 245 8.09 -6.69 -29.08
N GLY A 246 7.26 -5.66 -28.93
CA GLY A 246 7.10 -4.98 -27.64
C GLY A 246 8.00 -3.78 -27.42
N ASN A 247 8.86 -3.47 -28.39
CA ASN A 247 9.66 -2.24 -28.33
C ASN A 247 8.79 -1.02 -28.64
N ASP A 248 9.30 0.16 -28.31
CA ASP A 248 8.57 1.40 -28.55
C ASP A 248 8.42 1.64 -30.04
N LEU A 249 7.19 1.85 -30.50
CA LEU A 249 6.91 2.17 -31.90
C LEU A 249 7.44 3.57 -32.21
N ARG A 250 8.09 3.71 -33.36
CA ARG A 250 8.78 4.94 -33.72
C ARG A 250 8.29 5.50 -35.04
N TYR A 251 8.36 6.83 -35.17
CA TYR A 251 8.17 7.48 -36.46
C TYR A 251 9.45 7.34 -37.27
N ASP A 252 9.34 7.57 -38.58
CA ASP A 252 10.50 7.60 -39.48
C ASP A 252 11.27 6.28 -39.51
N LYS A 253 10.55 5.17 -39.43
CA LYS A 253 11.15 3.84 -39.40
C LYS A 253 10.30 2.83 -40.18
N GLU A 254 10.96 1.98 -40.97
CA GLU A 254 10.26 1.01 -41.80
C GLU A 254 9.68 -0.13 -40.97
N TYR A 255 8.37 -0.35 -41.12
CA TYR A 255 7.70 -1.47 -40.49
C TYR A 255 6.89 -2.25 -41.53
N TYR A 256 6.65 -3.52 -41.24
CA TYR A 256 5.67 -4.30 -41.99
C TYR A 256 4.35 -4.19 -41.24
N MET A 257 3.36 -3.57 -41.89
CA MET A 257 2.04 -3.41 -41.31
C MET A 257 1.22 -4.67 -41.56
N ILE A 258 0.77 -5.31 -40.48
CA ILE A 258 0.04 -6.57 -40.57
C ILE A 258 -1.21 -6.50 -39.70
N ASN A 259 -2.29 -7.15 -40.16
CA ASN A 259 -3.52 -7.26 -39.38
C ASN A 259 -3.48 -8.53 -38.52
N VAL A 260 -3.95 -8.40 -37.28
CA VAL A 260 -3.95 -9.51 -36.31
C VAL A 260 -4.68 -10.75 -36.84
N ASN A 261 -5.79 -10.54 -37.54
CA ASN A 261 -6.55 -11.65 -38.11
C ASN A 261 -5.92 -12.28 -39.35
N TYR A 262 -4.91 -11.63 -39.94
CA TYR A 262 -4.30 -12.09 -41.18
C TYR A 262 -2.76 -12.03 -41.10
N MET A 263 -2.19 -12.81 -40.19
CA MET A 263 -0.74 -12.78 -39.95
C MET A 263 0.06 -13.39 -41.10
N ASN A 264 -0.56 -14.27 -41.89
CA ASN A 264 0.08 -14.86 -43.07
C ASN A 264 -0.16 -14.06 -44.35
N ARG A 265 -0.49 -12.77 -44.20
CA ARG A 265 -0.66 -11.89 -45.35
C ARG A 265 0.36 -10.74 -45.28
N TYR A 266 0.89 -10.36 -46.44
CA TYR A 266 1.77 -9.20 -46.55
C TYR A 266 1.12 -8.12 -47.40
N MET A 267 1.72 -6.94 -47.39
CA MET A 267 1.16 -5.78 -48.07
C MET A 267 1.69 -5.67 -49.50
N SER A 268 0.77 -5.52 -50.44
CA SER A 268 1.11 -5.35 -51.86
C SER A 268 0.30 -4.21 -52.45
N LYS A 269 0.44 -3.98 -53.76
CA LYS A 269 -0.23 -2.90 -54.44
C LYS A 269 -0.71 -3.32 -55.82
N LYS A 270 -1.89 -2.84 -56.20
CA LYS A 270 -2.41 -2.99 -57.55
C LYS A 270 -3.26 -1.77 -57.87
N GLY A 271 -2.82 -0.98 -58.84
CA GLY A 271 -3.47 0.29 -59.15
C GLY A 271 -3.39 1.23 -57.98
N ASN A 272 -4.50 1.89 -57.66
CA ASN A 272 -4.59 2.75 -56.48
C ASN A 272 -4.63 1.97 -55.17
N GLY A 273 -5.07 0.71 -55.23
CA GLY A 273 -5.40 -0.05 -54.03
C GLY A 273 -4.25 -0.80 -53.38
N ILE A 274 -4.26 -0.81 -52.05
CA ILE A 274 -3.42 -1.71 -51.27
C ILE A 274 -4.16 -3.05 -51.20
N VAL A 275 -3.45 -4.13 -51.48
CA VAL A 275 -4.02 -5.48 -51.44
C VAL A 275 -3.13 -6.39 -50.60
N PHE A 276 -3.75 -7.33 -49.92
CA PHE A 276 -3.03 -8.27 -49.06
C PHE A 276 -2.90 -9.64 -49.73
N ASN A 277 -1.66 -10.11 -49.85
CA ASN A 277 -1.35 -11.40 -50.45
C ASN A 277 -0.78 -12.37 -49.43
N THR A 278 -0.95 -13.66 -49.68
CA THR A 278 -0.45 -14.70 -48.78
C THR A 278 1.07 -14.79 -48.84
N ARG A 279 1.72 -14.73 -47.68
CA ARG A 279 3.18 -14.77 -47.61
C ARG A 279 3.73 -16.17 -47.89
N LYS A 280 5.00 -16.23 -48.27
CA LYS A 280 5.62 -17.47 -48.73
C LYS A 280 5.84 -18.47 -47.59
N ASN A 281 6.34 -17.97 -46.47
CA ASN A 281 6.56 -18.81 -45.27
C ASN A 281 6.65 -17.98 -44.00
N ASN A 282 6.81 -18.65 -42.86
CA ASN A 282 6.90 -18.00 -41.55
C ASN A 282 8.32 -17.91 -41.00
N ASN A 283 9.33 -18.06 -41.85
CA ASN A 283 10.72 -17.87 -41.42
C ASN A 283 10.88 -16.50 -40.77
N ASP A 284 10.33 -15.48 -41.42
CA ASP A 284 10.31 -14.12 -40.90
C ASP A 284 9.14 -13.37 -41.52
N PHE A 285 9.04 -12.07 -41.25
CA PHE A 285 7.99 -11.23 -41.85
C PHE A 285 8.52 -10.39 -43.02
N ASN A 286 9.75 -10.64 -43.43
CA ASN A 286 10.40 -9.84 -44.47
C ASN A 286 9.91 -10.18 -45.87
N GLU A 287 8.75 -9.65 -46.22
CA GLU A 287 8.15 -9.84 -47.53
C GLU A 287 7.11 -8.74 -47.78
N GLY A 288 7.03 -8.27 -49.02
CA GLY A 288 6.07 -7.23 -49.40
C GLY A 288 6.61 -5.82 -49.15
N TYR A 289 5.71 -4.84 -49.26
CA TYR A 289 6.09 -3.44 -49.09
C TYR A 289 6.03 -3.02 -47.62
N LYS A 290 6.90 -2.08 -47.25
CA LYS A 290 7.01 -1.61 -45.88
C LYS A 290 6.40 -0.22 -45.78
N ILE A 291 5.90 0.10 -44.59
CA ILE A 291 5.37 1.45 -44.32
C ILE A 291 6.31 2.23 -43.42
N ILE A 292 6.18 3.56 -43.47
CA ILE A 292 6.88 4.45 -42.56
C ILE A 292 5.83 5.37 -41.94
N ILE A 293 5.82 5.46 -40.62
CA ILE A 293 4.83 6.25 -39.89
C ILE A 293 5.36 7.68 -39.76
N LYS A 294 4.50 8.65 -40.02
CA LYS A 294 4.87 10.08 -40.01
C LYS A 294 3.95 10.87 -39.09
N ARG A 295 4.55 11.73 -38.27
CA ARG A 295 3.80 12.49 -37.25
C ARG A 295 3.16 13.75 -37.83
N ILE A 296 1.94 14.04 -37.38
CA ILE A 296 1.27 15.30 -37.70
C ILE A 296 1.02 16.10 -36.42
N ARG A 297 0.33 15.50 -35.47
CA ARG A 297 0.07 16.13 -34.16
C ARG A 297 0.47 15.23 -33.00
N GLY A 298 0.78 15.86 -31.87
CA GLY A 298 1.12 15.15 -30.64
C GLY A 298 1.58 16.12 -29.56
N ASN A 299 1.47 15.70 -28.30
CA ASN A 299 1.91 16.53 -27.19
C ASN A 299 3.42 16.49 -26.97
N THR A 300 4.04 15.37 -27.31
CA THR A 300 5.50 15.22 -27.23
C THR A 300 6.07 15.00 -28.63
N ASN A 301 7.34 15.32 -28.81
CA ASN A 301 8.03 15.13 -30.09
C ASN A 301 9.39 14.49 -29.87
N ASP A 302 9.40 13.19 -29.58
CA ASP A 302 10.62 12.45 -29.28
C ASP A 302 10.78 11.19 -30.13
N THR A 303 10.15 11.18 -31.30
CA THR A 303 10.21 10.05 -32.25
C THR A 303 9.27 8.88 -31.91
N ARG A 304 8.83 8.79 -30.65
CA ARG A 304 7.95 7.69 -30.23
C ARG A 304 6.49 7.96 -30.56
N VAL A 305 5.78 6.92 -30.98
CA VAL A 305 4.35 7.02 -31.31
C VAL A 305 3.52 6.77 -30.06
N ARG A 306 2.61 7.71 -29.77
CA ARG A 306 1.76 7.63 -28.58
C ARG A 306 0.28 7.69 -28.93
N GLY A 307 -0.55 7.20 -28.00
CA GLY A 307 -1.99 7.24 -28.16
C GLY A 307 -2.50 8.66 -28.35
N GLU A 308 -3.47 8.81 -29.25
CA GLU A 308 -4.07 10.11 -29.61
C GLU A 308 -3.19 10.98 -30.53
N ASN A 309 -2.05 10.44 -30.99
CA ASN A 309 -1.26 11.12 -32.02
C ASN A 309 -1.99 11.05 -33.36
N VAL A 310 -1.97 12.16 -34.09
CA VAL A 310 -2.46 12.16 -35.47
C VAL A 310 -1.27 11.87 -36.37
N LEU A 311 -1.43 10.95 -37.31
CA LEU A 311 -0.32 10.50 -38.15
C LEU A 311 -0.78 10.05 -39.53
N TYR A 312 0.19 9.81 -40.41
CA TYR A 312 -0.08 9.21 -41.72
C TYR A 312 1.02 8.21 -42.06
N PHE A 313 0.82 7.46 -43.13
CA PHE A 313 1.72 6.38 -43.52
C PHE A 313 2.28 6.59 -44.91
N ASN A 314 3.61 6.54 -45.04
CA ASN A 314 4.28 6.52 -46.34
C ASN A 314 4.72 5.10 -46.67
N THR A 315 4.78 4.79 -47.96
CA THR A 315 5.28 3.49 -48.41
C THR A 315 6.02 3.65 -49.74
N THR A 316 7.21 3.07 -49.82
CA THR A 316 8.03 3.11 -51.03
C THR A 316 7.72 1.90 -51.90
N ILE A 317 7.37 2.15 -53.16
CA ILE A 317 7.05 1.09 -54.11
C ILE A 317 7.67 1.44 -55.48
N ASP A 318 8.59 0.61 -55.94
CA ASP A 318 9.28 0.80 -57.22
C ASP A 318 9.94 2.18 -57.32
N ASN A 319 10.72 2.52 -56.29
CA ASN A 319 11.44 3.80 -56.23
C ASN A 319 10.53 5.04 -56.27
N LYS A 320 9.31 4.89 -55.78
CA LYS A 320 8.37 5.99 -55.65
C LYS A 320 7.64 5.86 -54.33
N GLN A 321 7.50 6.97 -53.60
CA GLN A 321 6.76 6.96 -52.33
C GLN A 321 5.31 7.35 -52.55
N TYR A 322 4.42 6.58 -51.93
CA TYR A 322 3.00 6.88 -51.91
C TYR A 322 2.60 7.08 -50.45
N SER A 323 1.45 7.70 -50.24
CA SER A 323 0.86 7.80 -48.92
C SER A 323 -0.44 7.02 -48.92
N LEU A 324 -0.76 6.39 -47.78
CA LEU A 324 -2.02 5.69 -47.64
C LEU A 324 -3.16 6.70 -47.56
N GLY A 325 -4.19 6.50 -48.37
CA GLY A 325 -5.33 7.42 -48.41
C GLY A 325 -6.54 6.78 -49.06
N MET A 326 -7.71 7.39 -48.85
CA MET A 326 -8.96 6.87 -49.37
C MET A 326 -9.06 7.09 -50.88
N TYR A 327 -9.76 6.19 -51.56
CA TYR A 327 -10.03 6.31 -52.99
C TYR A 327 -11.39 5.72 -53.34
N LYS A 328 -11.97 6.17 -54.44
CA LYS A 328 -13.26 5.65 -54.88
C LYS A 328 -13.05 4.30 -55.60
N PRO A 329 -13.71 3.24 -55.12
CA PRO A 329 -13.58 1.94 -55.77
C PRO A 329 -14.42 1.84 -57.04
N SER A 330 -14.08 0.92 -57.93
CA SER A 330 -14.77 0.76 -59.21
C SER A 330 -16.28 0.54 -59.03
N ARG A 331 -16.65 -0.16 -57.96
CA ARG A 331 -18.04 -0.22 -57.51
C ARG A 331 -18.09 -0.23 -55.98
N ASN A 332 -19.26 0.08 -55.42
CA ASN A 332 -19.41 0.19 -53.97
C ASN A 332 -19.17 -1.17 -53.27
N LEU A 333 -18.53 -1.10 -52.11
CA LEU A 333 -18.15 -2.29 -51.36
C LEU A 333 -19.16 -2.62 -50.25
N GLY A 334 -20.01 -1.65 -49.91
CA GLY A 334 -20.97 -1.79 -48.82
C GLY A 334 -21.22 -0.46 -48.14
N THR A 335 -22.23 -0.43 -47.27
CA THR A 335 -22.62 0.80 -46.58
C THR A 335 -21.49 1.31 -45.67
N ASP A 336 -21.21 2.61 -45.77
CA ASP A 336 -20.21 3.29 -44.95
C ASP A 336 -18.81 2.69 -45.02
N LEU A 337 -18.44 2.10 -46.16
CA LEU A 337 -17.11 1.54 -46.36
C LEU A 337 -16.33 2.34 -47.40
N VAL A 338 -15.08 2.66 -47.08
CA VAL A 338 -14.18 3.34 -48.02
C VAL A 338 -12.84 2.62 -47.99
N PRO A 339 -12.33 2.20 -49.17
CA PRO A 339 -11.08 1.45 -49.21
C PRO A 339 -9.86 2.35 -49.03
N LEU A 340 -8.80 1.79 -48.45
CA LEU A 340 -7.56 2.52 -48.22
C LEU A 340 -6.53 2.08 -49.27
N GLY A 341 -6.04 3.04 -50.06
CA GLY A 341 -5.10 2.76 -51.14
C GLY A 341 -3.77 3.46 -50.97
N ALA A 342 -2.86 3.24 -51.91
CA ALA A 342 -1.57 3.93 -51.95
C ALA A 342 -1.63 5.00 -53.04
N LEU A 343 -1.47 6.26 -52.64
CA LEU A 343 -1.64 7.39 -53.55
C LEU A 343 -0.46 8.35 -53.48
N ASP A 344 -0.10 8.92 -54.62
CA ASP A 344 0.95 9.94 -54.70
C ASP A 344 0.29 11.32 -54.67
N GLN A 345 0.11 11.86 -53.47
CA GLN A 345 -0.60 13.13 -53.31
C GLN A 345 0.06 14.05 -52.29
N PRO A 346 -0.22 15.37 -52.37
CA PRO A 346 0.42 16.32 -51.46
C PRO A 346 -0.19 16.32 -50.05
N MET A 347 0.38 17.12 -49.17
CA MET A 347 0.05 17.09 -47.74
C MET A 347 -1.40 17.48 -47.44
N ASP A 348 -1.92 18.48 -48.15
CA ASP A 348 -3.32 18.89 -47.98
C ASP A 348 -4.30 17.74 -48.17
N GLU A 349 -4.02 16.88 -49.15
CA GLU A 349 -4.85 15.70 -49.40
C GLU A 349 -4.65 14.61 -48.34
N ILE A 350 -3.44 14.52 -47.81
CA ILE A 350 -3.13 13.57 -46.73
C ILE A 350 -3.86 13.96 -45.44
N ARG A 351 -3.92 15.26 -45.17
CA ARG A 351 -4.62 15.77 -43.99
C ARG A 351 -6.13 15.53 -44.08
N LYS A 352 -6.68 15.63 -45.29
CA LYS A 352 -8.11 15.44 -45.50
C LYS A 352 -8.53 13.97 -45.54
N TYR A 353 -7.79 13.14 -46.28
CA TYR A 353 -8.25 11.79 -46.61
C TYR A 353 -7.27 10.65 -46.29
N GLY A 354 -6.18 10.94 -45.59
CA GLY A 354 -5.18 9.93 -45.25
C GLY A 354 -4.57 10.02 -43.87
N SER A 355 -5.17 10.80 -42.98
CA SER A 355 -4.66 10.96 -41.61
C SER A 355 -5.40 10.05 -40.65
N PHE A 356 -4.67 9.52 -39.68
CA PHE A 356 -5.22 8.58 -38.70
C PHE A 356 -4.84 8.93 -37.27
N ILE A 357 -5.77 8.68 -36.35
CA ILE A 357 -5.53 8.82 -34.91
C ILE A 357 -5.21 7.44 -34.35
N ILE A 358 -4.01 7.26 -33.81
CA ILE A 358 -3.59 5.95 -33.32
C ILE A 358 -3.95 5.77 -31.84
N GLN A 359 -4.17 4.52 -31.46
CA GLN A 359 -4.59 4.16 -30.13
C GLN A 359 -4.00 2.79 -29.80
N PRO A 360 -3.23 2.68 -28.69
CA PRO A 360 -2.64 1.38 -28.40
C PRO A 360 -3.70 0.33 -28.06
N CYS A 361 -3.42 -0.92 -28.43
CA CYS A 361 -4.34 -2.02 -28.20
C CYS A 361 -3.55 -3.29 -27.94
N ASN A 362 -3.12 -3.48 -26.69
CA ASN A 362 -2.32 -4.63 -26.31
C ASN A 362 -3.17 -5.71 -25.66
N THR A 363 -2.89 -6.96 -26.05
CA THR A 363 -3.52 -8.13 -25.45
C THR A 363 -2.43 -9.09 -25.02
N PHE A 364 -2.81 -10.20 -24.40
CA PHE A 364 -1.85 -11.23 -24.00
C PHE A 364 -1.05 -11.74 -25.21
N ASP A 365 -1.74 -11.96 -26.33
CA ASP A 365 -1.11 -12.52 -27.53
C ASP A 365 -0.19 -11.54 -28.25
N TYR A 366 -0.57 -10.27 -28.34
CA TYR A 366 0.15 -9.33 -29.19
C TYR A 366 0.16 -7.89 -28.69
N TYR A 367 1.17 -7.15 -29.12
CA TYR A 367 1.19 -5.70 -29.02
C TYR A 367 0.65 -5.16 -30.33
N ALA A 368 -0.49 -4.46 -30.28
CA ALA A 368 -1.13 -3.94 -31.49
C ALA A 368 -1.66 -2.53 -31.28
N SER A 369 -2.42 -2.04 -32.25
CA SER A 369 -3.00 -0.70 -32.18
C SER A 369 -4.29 -0.61 -32.99
N GLN A 370 -5.08 0.43 -32.71
CA GLN A 370 -6.26 0.74 -33.51
C GLN A 370 -6.08 2.10 -34.16
N LEU A 371 -6.51 2.21 -35.42
CA LEU A 371 -6.34 3.42 -36.21
C LEU A 371 -7.71 3.97 -36.63
N PHE A 372 -7.98 5.22 -36.25
CA PHE A 372 -9.25 5.87 -36.56
C PHE A 372 -9.04 6.98 -37.58
N LEU A 373 -9.94 7.06 -38.55
CA LEU A 373 -9.88 8.11 -39.57
C LEU A 373 -10.04 9.49 -38.95
N SER A 374 -9.09 10.38 -39.25
CA SER A 374 -9.06 11.72 -38.70
C SER A 374 -9.83 12.69 -39.59
N SER A 375 -10.48 13.67 -38.97
CA SER A 375 -11.10 14.78 -39.69
C SER A 375 -10.12 15.94 -39.76
N ASN A 376 -9.63 16.23 -40.97
CA ASN A 376 -8.68 17.32 -41.21
C ASN A 376 -7.46 17.31 -40.27
N ALA A 377 -6.90 16.12 -40.05
CA ALA A 377 -5.72 15.94 -39.21
C ALA A 377 -5.92 16.41 -37.76
N THR A 378 -7.16 16.32 -37.27
CA THR A 378 -7.47 16.65 -35.88
C THR A 378 -7.74 15.36 -35.11
N THR A 379 -8.02 15.49 -33.82
CA THR A 379 -8.33 14.33 -32.96
C THR A 379 -9.79 13.86 -33.10
N ASN A 380 -10.58 14.55 -33.91
CA ASN A 380 -11.96 14.13 -34.19
C ASN A 380 -11.98 12.92 -35.12
N ARG A 381 -12.76 11.91 -34.73
CA ARG A 381 -12.78 10.62 -35.44
C ARG A 381 -14.00 10.49 -36.36
N LEU A 382 -13.76 10.02 -37.59
CA LEU A 382 -14.83 9.79 -38.56
C LEU A 382 -15.07 8.31 -38.88
N GLY A 383 -14.16 7.43 -38.46
CA GLY A 383 -14.26 6.01 -38.77
C GLY A 383 -13.14 5.20 -38.15
N ILE A 384 -13.11 3.90 -38.47
CA ILE A 384 -12.07 3.00 -37.98
C ILE A 384 -11.52 2.12 -39.10
N LEU A 385 -10.21 1.87 -39.06
CA LEU A 385 -9.53 1.08 -40.09
C LEU A 385 -9.66 -0.42 -39.81
N SER A 386 -10.42 -1.12 -40.64
CA SER A 386 -10.55 -2.56 -40.56
C SER A 386 -9.96 -3.20 -41.81
N ILE A 387 -10.25 -4.49 -42.00
CA ILE A 387 -9.77 -5.25 -43.15
C ILE A 387 -10.91 -6.15 -43.65
N GLY A 388 -10.89 -6.48 -44.93
CA GLY A 388 -11.91 -7.34 -45.51
C GLY A 388 -11.71 -7.63 -46.98
N SER A 389 -12.39 -8.67 -47.47
CA SER A 389 -12.32 -9.07 -48.87
C SER A 389 -13.55 -8.57 -49.62
N TYR A 390 -13.31 -7.88 -50.74
CA TYR A 390 -14.40 -7.30 -51.54
C TYR A 390 -14.14 -7.47 -53.04
N SER A 391 -15.22 -7.65 -53.80
CA SER A 391 -15.13 -7.93 -55.23
C SER A 391 -15.28 -6.66 -56.07
N PHE A 392 -14.17 -6.21 -56.66
CA PHE A 392 -14.17 -5.02 -57.53
C PHE A 392 -12.92 -5.01 -58.44
N LYS A 393 -12.70 -3.92 -59.16
CA LYS A 393 -11.63 -3.83 -60.17
C LYS A 393 -10.51 -2.88 -59.76
N LEU A 394 -9.27 -3.39 -59.77
CA LEU A 394 -8.08 -2.59 -59.49
C LEU A 394 -7.08 -2.70 -60.63
N GLY A 395 -6.28 -1.66 -60.82
CA GLY A 395 -5.22 -1.67 -61.83
C GLY A 395 -5.72 -1.99 -63.22
N ASP A 396 -5.12 -3.00 -63.85
CA ASP A 396 -5.48 -3.37 -65.23
C ASP A 396 -6.64 -4.38 -65.33
N ASP A 397 -7.40 -4.54 -64.24
CA ASP A 397 -8.66 -5.29 -64.30
C ASP A 397 -9.61 -4.59 -65.26
N TYR A 398 -10.39 -5.37 -65.99
CA TYR A 398 -11.30 -4.80 -66.99
C TYR A 398 -12.58 -5.63 -67.14
N TRP A 399 -12.43 -6.89 -67.54
CA TRP A 399 -13.59 -7.72 -67.87
C TRP A 399 -14.39 -8.19 -66.66
N PHE A 400 -13.69 -8.64 -65.62
CA PHE A 400 -14.34 -9.18 -64.42
C PHE A 400 -13.94 -8.45 -63.15
N ASN A 401 -14.81 -8.55 -62.13
CA ASN A 401 -14.48 -8.12 -60.77
C ASN A 401 -13.68 -9.21 -60.07
N HIS A 402 -12.78 -8.82 -59.18
CA HIS A 402 -11.93 -9.77 -58.46
C HIS A 402 -12.00 -9.51 -56.96
N GLU A 403 -12.04 -10.59 -56.18
CA GLU A 403 -11.98 -10.49 -54.72
C GLU A 403 -10.59 -10.02 -54.30
N TYR A 404 -10.53 -8.92 -53.56
CA TYR A 404 -9.28 -8.39 -53.04
C TYR A 404 -9.39 -8.21 -51.52
N LEU A 405 -8.44 -8.78 -50.80
CA LEU A 405 -8.31 -8.53 -49.36
C LEU A 405 -7.65 -7.16 -49.20
N ILE A 406 -8.44 -6.19 -48.74
CA ILE A 406 -7.98 -4.81 -48.67
C ILE A 406 -8.15 -4.22 -47.27
N PRO A 407 -7.34 -3.19 -46.94
CA PRO A 407 -7.64 -2.41 -45.75
C PRO A 407 -8.80 -1.47 -46.08
N VAL A 408 -9.77 -1.39 -45.17
CA VAL A 408 -10.99 -0.64 -45.44
C VAL A 408 -11.43 0.14 -44.20
N ILE A 409 -11.94 1.35 -44.42
CA ILE A 409 -12.37 2.21 -43.33
C ILE A 409 -13.89 2.18 -43.23
N LYS A 410 -14.38 1.80 -42.06
CA LYS A 410 -15.82 1.87 -41.76
C LYS A 410 -16.09 3.23 -41.11
N ILE A 411 -16.81 4.09 -41.82
CA ILE A 411 -17.08 5.46 -41.34
C ILE A 411 -18.42 5.57 -40.60
N GLU A 412 -18.54 6.61 -39.79
CA GLU A 412 -19.79 7.01 -39.13
C GLU A 412 -20.30 6.01 -38.08
N HIS A 413 -20.71 4.83 -38.54
CA HIS A 413 -21.29 3.81 -37.67
C HIS A 413 -20.36 2.60 -37.56
N TYR A 414 -19.68 2.47 -36.42
CA TYR A 414 -18.65 1.42 -36.25
C TYR A 414 -18.41 0.98 -34.80
N ALA A 415 -19.45 1.02 -33.96
CA ALA A 415 -19.31 0.64 -32.55
C ALA A 415 -19.05 -0.87 -32.38
N SER A 416 -19.64 -1.68 -33.26
CA SER A 416 -19.43 -3.13 -33.22
C SER A 416 -18.03 -3.55 -33.67
N LEU A 417 -17.39 -2.73 -34.50
CA LEU A 417 -16.01 -2.99 -34.93
C LEU A 417 -14.96 -2.57 -33.90
N LEU A 418 -15.35 -1.77 -32.91
CA LEU A 418 -14.42 -1.35 -31.84
C LEU A 418 -13.85 -2.55 -31.08
N GLU A 419 -14.68 -3.57 -30.89
CA GLU A 419 -14.29 -4.76 -30.12
C GLU A 419 -13.73 -5.88 -31.00
N SER A 420 -13.78 -5.70 -32.33
CA SER A 420 -13.32 -6.71 -33.27
C SER A 420 -11.80 -6.67 -33.45
N THR A 421 -11.18 -7.85 -33.50
CA THR A 421 -9.74 -7.97 -33.70
C THR A 421 -9.31 -7.66 -35.15
N SER A 422 -10.28 -7.52 -36.05
CA SER A 422 -10.02 -7.10 -37.43
C SER A 422 -9.58 -5.64 -37.54
N THR A 423 -9.68 -4.90 -36.43
CA THR A 423 -9.21 -3.52 -36.35
C THR A 423 -7.86 -3.42 -35.61
N HIS A 424 -7.29 -4.55 -35.23
CA HIS A 424 -6.01 -4.57 -34.50
C HIS A 424 -4.86 -4.73 -35.48
N TRP A 425 -4.01 -3.70 -35.55
CA TRP A 425 -2.88 -3.65 -36.47
C TRP A 425 -1.57 -3.71 -35.71
N VAL A 426 -0.66 -4.57 -36.16
CA VAL A 426 0.69 -4.65 -35.59
C VAL A 426 1.73 -4.12 -36.58
N PHE A 427 2.91 -3.80 -36.07
CA PHE A 427 4.00 -3.30 -36.87
C PHE A 427 5.29 -4.09 -36.56
N VAL A 428 5.76 -4.85 -37.55
CA VAL A 428 7.00 -5.62 -37.40
C VAL A 428 8.15 -4.83 -38.00
N PRO A 429 9.20 -4.54 -37.21
CA PRO A 429 10.30 -3.75 -37.77
C PRO A 429 11.07 -4.51 -38.85
N ALA A 430 11.41 -3.82 -39.93
CA ALA A 430 12.13 -4.42 -41.05
C ALA A 430 13.57 -4.73 -40.66
N SER A 431 14.29 -3.70 -40.21
CA SER A 431 15.68 -3.83 -39.76
C SER A 431 16.55 -4.60 -40.75
N SER B 10 -14.96 -12.62 4.51
CA SER B 10 -13.91 -12.94 5.52
C SER B 10 -14.49 -13.09 6.92
N ILE B 11 -13.78 -13.83 7.77
CA ILE B 11 -14.17 -14.00 9.17
C ILE B 11 -13.78 -12.78 10.02
N ASN B 12 -12.85 -11.98 9.53
CA ASN B 12 -12.41 -10.77 10.22
C ASN B 12 -13.49 -9.69 10.31
N ASP B 13 -14.46 -9.73 9.40
CA ASP B 13 -15.57 -8.78 9.40
C ASP B 13 -16.44 -8.92 10.66
N SER B 14 -16.53 -10.14 11.18
CA SER B 14 -17.33 -10.42 12.37
C SER B 14 -16.57 -10.18 13.69
N LYS B 15 -15.31 -9.78 13.59
CA LYS B 15 -14.47 -9.60 14.78
C LYS B 15 -14.85 -8.33 15.55
N ILE B 16 -15.43 -8.53 16.75
CA ILE B 16 -15.88 -7.41 17.59
C ILE B 16 -14.92 -7.08 18.73
N LEU B 17 -13.91 -7.92 18.94
CA LEU B 17 -12.86 -7.65 19.91
C LEU B 17 -11.54 -8.25 19.43
N SER B 18 -10.44 -7.55 19.69
CA SER B 18 -9.11 -8.01 19.29
C SER B 18 -8.07 -7.47 20.26
N LEU B 19 -7.93 -8.13 21.41
CA LEU B 19 -7.00 -7.71 22.45
C LEU B 19 -5.58 -8.08 22.05
N GLN B 20 -4.75 -7.06 21.79
CA GLN B 20 -3.38 -7.27 21.31
C GLN B 20 -2.40 -6.27 21.92
N ASN B 21 -1.19 -6.73 22.18
CA ASN B 21 -0.10 -5.87 22.64
C ASN B 21 0.48 -5.09 21.46
N LYS B 22 0.20 -3.80 21.41
CA LYS B 22 0.65 -2.94 20.31
C LYS B 22 1.45 -1.77 20.89
N LYS B 23 2.71 -1.65 20.47
CA LYS B 23 3.61 -0.59 20.94
C LYS B 23 3.75 -0.62 22.47
N ASN B 24 3.92 -1.82 23.02
CA ASN B 24 3.98 -2.03 24.47
C ASN B 24 2.73 -1.53 25.20
N THR B 25 1.57 -1.73 24.59
CA THR B 25 0.29 -1.32 25.17
C THR B 25 -0.81 -2.27 24.71
N LEU B 26 -1.58 -2.79 25.67
CA LEU B 26 -2.75 -3.61 25.35
C LEU B 26 -3.89 -2.72 24.86
N MET B 27 -4.52 -3.12 23.76
CA MET B 27 -5.60 -2.34 23.17
C MET B 27 -6.47 -3.19 22.24
N ASP B 28 -7.67 -2.68 21.95
CA ASP B 28 -8.59 -3.33 21.02
C ASP B 28 -8.30 -2.86 19.61
N THR B 29 -7.82 -3.78 18.77
CA THR B 29 -7.48 -3.47 17.38
C THR B 29 -8.59 -3.84 16.40
N SER B 30 -9.76 -4.23 16.91
CA SER B 30 -10.89 -4.62 16.09
C SER B 30 -11.54 -3.43 15.37
N GLY B 31 -11.38 -2.23 15.93
CA GLY B 31 -11.99 -1.03 15.38
C GLY B 31 -13.13 -0.49 16.24
N TYR B 32 -13.62 -1.32 17.16
CA TYR B 32 -14.71 -0.93 18.06
C TYR B 32 -14.21 -0.21 19.32
N ASN B 33 -12.89 -0.05 19.43
CA ASN B 33 -12.28 0.80 20.46
C ASN B 33 -12.75 0.53 21.88
N ALA B 34 -12.62 -0.72 22.32
CA ALA B 34 -12.93 -1.09 23.69
C ALA B 34 -11.85 -0.57 24.63
N GLU B 35 -12.26 -0.11 25.81
CA GLU B 35 -11.33 0.39 26.82
C GLU B 35 -10.54 -0.78 27.43
N VAL B 36 -9.24 -0.59 27.61
CA VAL B 36 -8.36 -1.61 28.17
C VAL B 36 -7.51 -1.03 29.29
N ARG B 37 -7.92 -1.30 30.54
CA ARG B 37 -7.20 -0.81 31.72
C ARG B 37 -6.38 -1.94 32.35
N VAL B 38 -5.09 -1.69 32.55
CA VAL B 38 -4.17 -2.67 33.13
C VAL B 38 -3.83 -2.28 34.57
N GLU B 39 -3.78 -3.29 35.44
CA GLU B 39 -3.46 -3.07 36.86
C GLU B 39 -2.59 -4.20 37.41
N GLY B 40 -1.76 -3.88 38.39
CA GLY B 40 -0.89 -4.87 39.03
C GLY B 40 0.27 -5.32 38.15
N ASN B 41 0.83 -6.48 38.48
CA ASN B 41 1.96 -7.04 37.74
C ASN B 41 1.53 -7.73 36.45
N VAL B 42 1.61 -7.00 35.34
CA VAL B 42 1.29 -7.53 34.02
C VAL B 42 2.48 -7.29 33.08
N GLN B 43 3.19 -8.36 32.74
CA GLN B 43 4.37 -8.28 31.88
C GLN B 43 3.99 -8.49 30.42
N LEU B 44 4.32 -7.53 29.57
CA LEU B 44 4.02 -7.59 28.14
C LEU B 44 5.26 -8.02 27.36
N ASN B 45 5.08 -8.91 26.41
CA ASN B 45 6.19 -9.41 25.59
C ASN B 45 6.47 -8.45 24.42
N PRO B 46 7.72 -7.94 24.33
CA PRO B 46 8.05 -7.03 23.22
C PRO B 46 8.25 -7.72 21.87
N ILE B 47 8.38 -9.05 21.86
CA ILE B 47 8.52 -9.82 20.63
C ILE B 47 7.38 -10.83 20.48
N PHE B 48 7.32 -11.47 19.32
CA PHE B 48 6.32 -12.50 19.04
C PHE B 48 6.38 -13.60 20.10
N PRO B 49 5.21 -14.10 20.56
CA PRO B 49 3.84 -13.83 20.13
C PRO B 49 3.16 -12.59 20.73
N PHE B 50 3.95 -11.66 21.28
CA PHE B 50 3.42 -10.42 21.87
C PHE B 50 2.37 -10.70 22.95
N ASP B 51 2.65 -11.70 23.77
CA ASP B 51 1.73 -12.14 24.82
C ASP B 51 1.74 -11.22 26.04
N PHE B 52 0.83 -11.48 26.97
CA PHE B 52 0.83 -10.82 28.28
C PHE B 52 0.74 -11.85 29.40
N LYS B 53 1.51 -11.62 30.47
CA LYS B 53 1.70 -12.60 31.54
C LYS B 53 1.00 -12.16 32.83
N LEU B 54 0.27 -13.08 33.45
CA LEU B 54 -0.42 -12.84 34.71
C LEU B 54 0.01 -13.85 35.77
N GLY B 55 0.02 -13.42 37.03
CA GLY B 55 0.36 -14.28 38.16
C GLY B 55 -0.85 -14.56 39.05
N SER B 56 -0.67 -15.41 40.04
CA SER B 56 -1.73 -15.78 40.98
C SER B 56 -1.39 -15.55 42.45
N SER B 57 -0.24 -14.93 42.72
CA SER B 57 0.23 -14.71 44.09
C SER B 57 0.36 -13.21 44.40
N GLY B 58 0.02 -12.85 45.63
CA GLY B 58 0.12 -11.46 46.08
C GLY B 58 -1.05 -10.61 45.66
N ASP B 59 -1.24 -9.48 46.35
CA ASP B 59 -2.30 -8.52 46.01
C ASP B 59 -1.96 -7.72 44.75
N ASP B 60 -0.67 -7.64 44.43
CA ASP B 60 -0.20 -6.90 43.26
C ASP B 60 -0.11 -7.80 42.00
N ARG B 61 -0.95 -8.82 41.93
CA ARG B 61 -1.01 -9.70 40.76
C ARG B 61 -1.71 -8.98 39.60
N GLY B 62 -1.45 -9.45 38.38
CA GLY B 62 -1.96 -8.81 37.18
C GLY B 62 -3.47 -8.77 37.07
N LYS B 63 -3.99 -7.75 36.41
CA LYS B 63 -5.44 -7.60 36.20
C LYS B 63 -5.70 -6.72 34.98
N VAL B 64 -6.36 -7.27 33.97
CA VAL B 64 -6.71 -6.54 32.76
C VAL B 64 -8.23 -6.42 32.66
N ILE B 65 -8.72 -5.18 32.69
CA ILE B 65 -10.15 -4.89 32.55
C ILE B 65 -10.44 -4.46 31.12
N VAL B 66 -11.26 -5.24 30.41
CA VAL B 66 -11.61 -4.94 29.03
C VAL B 66 -13.10 -4.56 28.94
N THR B 67 -13.37 -3.26 29.01
CA THR B 67 -14.74 -2.75 28.92
C THR B 67 -15.10 -2.45 27.47
N GLN B 68 -15.96 -3.30 26.90
CA GLN B 68 -16.41 -3.15 25.52
C GLN B 68 -17.50 -2.09 25.41
N ASN B 69 -17.73 -1.60 24.20
CA ASN B 69 -18.87 -0.74 23.92
C ASN B 69 -20.14 -1.60 24.03
N GLU B 70 -21.14 -1.08 24.73
CA GLU B 70 -22.34 -1.86 25.06
C GLU B 70 -23.23 -2.20 23.85
N ASN B 71 -23.04 -1.50 22.73
CA ASN B 71 -23.84 -1.74 21.53
C ASN B 71 -23.61 -3.12 20.90
N ILE B 72 -22.36 -3.52 20.71
CA ILE B 72 -22.09 -4.83 20.12
C ILE B 72 -22.22 -5.97 21.08
N VAL B 73 -22.39 -5.65 22.34
CA VAL B 73 -22.72 -6.67 23.34
C VAL B 73 -24.18 -7.08 23.19
N TYR B 74 -25.06 -6.08 23.02
CA TYR B 74 -26.47 -6.33 22.71
C TYR B 74 -26.65 -7.02 21.36
N ASN B 75 -25.74 -6.73 20.43
CA ASN B 75 -25.85 -7.19 19.04
C ASN B 75 -25.41 -8.63 18.84
N ALA B 76 -24.21 -8.97 19.30
CA ALA B 76 -23.56 -10.23 18.94
C ALA B 76 -23.71 -11.34 19.98
N MET B 77 -23.61 -10.99 21.25
CA MET B 77 -23.49 -11.99 22.32
C MET B 77 -24.76 -12.81 22.53
N TYR B 78 -25.92 -12.21 22.26
CA TYR B 78 -27.21 -12.87 22.48
C TYR B 78 -27.65 -13.78 21.33
N GLU B 79 -26.87 -13.84 20.25
CA GLU B 79 -27.21 -14.67 19.09
C GLU B 79 -26.18 -15.77 18.87
N SER B 80 -24.97 -15.36 18.47
CA SER B 80 -23.88 -16.29 18.20
C SER B 80 -22.56 -15.54 18.38
N PHE B 81 -21.66 -16.13 19.17
CA PHE B 81 -20.34 -15.55 19.38
C PHE B 81 -19.29 -16.65 19.53
N SER B 82 -18.07 -16.35 19.07
CA SER B 82 -16.96 -17.27 19.18
C SER B 82 -15.78 -16.59 19.85
N ILE B 83 -15.31 -17.18 20.94
CA ILE B 83 -14.14 -16.69 21.67
C ILE B 83 -12.95 -17.58 21.33
N SER B 84 -11.85 -16.98 20.89
CA SER B 84 -10.65 -17.74 20.54
C SER B 84 -9.39 -17.05 21.06
N PHE B 85 -8.43 -17.85 21.53
CA PHE B 85 -7.16 -17.33 22.04
C PHE B 85 -6.10 -18.41 22.21
N TRP B 86 -4.84 -17.99 22.15
CA TRP B 86 -3.71 -18.84 22.52
C TRP B 86 -3.47 -18.68 24.01
N ILE B 87 -3.20 -19.79 24.70
CA ILE B 87 -2.98 -19.77 26.14
C ILE B 87 -1.91 -20.77 26.56
N ARG B 88 -1.09 -20.37 27.53
CA ARG B 88 -0.14 -21.26 28.19
C ARG B 88 -0.29 -21.10 29.70
N ILE B 89 -0.27 -22.23 30.41
CA ILE B 89 -0.34 -22.23 31.87
C ILE B 89 0.83 -23.05 32.41
N ASN B 90 1.52 -22.51 33.41
CA ASN B 90 2.65 -23.19 34.04
C ASN B 90 2.68 -22.85 35.53
N LYS B 91 2.73 -23.84 36.42
CA LYS B 91 2.79 -25.27 36.11
C LYS B 91 1.41 -25.89 36.27
N TRP B 92 0.79 -26.28 35.15
CA TRP B 92 -0.57 -26.81 35.18
C TRP B 92 -0.57 -28.28 35.59
N VAL B 93 -0.49 -28.51 36.90
CA VAL B 93 -0.51 -29.87 37.47
C VAL B 93 -1.92 -30.46 37.44
N SER B 94 -1.99 -31.79 37.56
CA SER B 94 -3.27 -32.51 37.49
C SER B 94 -4.15 -32.32 38.73
N ASN B 95 -3.53 -31.99 39.86
CA ASN B 95 -4.26 -31.72 41.11
C ASN B 95 -4.33 -30.21 41.42
N LEU B 96 -4.39 -29.40 40.38
CA LEU B 96 -4.42 -27.95 40.54
C LEU B 96 -5.74 -27.52 41.17
N PRO B 97 -5.70 -26.57 42.13
CA PRO B 97 -6.94 -26.07 42.70
C PRO B 97 -7.73 -25.20 41.72
N GLY B 98 -8.97 -24.87 42.08
CA GLY B 98 -9.86 -24.10 41.21
C GLY B 98 -9.40 -22.67 41.01
N TYR B 99 -9.39 -22.23 39.75
CA TYR B 99 -9.01 -20.87 39.39
C TYR B 99 -9.94 -20.33 38.30
N THR B 100 -10.50 -19.14 38.53
CA THR B 100 -11.15 -18.39 37.47
C THR B 100 -10.09 -17.50 36.83
N ILE B 101 -9.97 -17.55 35.51
CA ILE B 101 -8.91 -16.82 34.80
C ILE B 101 -9.43 -15.70 33.89
N ILE B 102 -10.55 -15.95 33.20
CA ILE B 102 -11.17 -14.94 32.32
C ILE B 102 -12.64 -14.86 32.66
N ASP B 103 -13.03 -13.80 33.38
CA ASP B 103 -14.39 -13.66 33.89
C ASP B 103 -15.14 -12.55 33.16
N SER B 104 -16.39 -12.82 32.82
CA SER B 104 -17.28 -11.83 32.20
C SER B 104 -18.69 -11.93 32.81
N VAL B 105 -18.75 -11.86 34.14
CA VAL B 105 -19.99 -11.96 34.89
C VAL B 105 -20.21 -10.65 35.66
N LYS B 106 -21.39 -10.05 35.51
CA LYS B 106 -21.71 -8.77 36.15
C LYS B 106 -22.56 -8.99 37.40
N ASN B 107 -23.72 -9.62 37.24
CA ASN B 107 -24.64 -9.90 38.34
C ASN B 107 -25.09 -11.36 38.29
N ASN B 108 -24.13 -12.26 38.49
CA ASN B 108 -24.36 -13.71 38.40
C ASN B 108 -24.96 -14.15 37.05
N SER B 109 -24.62 -13.41 35.99
CA SER B 109 -25.09 -13.72 34.64
C SER B 109 -24.02 -13.36 33.62
N GLY B 110 -23.83 -14.22 32.63
CA GLY B 110 -22.82 -14.02 31.59
C GLY B 110 -22.06 -15.31 31.30
N TRP B 111 -20.76 -15.18 31.03
CA TRP B 111 -19.89 -16.33 30.82
C TRP B 111 -18.58 -16.18 31.58
N SER B 112 -17.91 -17.31 31.80
CA SER B 112 -16.64 -17.32 32.52
C SER B 112 -15.76 -18.49 32.08
N ILE B 113 -14.46 -18.27 32.02
CA ILE B 113 -13.49 -19.33 31.75
C ILE B 113 -12.64 -19.56 32.99
N GLY B 114 -12.52 -20.82 33.40
CA GLY B 114 -11.73 -21.18 34.57
C GLY B 114 -10.97 -22.48 34.35
N ILE B 115 -10.11 -22.81 35.31
CA ILE B 115 -9.34 -24.05 35.27
C ILE B 115 -9.37 -24.73 36.64
N ILE B 116 -9.39 -26.05 36.64
CA ILE B 116 -9.41 -26.84 37.87
C ILE B 116 -8.91 -28.24 37.58
N SER B 117 -8.05 -28.76 38.45
CA SER B 117 -7.37 -30.03 38.23
C SER B 117 -6.74 -30.03 36.82
N ASN B 118 -7.13 -30.95 35.95
CA ASN B 118 -6.64 -30.97 34.57
C ASN B 118 -7.70 -30.48 33.57
N PHE B 119 -8.73 -29.80 34.07
CA PHE B 119 -9.83 -29.31 33.24
C PHE B 119 -9.69 -27.82 32.95
N LEU B 120 -10.03 -27.42 31.73
CA LEU B 120 -10.27 -26.01 31.41
C LEU B 120 -11.74 -25.87 31.07
N VAL B 121 -12.48 -25.15 31.91
CA VAL B 121 -13.94 -25.10 31.83
C VAL B 121 -14.43 -23.74 31.32
N PHE B 122 -15.40 -23.78 30.41
CA PHE B 122 -16.13 -22.59 29.98
C PHE B 122 -17.55 -22.67 30.54
N THR B 123 -17.90 -21.72 31.40
CA THR B 123 -19.22 -21.68 32.03
C THR B 123 -20.08 -20.62 31.38
N LEU B 124 -21.36 -20.96 31.18
CA LEU B 124 -22.35 -20.04 30.63
C LEU B 124 -23.44 -19.82 31.69
N LYS B 125 -23.20 -18.86 32.58
CA LYS B 125 -24.02 -18.69 33.78
C LYS B 125 -25.31 -17.91 33.50
N GLN B 126 -26.45 -18.52 33.82
CA GLN B 126 -27.75 -17.87 33.66
C GLN B 126 -28.04 -16.98 34.86
N ASN B 127 -28.09 -17.59 36.05
CA ASN B 127 -28.36 -16.87 37.30
C ASN B 127 -27.54 -17.48 38.43
N GLU B 128 -27.91 -17.20 39.69
CA GLU B 128 -27.19 -17.71 40.85
C GLU B 128 -27.19 -19.25 40.91
N ASN B 129 -28.38 -19.83 40.82
CA ASN B 129 -28.54 -21.29 41.01
C ASN B 129 -28.74 -22.06 39.69
N SER B 130 -28.10 -21.61 38.62
CA SER B 130 -28.24 -22.27 37.31
C SER B 130 -27.12 -21.86 36.35
N GLU B 131 -26.49 -22.87 35.73
CA GLU B 131 -25.45 -22.64 34.73
C GLU B 131 -25.17 -23.91 33.92
N GLN B 132 -24.81 -23.72 32.66
CA GLN B 132 -24.27 -24.80 31.83
C GLN B 132 -22.76 -24.61 31.71
N ASP B 133 -22.03 -25.71 31.56
CA ASP B 133 -20.58 -25.64 31.38
C ASP B 133 -20.05 -26.71 30.42
N ILE B 134 -18.87 -26.44 29.88
CA ILE B 134 -18.24 -27.31 28.88
C ILE B 134 -16.74 -27.22 29.09
N ASN B 135 -16.02 -28.33 28.89
CA ASN B 135 -14.62 -28.39 29.26
C ASN B 135 -13.70 -29.20 28.35
N PHE B 136 -12.40 -28.97 28.53
CA PHE B 136 -11.35 -29.78 27.93
C PHE B 136 -10.47 -30.31 29.06
N SER B 137 -10.25 -31.62 29.08
CA SER B 137 -9.35 -32.25 30.05
C SER B 137 -8.16 -32.84 29.32
N TYR B 138 -6.95 -32.46 29.72
CA TYR B 138 -5.75 -32.93 29.04
C TYR B 138 -5.35 -34.33 29.52
N ASP B 139 -4.66 -35.07 28.65
CA ASP B 139 -4.22 -36.42 28.97
C ASP B 139 -3.10 -36.37 30.01
N ILE B 140 -3.40 -36.86 31.22
CA ILE B 140 -2.46 -36.78 32.35
C ILE B 140 -1.23 -37.65 32.11
N SER B 141 -1.43 -38.85 31.56
CA SER B 141 -0.34 -39.78 31.31
C SER B 141 0.67 -39.25 30.29
N LYS B 142 0.21 -38.42 29.36
CA LYS B 142 1.08 -37.84 28.33
C LYS B 142 1.71 -36.51 28.76
N ASN B 143 1.30 -35.98 29.91
CA ASN B 143 1.82 -34.72 30.44
C ASN B 143 2.05 -34.81 31.94
N ALA B 144 2.95 -35.72 32.33
CA ALA B 144 3.21 -36.00 33.75
C ALA B 144 3.89 -34.83 34.47
N ALA B 145 4.62 -33.99 33.73
CA ALA B 145 5.26 -32.80 34.29
C ALA B 145 4.36 -31.57 34.19
N GLY B 146 3.06 -31.78 34.00
CA GLY B 146 2.10 -30.70 33.84
C GLY B 146 1.89 -30.35 32.37
N TYR B 147 0.69 -29.87 32.05
CA TYR B 147 0.38 -29.42 30.69
C TYR B 147 0.85 -27.97 30.56
N ASN B 148 2.15 -27.80 30.31
CA ASN B 148 2.79 -26.49 30.35
C ASN B 148 3.10 -25.90 28.97
N LYS B 149 2.31 -26.28 27.97
CA LYS B 149 2.56 -25.83 26.60
C LYS B 149 1.46 -24.91 26.10
N TRP B 150 1.81 -24.08 25.11
CA TRP B 150 0.84 -23.25 24.41
C TRP B 150 -0.20 -24.13 23.73
N PHE B 151 -1.47 -23.74 23.84
CA PHE B 151 -2.55 -24.38 23.09
C PHE B 151 -3.61 -23.36 22.70
N PHE B 152 -4.21 -23.57 21.52
CA PHE B 152 -5.18 -22.62 20.98
C PHE B 152 -6.61 -23.02 21.34
N VAL B 153 -7.24 -22.20 22.18
CA VAL B 153 -8.63 -22.39 22.57
C VAL B 153 -9.56 -21.71 21.57
N THR B 154 -10.66 -22.37 21.24
CA THR B 154 -11.72 -21.75 20.46
C THR B 154 -13.08 -22.23 20.99
N ILE B 155 -13.83 -21.30 21.55
CA ILE B 155 -15.15 -21.59 22.10
C ILE B 155 -16.20 -20.93 21.22
N THR B 156 -17.14 -21.72 20.71
CA THR B 156 -18.26 -21.19 19.94
C THR B 156 -19.57 -21.47 20.67
N THR B 157 -20.46 -20.48 20.67
CA THR B 157 -21.75 -20.58 21.36
C THR B 157 -22.88 -20.09 20.45
N ASN B 158 -23.93 -20.88 20.35
CA ASN B 158 -25.16 -20.50 19.66
C ASN B 158 -26.33 -20.62 20.63
N MET B 159 -27.00 -19.50 20.90
CA MET B 159 -28.05 -19.45 21.92
C MET B 159 -29.31 -20.24 21.51
N MET B 160 -29.49 -20.42 20.20
CA MET B 160 -30.52 -21.32 19.67
C MET B 160 -29.87 -22.54 19.02
N GLY B 161 -28.76 -22.99 19.60
CA GLY B 161 -28.00 -24.11 19.06
C GLY B 161 -27.09 -24.74 20.10
N ASN B 162 -25.88 -25.13 19.67
CA ASN B 162 -24.95 -25.85 20.53
C ASN B 162 -23.87 -24.98 21.15
N MET B 163 -23.28 -25.50 22.22
CA MET B 163 -22.15 -24.88 22.90
C MET B 163 -20.96 -25.80 22.66
N MET B 164 -19.88 -25.27 22.07
CA MET B 164 -18.76 -26.09 21.64
C MET B 164 -17.41 -25.51 22.04
N ILE B 165 -16.44 -26.40 22.27
CA ILE B 165 -15.06 -26.02 22.59
C ILE B 165 -14.08 -26.82 21.74
N TYR B 166 -13.13 -26.12 21.13
CA TYR B 166 -12.08 -26.74 20.32
C TYR B 166 -10.73 -26.46 20.95
N ILE B 167 -9.79 -27.39 20.77
CA ILE B 167 -8.40 -27.21 21.21
C ILE B 167 -7.49 -27.50 20.03
N ASN B 168 -6.66 -26.52 19.66
CA ASN B 168 -5.78 -26.63 18.49
C ASN B 168 -6.55 -27.05 17.23
N GLY B 169 -7.73 -26.46 17.05
CA GLY B 169 -8.56 -26.72 15.86
C GLY B 169 -9.37 -28.02 15.91
N LYS B 170 -9.20 -28.82 16.95
CA LYS B 170 -9.87 -30.11 17.07
C LYS B 170 -11.05 -30.00 18.03
N LEU B 171 -12.20 -30.52 17.61
CA LEU B 171 -13.42 -30.50 18.44
C LEU B 171 -13.26 -31.44 19.63
N ILE B 172 -13.52 -30.93 20.83
CA ILE B 172 -13.35 -31.70 22.06
C ILE B 172 -14.69 -32.07 22.72
N ASP B 173 -15.59 -31.10 22.80
CA ASP B 173 -16.87 -31.30 23.50
C ASP B 173 -18.00 -30.49 22.85
N THR B 174 -19.22 -31.00 22.97
CA THR B 174 -20.41 -30.36 22.39
C THR B 174 -21.65 -30.61 23.26
N ILE B 175 -22.27 -29.54 23.75
CA ILE B 175 -23.51 -29.64 24.52
C ILE B 175 -24.53 -28.64 23.99
N LYS B 176 -25.79 -29.07 23.94
CA LYS B 176 -26.90 -28.23 23.48
C LYS B 176 -27.16 -27.12 24.51
N VAL B 177 -27.28 -25.88 24.02
CA VAL B 177 -27.64 -24.75 24.87
C VAL B 177 -29.14 -24.83 25.15
N LYS B 178 -29.50 -24.77 26.43
CA LYS B 178 -30.89 -25.04 26.86
C LYS B 178 -31.84 -23.84 26.77
N GLU B 179 -31.49 -22.85 25.95
CA GLU B 179 -32.22 -21.57 25.92
C GLU B 179 -32.49 -21.11 27.36
N LEU B 180 -31.41 -21.00 28.12
CA LEU B 180 -31.48 -20.58 29.52
C LEU B 180 -31.71 -19.08 29.55
N THR B 181 -32.96 -18.70 29.28
CA THR B 181 -33.32 -17.31 29.03
C THR B 181 -33.45 -16.54 30.34
N GLY B 182 -33.27 -15.22 30.25
CA GLY B 182 -33.11 -14.37 31.42
C GLY B 182 -31.64 -14.08 31.65
N ILE B 183 -30.78 -14.69 30.84
CA ILE B 183 -29.34 -14.45 30.89
C ILE B 183 -29.03 -13.07 30.36
N ASN B 184 -28.03 -12.42 30.97
CA ASN B 184 -27.65 -11.06 30.61
C ASN B 184 -26.13 -10.94 30.60
N PHE B 185 -25.57 -10.74 29.41
CA PHE B 185 -24.11 -10.73 29.24
C PHE B 185 -23.50 -9.42 29.72
N SER B 186 -22.22 -9.49 30.12
CA SER B 186 -21.49 -8.34 30.62
C SER B 186 -20.66 -7.68 29.52
N LYS B 187 -20.55 -6.36 29.59
CA LYS B 187 -19.69 -5.59 28.69
C LYS B 187 -18.22 -5.69 29.10
N THR B 188 -17.98 -6.04 30.37
CA THR B 188 -16.63 -6.13 30.92
C THR B 188 -16.12 -7.57 30.88
N ILE B 189 -14.83 -7.71 30.54
CA ILE B 189 -14.13 -9.00 30.63
C ILE B 189 -12.89 -8.79 31.49
N THR B 190 -12.77 -9.58 32.56
CA THR B 190 -11.68 -9.43 33.52
C THR B 190 -10.70 -10.60 33.43
N PHE B 191 -9.48 -10.30 33.00
CA PHE B 191 -8.39 -11.29 33.00
C PHE B 191 -7.66 -11.21 34.33
N GLN B 192 -7.89 -12.19 35.19
CA GLN B 192 -7.25 -12.22 36.51
C GLN B 192 -7.32 -13.63 37.10
N MET B 193 -6.22 -14.08 37.68
CA MET B 193 -6.16 -15.41 38.30
C MET B 193 -6.66 -15.33 39.74
N ASN B 194 -7.90 -15.80 39.95
CA ASN B 194 -8.53 -15.75 41.26
C ASN B 194 -8.85 -17.15 41.77
N LYS B 195 -8.30 -17.49 42.93
CA LYS B 195 -8.46 -18.82 43.52
C LYS B 195 -9.86 -18.99 44.10
N ILE B 196 -10.53 -20.08 43.72
CA ILE B 196 -11.88 -20.37 44.20
C ILE B 196 -11.83 -21.09 45.56
N PRO B 197 -12.60 -20.61 46.55
CA PRO B 197 -12.64 -21.30 47.86
C PRO B 197 -13.19 -22.73 47.77
N ASP B 207 2.33 -21.49 46.43
CA ASP B 207 2.27 -22.33 45.24
C ASP B 207 1.72 -21.55 44.04
N ASN B 208 2.56 -20.67 43.50
CA ASN B 208 2.16 -19.75 42.43
C ASN B 208 2.12 -20.41 41.05
N ILE B 209 1.24 -19.91 40.18
CA ILE B 209 1.18 -20.33 38.78
C ILE B 209 1.08 -19.11 37.87
N ASN B 210 1.65 -19.23 36.67
CA ASN B 210 1.63 -18.17 35.67
C ASN B 210 0.70 -18.49 34.51
N MET B 211 0.30 -17.46 33.78
CA MET B 211 -0.61 -17.61 32.65
C MET B 211 -0.24 -16.62 31.55
N TRP B 212 0.11 -17.14 30.38
CA TRP B 212 0.40 -16.31 29.20
C TRP B 212 -0.77 -16.38 28.22
N ILE B 213 -1.19 -15.24 27.71
CA ILE B 213 -2.29 -15.15 26.73
C ILE B 213 -1.86 -14.26 25.57
N ARG B 214 -2.31 -14.58 24.36
CA ARG B 214 -2.08 -13.72 23.19
C ARG B 214 -3.14 -13.90 22.11
N ASP B 215 -3.46 -12.82 21.42
CA ASP B 215 -4.48 -12.80 20.36
C ASP B 215 -5.83 -13.31 20.85
N PHE B 216 -6.36 -12.65 21.87
CA PHE B 216 -7.69 -12.95 22.39
C PHE B 216 -8.73 -12.26 21.53
N TYR B 217 -9.42 -13.03 20.70
CA TYR B 217 -10.44 -12.50 19.80
C TYR B 217 -11.83 -12.94 20.22
N ILE B 218 -12.82 -12.09 19.96
CA ILE B 218 -14.23 -12.47 20.04
C ILE B 218 -14.89 -12.13 18.71
N PHE B 219 -15.48 -13.14 18.07
CA PHE B 219 -16.17 -12.95 16.80
C PHE B 219 -17.68 -12.91 17.04
N ALA B 220 -18.40 -12.23 16.14
CA ALA B 220 -19.85 -12.09 16.25
C ALA B 220 -20.58 -13.10 15.37
N LYS B 221 -20.10 -14.35 15.38
CA LYS B 221 -20.78 -15.45 14.71
C LYS B 221 -20.29 -16.80 15.23
N GLU B 222 -20.97 -17.85 14.82
CA GLU B 222 -20.59 -19.22 15.16
C GLU B 222 -19.60 -19.73 14.11
N LEU B 223 -18.34 -19.86 14.50
CA LEU B 223 -17.30 -20.33 13.59
C LEU B 223 -17.40 -21.85 13.39
N ASP B 224 -17.48 -22.27 12.13
CA ASP B 224 -17.52 -23.70 11.81
C ASP B 224 -16.11 -24.29 11.84
N ASP B 225 -16.02 -25.61 11.71
CA ASP B 225 -14.75 -26.34 11.78
C ASP B 225 -13.70 -25.83 10.78
N LYS B 226 -14.16 -25.46 9.59
CA LYS B 226 -13.27 -24.97 8.53
C LYS B 226 -12.57 -23.67 8.92
N ASP B 227 -13.34 -22.69 9.39
CA ASP B 227 -12.81 -21.38 9.75
C ASP B 227 -11.87 -21.42 10.96
N ILE B 228 -12.15 -22.31 11.90
CA ILE B 228 -11.34 -22.42 13.12
C ILE B 228 -9.92 -22.88 12.80
N ASN B 229 -9.80 -23.85 11.89
CA ASN B 229 -8.48 -24.34 11.45
C ASN B 229 -7.71 -23.30 10.63
N ILE B 230 -8.43 -22.50 9.84
CA ILE B 230 -7.82 -21.40 9.10
C ILE B 230 -7.32 -20.32 10.06
N LEU B 231 -8.12 -20.04 11.09
CA LEU B 231 -7.72 -19.11 12.14
C LEU B 231 -6.53 -19.65 12.93
N PHE B 232 -6.60 -20.93 13.28
CA PHE B 232 -5.56 -21.62 14.02
C PHE B 232 -4.20 -21.56 13.31
N ASN B 233 -4.19 -21.86 12.02
CA ASN B 233 -2.96 -21.87 11.23
C ASN B 233 -2.44 -20.47 10.90
N SER B 234 -3.34 -19.53 10.65
CA SER B 234 -2.96 -18.16 10.30
C SER B 234 -2.28 -17.42 11.44
N LEU B 235 -2.52 -17.86 12.69
CA LEU B 235 -1.88 -17.27 13.87
C LEU B 235 -0.55 -17.95 14.23
N GLN B 236 -0.05 -18.82 13.34
CA GLN B 236 1.20 -19.54 13.58
C GLN B 236 2.22 -19.30 12.48
N TYR B 237 3.50 -19.40 12.84
CA TYR B 237 4.59 -19.47 11.88
C TYR B 237 5.07 -20.92 11.87
N THR B 238 4.49 -21.72 10.96
CA THR B 238 4.70 -23.17 10.95
C THR B 238 6.12 -23.60 10.56
N ASN B 239 6.86 -22.74 9.86
CA ASN B 239 8.25 -23.04 9.50
C ASN B 239 9.21 -22.86 10.67
N VAL B 240 8.83 -22.02 11.64
CA VAL B 240 9.61 -21.84 12.86
C VAL B 240 9.42 -23.06 13.76
N VAL B 241 10.51 -23.79 13.99
CA VAL B 241 10.46 -24.98 14.84
C VAL B 241 10.21 -24.56 16.28
N LYS B 242 9.39 -25.32 16.99
CA LYS B 242 8.99 -24.97 18.35
C LYS B 242 9.66 -25.88 19.38
N ASP B 243 9.84 -25.36 20.59
CA ASP B 243 10.29 -26.15 21.71
C ASP B 243 9.11 -26.97 22.26
N TYR B 244 9.36 -27.77 23.27
CA TYR B 244 8.32 -28.67 23.83
C TYR B 244 7.10 -27.92 24.34
N TRP B 245 7.30 -26.68 24.83
CA TRP B 245 6.19 -25.89 25.37
C TRP B 245 5.50 -25.01 24.32
N GLY B 246 5.94 -25.08 23.06
CA GLY B 246 5.32 -24.32 21.98
C GLY B 246 5.96 -22.97 21.69
N ASN B 247 6.95 -22.58 22.49
CA ASN B 247 7.72 -21.37 22.22
C ASN B 247 8.67 -21.60 21.06
N ASP B 248 9.12 -20.52 20.43
CA ASP B 248 10.04 -20.61 19.29
C ASP B 248 11.36 -21.23 19.73
N LEU B 249 11.75 -22.31 19.04
CA LEU B 249 13.05 -22.94 19.28
C LEU B 249 14.14 -21.97 18.84
N ARG B 250 15.14 -21.79 19.70
CA ARG B 250 16.19 -20.81 19.46
C ARG B 250 17.55 -21.48 19.38
N TYR B 251 18.45 -20.87 18.62
CA TYR B 251 19.86 -21.23 18.65
C TYR B 251 20.49 -20.65 19.92
N ASP B 252 21.63 -21.20 20.31
CA ASP B 252 22.41 -20.68 21.44
C ASP B 252 21.65 -20.75 22.77
N LYS B 253 20.88 -21.82 22.97
CA LYS B 253 20.11 -22.00 24.21
C LYS B 253 20.13 -23.46 24.67
N GLU B 254 20.24 -23.66 25.98
CA GLU B 254 20.30 -25.00 26.54
C GLU B 254 18.91 -25.66 26.57
N TYR B 255 18.81 -26.81 25.91
CA TYR B 255 17.58 -27.61 25.90
C TYR B 255 17.88 -29.04 26.35
N TYR B 256 16.91 -29.68 26.98
CA TYR B 256 16.95 -31.11 27.20
C TYR B 256 16.37 -31.78 25.95
N MET B 257 17.22 -32.50 25.22
CA MET B 257 16.80 -33.18 24.00
C MET B 257 16.17 -34.52 24.37
N ILE B 258 14.91 -34.71 23.95
CA ILE B 258 14.15 -35.90 24.31
C ILE B 258 13.45 -36.49 23.09
N ASN B 259 13.42 -37.81 23.00
CA ASN B 259 12.66 -38.50 21.95
C ASN B 259 11.22 -38.73 22.42
N VAL B 260 10.28 -38.54 21.50
CA VAL B 260 8.85 -38.66 21.80
C VAL B 260 8.48 -40.02 22.37
N ASN B 261 9.07 -41.08 21.82
CA ASN B 261 8.81 -42.44 22.29
C ASN B 261 9.43 -42.76 23.65
N TYR B 262 10.40 -41.94 24.09
CA TYR B 262 11.13 -42.19 25.33
C TYR B 262 11.18 -40.95 26.23
N MET B 263 10.00 -40.52 26.69
CA MET B 263 9.89 -39.31 27.51
C MET B 263 10.50 -39.48 28.90
N ASN B 264 10.55 -40.72 29.39
CA ASN B 264 11.18 -41.03 30.68
C ASN B 264 12.68 -41.33 30.59
N ARG B 265 13.31 -40.87 29.51
CA ARG B 265 14.76 -40.99 29.36
C ARG B 265 15.41 -39.62 29.27
N TYR B 266 16.60 -39.50 29.86
CA TYR B 266 17.41 -38.30 29.75
C TYR B 266 18.74 -38.65 29.09
N MET B 267 19.45 -37.62 28.63
CA MET B 267 20.67 -37.81 27.86
C MET B 267 21.88 -37.92 28.79
N SER B 268 22.70 -38.93 28.55
CA SER B 268 23.94 -39.13 29.30
C SER B 268 25.07 -39.48 28.32
N LYS B 269 26.25 -39.76 28.86
CA LYS B 269 27.41 -40.07 28.03
C LYS B 269 28.25 -41.19 28.66
N LYS B 270 28.77 -42.07 27.80
CA LYS B 270 29.73 -43.08 28.21
C LYS B 270 30.72 -43.30 27.08
N GLY B 271 31.97 -42.91 27.30
CA GLY B 271 32.98 -42.95 26.24
C GLY B 271 32.63 -41.96 25.14
N ASN B 272 32.72 -42.40 23.89
CA ASN B 272 32.33 -41.57 22.75
C ASN B 272 30.82 -41.44 22.58
N GLY B 273 30.07 -42.41 23.10
CA GLY B 273 28.65 -42.53 22.81
C GLY B 273 27.73 -41.75 23.73
N ILE B 274 26.60 -41.32 23.17
CA ILE B 274 25.50 -40.77 23.95
C ILE B 274 24.59 -41.94 24.31
N VAL B 275 24.21 -42.02 25.58
CA VAL B 275 23.29 -43.07 26.05
C VAL B 275 22.10 -42.44 26.76
N PHE B 276 20.97 -43.12 26.72
CA PHE B 276 19.74 -42.65 27.35
C PHE B 276 19.44 -43.46 28.61
N ASN B 277 19.40 -42.78 29.76
CA ASN B 277 19.09 -43.41 31.03
C ASN B 277 17.69 -43.06 31.49
N THR B 278 17.09 -43.94 32.30
CA THR B 278 15.75 -43.72 32.85
C THR B 278 15.80 -42.62 33.91
N ARG B 279 14.92 -41.63 33.77
CA ARG B 279 14.90 -40.47 34.68
C ARG B 279 14.31 -40.83 36.05
N LYS B 280 14.60 -39.99 37.03
CA LYS B 280 14.24 -40.26 38.43
C LYS B 280 12.73 -40.13 38.68
N ASN B 281 12.14 -39.04 38.17
CA ASN B 281 10.69 -38.80 38.34
C ASN B 281 10.15 -37.85 37.27
N ASN B 282 8.84 -37.57 37.33
CA ASN B 282 8.19 -36.68 36.38
C ASN B 282 7.83 -35.31 36.97
N ASN B 283 8.56 -34.87 37.99
CA ASN B 283 8.36 -33.52 38.53
C ASN B 283 8.68 -32.49 37.46
N ASP B 284 9.87 -32.61 36.89
CA ASP B 284 10.32 -31.77 35.78
C ASP B 284 11.22 -32.59 34.85
N PHE B 285 11.79 -31.95 33.84
CA PHE B 285 12.73 -32.62 32.93
C PHE B 285 14.19 -32.29 33.28
N ASN B 286 14.42 -31.69 34.44
CA ASN B 286 15.76 -31.24 34.81
C ASN B 286 16.66 -32.35 35.32
N GLU B 287 17.18 -33.13 34.39
CA GLU B 287 18.10 -34.23 34.69
C GLU B 287 18.91 -34.57 33.44
N GLY B 288 20.18 -34.89 33.64
CA GLY B 288 21.07 -35.26 32.53
C GLY B 288 21.72 -34.07 31.84
N TYR B 289 22.42 -34.34 30.75
CA TYR B 289 23.13 -33.29 30.02
C TYR B 289 22.23 -32.54 29.05
N LYS B 290 22.59 -31.30 28.76
CA LYS B 290 21.79 -30.42 27.92
C LYS B 290 22.53 -30.18 26.61
N ILE B 291 21.78 -29.95 25.53
CA ILE B 291 22.38 -29.59 24.25
C ILE B 291 22.15 -28.11 23.94
N ILE B 292 23.02 -27.57 23.08
CA ILE B 292 22.85 -26.23 22.53
C ILE B 292 22.87 -26.36 21.02
N ILE B 293 21.88 -25.74 20.37
CA ILE B 293 21.73 -25.83 18.92
C ILE B 293 22.49 -24.67 18.28
N LYS B 294 23.35 -25.00 17.31
CA LYS B 294 24.20 -24.02 16.64
C LYS B 294 23.90 -23.98 15.15
N ARG B 295 23.75 -22.78 14.61
CA ARG B 295 23.37 -22.60 13.21
C ARG B 295 24.58 -22.71 12.28
N ILE B 296 24.40 -23.38 11.15
CA ILE B 296 25.40 -23.42 10.08
C ILE B 296 24.86 -22.72 8.83
N ARG B 297 23.67 -23.14 8.39
CA ARG B 297 23.02 -22.54 7.22
C ARG B 297 21.56 -22.22 7.49
N GLY B 298 21.07 -21.19 6.82
CA GLY B 298 19.67 -20.78 6.90
C GLY B 298 19.43 -19.51 6.10
N ASN B 299 18.17 -19.22 5.83
CA ASN B 299 17.81 -18.01 5.08
C ASN B 299 17.82 -16.81 6.00
N THR B 300 16.90 -16.77 6.95
CA THR B 300 16.86 -15.72 7.97
C THR B 300 17.91 -16.03 9.02
N ASN B 301 18.34 -15.00 9.75
CA ASN B 301 19.24 -15.19 10.88
C ASN B 301 18.85 -14.27 12.03
N ASP B 302 17.84 -14.72 12.80
CA ASP B 302 17.32 -13.94 13.93
C ASP B 302 17.23 -14.80 15.20
N THR B 303 18.14 -15.77 15.32
CA THR B 303 18.23 -16.67 16.49
C THR B 303 17.19 -17.81 16.49
N ARG B 304 16.05 -17.60 15.83
CA ARG B 304 15.00 -18.61 15.75
C ARG B 304 15.37 -19.73 14.78
N VAL B 305 15.12 -20.97 15.18
CA VAL B 305 15.44 -22.15 14.35
C VAL B 305 14.27 -22.43 13.41
N ARG B 306 14.57 -22.55 12.12
CA ARG B 306 13.55 -22.78 11.09
C ARG B 306 13.79 -24.08 10.34
N GLY B 307 12.73 -24.61 9.76
CA GLY B 307 12.80 -25.83 8.96
C GLY B 307 13.72 -25.67 7.76
N GLU B 308 14.50 -26.70 7.48
CA GLU B 308 15.47 -26.71 6.39
C GLU B 308 16.78 -25.98 6.71
N ASN B 309 16.93 -25.50 7.93
CA ASN B 309 18.22 -24.99 8.40
C ASN B 309 19.19 -26.15 8.60
N VAL B 310 20.46 -25.91 8.34
CA VAL B 310 21.51 -26.87 8.67
C VAL B 310 22.12 -26.46 10.01
N LEU B 311 22.27 -27.41 10.91
CA LEU B 311 22.71 -27.11 12.27
C LEU B 311 23.51 -28.25 12.90
N TYR B 312 24.14 -27.96 14.03
CA TYR B 312 24.80 -28.98 14.84
C TYR B 312 24.54 -28.75 16.32
N PHE B 313 24.84 -29.75 17.14
CA PHE B 313 24.54 -29.72 18.57
C PHE B 313 25.80 -29.73 19.42
N ASN B 314 25.89 -28.79 20.35
CA ASN B 314 26.95 -28.78 21.38
C ASN B 314 26.37 -29.29 22.70
N THR B 315 27.23 -29.86 23.53
CA THR B 315 26.83 -30.27 24.88
C THR B 315 28.00 -30.17 25.85
N THR B 316 27.75 -29.60 27.03
CA THR B 316 28.78 -29.44 28.05
C THR B 316 28.73 -30.60 29.03
N ILE B 317 29.85 -31.30 29.19
CA ILE B 317 29.95 -32.46 30.07
C ILE B 317 31.27 -32.43 30.85
N ASP B 318 31.18 -32.20 32.15
CA ASP B 318 32.35 -32.14 33.04
C ASP B 318 33.35 -31.07 32.60
N ASN B 319 32.85 -29.84 32.46
CA ASN B 319 33.67 -28.69 32.05
C ASN B 319 34.39 -28.88 30.71
N LYS B 320 33.74 -29.58 29.79
CA LYS B 320 34.23 -29.75 28.42
C LYS B 320 33.03 -29.73 27.49
N GLN B 321 33.14 -29.05 26.36
CA GLN B 321 32.07 -29.05 25.35
C GLN B 321 32.38 -30.05 24.25
N TYR B 322 31.39 -30.89 23.96
CA TYR B 322 31.46 -31.84 22.86
C TYR B 322 30.42 -31.46 21.82
N SER B 323 30.68 -31.83 20.57
CA SER B 323 29.68 -31.73 19.53
C SER B 323 29.14 -33.13 19.25
N LEU B 324 27.88 -33.23 18.84
CA LEU B 324 27.30 -34.52 18.50
C LEU B 324 27.78 -34.93 17.10
N GLY B 325 28.26 -36.16 16.99
CA GLY B 325 28.78 -36.66 15.73
C GLY B 325 28.81 -38.18 15.66
N MET B 326 28.95 -38.70 14.45
CA MET B 326 28.99 -40.14 14.23
C MET B 326 30.34 -40.73 14.68
N TYR B 327 30.30 -41.96 15.19
CA TYR B 327 31.51 -42.69 15.54
C TYR B 327 31.38 -44.16 15.18
N LYS B 328 32.51 -44.83 15.00
CA LYS B 328 32.53 -46.26 14.72
C LYS B 328 32.32 -47.04 16.01
N PRO B 329 31.24 -47.84 16.08
CA PRO B 329 30.99 -48.61 17.30
C PRO B 329 31.90 -49.83 17.39
N SER B 330 32.05 -50.37 18.60
CA SER B 330 32.95 -51.52 18.83
C SER B 330 32.62 -52.69 17.90
N ARG B 331 31.33 -52.96 17.72
CA ARG B 331 30.86 -53.90 16.70
C ARG B 331 29.62 -53.34 16.00
N ASN B 332 29.29 -53.93 14.85
CA ASN B 332 28.20 -53.42 14.03
C ASN B 332 26.83 -53.59 14.69
N LEU B 333 25.99 -52.56 14.56
CA LEU B 333 24.69 -52.51 15.22
C LEU B 333 23.58 -53.02 14.31
N GLY B 334 23.84 -53.03 13.00
CA GLY B 334 22.86 -53.46 12.01
C GLY B 334 23.10 -52.76 10.68
N THR B 335 22.33 -53.16 9.67
CA THR B 335 22.49 -52.61 8.33
C THR B 335 22.13 -51.12 8.29
N ASP B 336 23.04 -50.32 7.72
CA ASP B 336 22.84 -48.88 7.53
C ASP B 336 22.64 -48.10 8.83
N LEU B 337 23.21 -48.58 9.93
CA LEU B 337 23.09 -47.92 11.23
C LEU B 337 24.43 -47.35 11.69
N VAL B 338 24.43 -46.06 12.00
CA VAL B 338 25.61 -45.38 12.55
C VAL B 338 25.18 -44.66 13.83
N PRO B 339 25.88 -44.93 14.95
CA PRO B 339 25.50 -44.30 16.21
C PRO B 339 25.92 -42.83 16.29
N LEU B 340 25.18 -42.05 17.08
CA LEU B 340 25.51 -40.65 17.31
C LEU B 340 26.09 -40.51 18.71
N GLY B 341 27.27 -39.90 18.80
CA GLY B 341 27.96 -39.74 20.07
C GLY B 341 28.43 -38.32 20.33
N ALA B 342 28.99 -38.11 21.52
CA ALA B 342 29.54 -36.81 21.92
C ALA B 342 31.04 -36.80 21.66
N LEU B 343 31.48 -36.00 20.70
CA LEU B 343 32.87 -35.98 20.28
C LEU B 343 33.47 -34.58 20.43
N ASP B 344 34.75 -34.51 20.77
CA ASP B 344 35.46 -33.24 20.84
C ASP B 344 36.29 -33.08 19.57
N GLN B 345 35.70 -32.46 18.56
CA GLN B 345 36.32 -32.34 17.24
C GLN B 345 36.12 -30.95 16.64
N PRO B 346 36.99 -30.54 15.71
CA PRO B 346 36.88 -29.22 15.09
C PRO B 346 35.73 -29.12 14.08
N MET B 347 35.57 -27.93 13.50
CA MET B 347 34.39 -27.63 12.66
C MET B 347 34.33 -28.46 11.38
N ASP B 348 35.49 -28.75 10.77
CA ASP B 348 35.52 -29.58 9.56
C ASP B 348 34.91 -30.96 9.80
N GLU B 349 35.16 -31.53 10.98
CA GLU B 349 34.59 -32.83 11.33
C GLU B 349 33.10 -32.74 11.63
N ILE B 350 32.67 -31.61 12.19
CA ILE B 350 31.24 -31.38 12.47
C ILE B 350 30.47 -31.26 11.15
N ARG B 351 31.01 -30.51 10.20
CA ARG B 351 30.37 -30.33 8.89
C ARG B 351 30.23 -31.67 8.15
N LYS B 352 31.26 -32.50 8.21
CA LYS B 352 31.26 -33.78 7.52
C LYS B 352 30.38 -34.83 8.20
N TYR B 353 30.47 -34.94 9.53
CA TYR B 353 29.88 -36.08 10.24
C TYR B 353 28.97 -35.72 11.42
N GLY B 354 28.58 -34.46 11.56
CA GLY B 354 27.72 -34.05 12.68
C GLY B 354 26.70 -32.96 12.40
N SER B 355 26.41 -32.72 11.12
CA SER B 355 25.47 -31.67 10.73
C SER B 355 24.11 -32.26 10.39
N PHE B 356 23.06 -31.57 10.80
CA PHE B 356 21.68 -32.05 10.63
C PHE B 356 20.79 -31.01 9.99
N ILE B 357 19.82 -31.51 9.20
CA ILE B 357 18.83 -30.67 8.54
C ILE B 357 17.52 -30.83 9.29
N ILE B 358 17.09 -29.78 9.97
CA ILE B 358 15.90 -29.86 10.83
C ILE B 358 14.61 -29.67 10.03
N GLN B 359 13.55 -30.35 10.47
CA GLN B 359 12.24 -30.27 9.83
C GLN B 359 11.17 -30.30 10.91
N PRO B 360 10.34 -29.25 11.00
CA PRO B 360 9.33 -29.25 12.06
C PRO B 360 8.32 -30.38 11.91
N CYS B 361 7.80 -30.85 13.05
CA CYS B 361 6.94 -32.02 13.08
C CYS B 361 5.99 -31.94 14.28
N ASN B 362 4.84 -31.29 14.06
CA ASN B 362 3.90 -31.00 15.14
C ASN B 362 2.64 -31.86 15.04
N THR B 363 2.03 -32.13 16.19
CA THR B 363 0.77 -32.86 16.28
C THR B 363 -0.09 -32.20 17.34
N PHE B 364 -1.30 -32.74 17.56
CA PHE B 364 -2.14 -32.27 18.66
C PHE B 364 -1.45 -32.48 20.00
N ASP B 365 -0.72 -33.60 20.13
CA ASP B 365 -0.08 -33.98 21.39
C ASP B 365 1.17 -33.18 21.71
N TYR B 366 2.01 -32.93 20.70
CA TYR B 366 3.33 -32.35 20.97
C TYR B 366 3.91 -31.50 19.84
N TYR B 367 4.80 -30.59 20.22
CA TYR B 367 5.64 -29.86 19.29
C TYR B 367 6.97 -30.61 19.17
N ALA B 368 7.32 -31.04 17.97
CA ALA B 368 8.56 -31.81 17.77
C ALA B 368 9.19 -31.52 16.40
N SER B 369 10.28 -32.19 16.10
CA SER B 369 10.97 -32.03 14.82
C SER B 369 11.73 -33.29 14.42
N GLN B 370 12.00 -33.41 13.12
CA GLN B 370 12.81 -34.51 12.58
C GLN B 370 14.17 -33.98 12.15
N LEU B 371 15.21 -34.79 12.35
CA LEU B 371 16.58 -34.39 12.06
C LEU B 371 17.19 -35.34 11.02
N PHE B 372 17.58 -34.78 9.88
CA PHE B 372 18.15 -35.56 8.79
C PHE B 372 19.65 -35.29 8.67
N LEU B 373 20.43 -36.34 8.53
CA LEU B 373 21.89 -36.22 8.43
C LEU B 373 22.28 -35.46 7.16
N SER B 374 23.08 -34.40 7.34
CA SER B 374 23.53 -33.55 6.24
C SER B 374 24.76 -34.11 5.55
N SER B 375 24.91 -33.76 4.27
CA SER B 375 26.12 -34.08 3.52
C SER B 375 26.97 -32.81 3.38
N ASN B 376 28.09 -32.77 4.11
CA ASN B 376 28.99 -31.61 4.11
C ASN B 376 28.29 -30.29 4.42
N ALA B 377 27.41 -30.33 5.41
CA ALA B 377 26.66 -29.15 5.88
C ALA B 377 25.78 -28.51 4.79
N THR B 378 25.29 -29.32 3.86
CA THR B 378 24.35 -28.87 2.84
C THR B 378 22.95 -29.39 3.20
N THR B 379 21.96 -29.06 2.39
CA THR B 379 20.60 -29.57 2.59
C THR B 379 20.37 -30.95 1.94
N ASN B 380 21.42 -31.55 1.38
CA ASN B 380 21.34 -32.90 0.87
C ASN B 380 21.32 -33.91 2.01
N ARG B 381 20.33 -34.79 2.00
CA ARG B 381 20.08 -35.71 3.13
C ARG B 381 20.71 -37.08 2.88
N LEU B 382 21.39 -37.59 3.90
CA LEU B 382 22.01 -38.93 3.84
C LEU B 382 21.35 -39.93 4.79
N GLY B 383 20.59 -39.45 5.77
CA GLY B 383 19.93 -40.33 6.73
C GLY B 383 18.96 -39.60 7.64
N ILE B 384 18.46 -40.30 8.66
CA ILE B 384 17.52 -39.73 9.62
C ILE B 384 17.86 -40.19 11.03
N LEU B 385 17.78 -39.26 11.99
CA LEU B 385 18.13 -39.55 13.37
C LEU B 385 16.98 -40.23 14.09
N SER B 386 17.19 -41.48 14.49
CA SER B 386 16.22 -42.23 15.27
C SER B 386 16.84 -42.65 16.60
N ILE B 387 16.25 -43.67 17.24
CA ILE B 387 16.71 -44.13 18.54
C ILE B 387 16.47 -45.64 18.65
N GLY B 388 17.32 -46.32 19.40
CA GLY B 388 17.19 -47.76 19.59
C GLY B 388 18.22 -48.35 20.53
N SER B 389 17.91 -49.53 21.07
CA SER B 389 18.80 -50.23 21.98
C SER B 389 19.67 -51.22 21.20
N TYR B 390 20.99 -51.11 21.37
CA TYR B 390 21.93 -51.99 20.67
C TYR B 390 23.02 -52.46 21.62
N SER B 391 23.50 -53.70 21.40
CA SER B 391 24.47 -54.33 22.27
C SER B 391 25.90 -54.15 21.76
N PHE B 392 26.66 -53.30 22.43
CA PHE B 392 28.07 -53.09 22.08
C PHE B 392 28.85 -52.51 23.29
N LYS B 393 30.08 -52.06 23.06
CA LYS B 393 30.96 -51.61 24.13
C LYS B 393 31.25 -50.11 24.06
N LEU B 394 31.05 -49.42 25.18
CA LEU B 394 31.30 -47.99 25.29
C LEU B 394 32.15 -47.70 26.52
N GLY B 395 33.01 -46.68 26.43
CA GLY B 395 33.83 -46.25 27.55
C GLY B 395 34.73 -47.36 28.08
N ASP B 396 34.59 -47.66 29.37
CA ASP B 396 35.43 -48.67 30.03
C ASP B 396 34.91 -50.11 29.92
N ASP B 397 33.95 -50.35 29.03
CA ASP B 397 33.49 -51.71 28.74
C ASP B 397 34.64 -52.50 28.11
N TYR B 398 34.73 -53.78 28.44
CA TYR B 398 35.85 -54.60 27.98
C TYR B 398 35.45 -56.07 27.82
N TRP B 399 35.03 -56.70 28.90
CA TRP B 399 34.75 -58.14 28.90
C TRP B 399 33.44 -58.50 28.19
N PHE B 400 32.41 -57.67 28.34
CA PHE B 400 31.09 -57.96 27.77
C PHE B 400 30.53 -56.81 26.94
N ASN B 401 29.64 -57.15 26.03
CA ASN B 401 28.82 -56.16 25.33
C ASN B 401 27.62 -55.82 26.19
N HIS B 402 27.14 -54.57 26.08
CA HIS B 402 26.00 -54.11 26.87
C HIS B 402 24.96 -53.41 25.99
N GLU B 403 23.69 -53.62 26.32
CA GLU B 403 22.58 -52.94 25.66
C GLU B 403 22.57 -51.46 26.05
N TYR B 404 22.72 -50.59 25.05
CA TYR B 404 22.67 -49.14 25.26
C TYR B 404 21.58 -48.54 24.38
N LEU B 405 20.68 -47.78 25.00
CA LEU B 405 19.69 -47.01 24.28
C LEU B 405 20.39 -45.77 23.74
N ILE B 406 20.58 -45.71 22.43
CA ILE B 406 21.40 -44.67 21.81
C ILE B 406 20.65 -43.93 20.70
N PRO B 407 21.06 -42.68 20.43
CA PRO B 407 20.59 -42.02 19.22
C PRO B 407 21.36 -42.58 18.03
N VAL B 408 20.63 -43.09 17.03
CA VAL B 408 21.24 -43.78 15.91
C VAL B 408 20.72 -43.23 14.57
N ILE B 409 21.61 -43.12 13.59
CA ILE B 409 21.25 -42.60 12.29
C ILE B 409 21.07 -43.75 11.30
N LYS B 410 19.90 -43.82 10.69
CA LYS B 410 19.64 -44.76 9.61
C LYS B 410 19.98 -44.06 8.30
N ILE B 411 20.99 -44.55 7.59
CA ILE B 411 21.46 -43.92 6.36
C ILE B 411 20.93 -44.61 5.10
N GLU B 412 20.90 -43.86 4.00
CA GLU B 412 20.55 -44.39 2.67
C GLU B 412 19.09 -44.83 2.53
N HIS B 413 18.71 -45.90 3.22
CA HIS B 413 17.35 -46.45 3.15
C HIS B 413 16.62 -46.23 4.47
N TYR B 414 15.69 -45.28 4.49
CA TYR B 414 14.96 -44.94 5.71
C TYR B 414 13.53 -44.45 5.44
N ALA B 415 12.90 -44.99 4.40
CA ALA B 415 11.56 -44.57 4.00
C ALA B 415 10.51 -44.91 5.06
N SER B 416 10.62 -46.09 5.68
CA SER B 416 9.68 -46.52 6.71
C SER B 416 9.84 -45.74 8.01
N LEU B 417 11.05 -45.21 8.25
CA LEU B 417 11.29 -44.41 9.45
C LEU B 417 10.71 -42.99 9.38
N LEU B 418 10.44 -42.51 8.17
CA LEU B 418 9.89 -41.16 7.99
C LEU B 418 8.62 -40.90 8.79
N GLU B 419 7.74 -41.90 8.82
CA GLU B 419 6.44 -41.77 9.51
C GLU B 419 6.48 -42.29 10.95
N SER B 420 7.63 -42.83 11.37
CA SER B 420 7.78 -43.36 12.72
C SER B 420 7.97 -42.23 13.74
N THR B 421 7.30 -42.35 14.88
CA THR B 421 7.43 -41.37 15.97
C THR B 421 8.77 -41.46 16.70
N SER B 422 9.51 -42.54 16.45
CA SER B 422 10.87 -42.71 16.98
C SER B 422 11.88 -41.74 16.36
N THR B 423 11.47 -41.05 15.30
CA THR B 423 12.28 -40.01 14.67
C THR B 423 11.86 -38.60 15.08
N HIS B 424 10.84 -38.50 15.93
CA HIS B 424 10.38 -37.20 16.43
C HIS B 424 11.12 -36.82 17.70
N TRP B 425 11.79 -35.67 17.66
CA TRP B 425 12.56 -35.17 18.80
C TRP B 425 11.97 -33.87 19.34
N VAL B 426 11.95 -33.73 20.65
CA VAL B 426 11.49 -32.50 21.29
C VAL B 426 12.61 -31.85 22.08
N PHE B 427 12.44 -30.57 22.40
CA PHE B 427 13.43 -29.81 23.14
C PHE B 427 12.77 -29.06 24.29
N VAL B 428 13.05 -29.51 25.51
CA VAL B 428 12.53 -28.87 26.72
C VAL B 428 13.58 -27.86 27.20
N PRO B 429 13.19 -26.58 27.32
CA PRO B 429 14.17 -25.59 27.76
C PRO B 429 14.59 -25.78 29.22
N ALA B 430 15.84 -25.48 29.53
CA ALA B 430 16.37 -25.63 30.89
C ALA B 430 15.89 -24.50 31.78
N SER B 431 16.10 -23.26 31.34
CA SER B 431 15.65 -22.06 32.05
C SER B 431 16.12 -22.01 33.51
N SER C 10 13.99 15.49 0.61
CA SER C 10 12.92 16.53 0.70
C SER C 10 11.87 16.38 -0.39
N ILE C 11 10.70 16.96 -0.17
CA ILE C 11 9.63 16.98 -1.17
C ILE C 11 9.96 17.92 -2.33
N ASN C 12 10.85 18.87 -2.10
CA ASN C 12 11.32 19.79 -3.14
C ASN C 12 12.16 19.10 -4.23
N ASP C 13 12.66 17.91 -3.93
CA ASP C 13 13.40 17.11 -4.92
C ASP C 13 12.51 16.70 -6.09
N SER C 14 11.24 16.43 -5.81
CA SER C 14 10.27 16.03 -6.84
C SER C 14 9.55 17.22 -7.49
N LYS C 15 9.80 18.43 -7.01
CA LYS C 15 9.14 19.63 -7.54
C LYS C 15 9.68 19.98 -8.92
N ILE C 16 8.80 19.91 -9.92
CA ILE C 16 9.18 20.16 -11.32
C ILE C 16 8.69 21.52 -11.85
N LEU C 17 7.71 22.12 -11.17
CA LEU C 17 7.23 23.46 -11.52
C LEU C 17 7.05 24.29 -10.26
N SER C 18 7.37 25.58 -10.36
CA SER C 18 7.23 26.51 -9.23
C SER C 18 6.93 27.92 -9.74
N LEU C 19 5.69 28.14 -10.15
CA LEU C 19 5.26 29.42 -10.69
C LEU C 19 5.14 30.45 -9.56
N GLN C 20 6.03 31.43 -9.57
CA GLN C 20 6.10 32.43 -8.51
C GLN C 20 6.37 33.83 -9.06
N ASN C 21 5.85 34.85 -8.37
CA ASN C 21 6.12 36.25 -8.70
C ASN C 21 7.47 36.66 -8.10
N LYS C 22 8.42 36.97 -8.97
CA LYS C 22 9.77 37.35 -8.55
C LYS C 22 10.19 38.63 -9.28
N LYS C 23 10.47 39.69 -8.51
CA LYS C 23 10.86 40.99 -9.08
C LYS C 23 9.81 41.52 -10.05
N ASN C 24 8.53 41.41 -9.66
CA ASN C 24 7.39 41.80 -10.50
C ASN C 24 7.36 41.03 -11.84
N THR C 25 7.75 39.77 -11.79
CA THR C 25 7.76 38.90 -12.97
C THR C 25 7.37 37.48 -12.58
N LEU C 26 6.37 36.92 -13.27
CA LEU C 26 5.99 35.53 -13.10
C LEU C 26 7.01 34.63 -13.78
N MET C 27 7.48 33.61 -13.07
CA MET C 27 8.49 32.71 -13.60
C MET C 27 8.51 31.38 -12.86
N ASP C 28 9.21 30.40 -13.46
CA ASP C 28 9.41 29.10 -12.84
C ASP C 28 10.71 29.12 -12.03
N THR C 29 10.61 28.88 -10.73
CA THR C 29 11.77 28.87 -9.83
C THR C 29 12.21 27.45 -9.45
N SER C 30 11.64 26.44 -10.12
CA SER C 30 11.93 25.04 -9.81
C SER C 30 13.34 24.60 -10.21
N GLY C 31 13.93 25.31 -11.18
CA GLY C 31 15.24 24.95 -11.71
C GLY C 31 15.17 24.43 -13.13
N TYR C 32 13.99 23.96 -13.53
CA TYR C 32 13.78 23.44 -14.88
C TYR C 32 13.49 24.54 -15.91
N ASN C 33 13.34 25.78 -15.44
CA ASN C 33 13.28 26.96 -16.31
C ASN C 33 12.18 26.89 -17.38
N ALA C 34 10.94 26.70 -16.94
CA ALA C 34 9.79 26.71 -17.84
C ALA C 34 9.51 28.14 -18.31
N GLU C 35 9.13 28.27 -19.57
CA GLU C 35 8.76 29.57 -20.13
C GLU C 35 7.42 30.01 -19.55
N VAL C 36 7.31 31.30 -19.22
CA VAL C 36 6.08 31.86 -18.68
C VAL C 36 5.73 33.15 -19.44
N ARG C 37 4.71 33.08 -20.29
CA ARG C 37 4.25 34.23 -21.05
C ARG C 37 2.98 34.80 -20.40
N VAL C 38 2.93 36.12 -20.28
CA VAL C 38 1.79 36.81 -19.67
C VAL C 38 1.15 37.74 -20.69
N GLU C 39 -0.17 37.59 -20.89
CA GLU C 39 -0.92 38.39 -21.86
C GLU C 39 -2.17 38.98 -21.21
N GLY C 40 -2.59 40.14 -21.68
CA GLY C 40 -3.81 40.79 -21.21
C GLY C 40 -3.68 41.40 -19.83
N ASN C 41 -4.81 41.59 -19.16
CA ASN C 41 -4.87 42.25 -17.86
C ASN C 41 -4.54 41.28 -16.72
N VAL C 42 -3.26 41.25 -16.35
CA VAL C 42 -2.78 40.44 -15.23
C VAL C 42 -2.09 41.35 -14.22
N GLN C 43 -2.69 41.51 -13.05
CA GLN C 43 -2.14 42.37 -11.99
C GLN C 43 -1.33 41.54 -11.01
N LEU C 44 -0.08 41.95 -10.77
CA LEU C 44 0.81 41.25 -9.84
C LEU C 44 0.92 42.00 -8.53
N ASN C 45 0.76 41.30 -7.43
CA ASN C 45 0.87 41.89 -6.10
C ASN C 45 2.35 42.10 -5.73
N PRO C 46 2.76 43.37 -5.51
CA PRO C 46 4.16 43.61 -5.17
C PRO C 46 4.56 43.23 -3.73
N ILE C 47 3.57 42.87 -2.91
CA ILE C 47 3.82 42.43 -1.54
C ILE C 47 3.21 41.05 -1.29
N PHE C 48 3.54 40.44 -0.16
CA PHE C 48 3.03 39.10 0.20
C PHE C 48 1.50 39.08 0.14
N PRO C 49 0.91 37.98 -0.37
CA PRO C 49 1.50 36.72 -0.82
C PRO C 49 2.06 36.71 -2.26
N PHE C 50 2.33 37.89 -2.83
CA PHE C 50 2.90 38.01 -4.17
C PHE C 50 2.06 37.28 -5.22
N ASP C 51 0.74 37.42 -5.09
CA ASP C 51 -0.22 36.72 -5.96
C ASP C 51 -0.33 37.37 -7.33
N PHE C 52 -1.01 36.69 -8.24
CA PHE C 52 -1.42 37.30 -9.52
C PHE C 52 -2.93 37.18 -9.69
N LYS C 53 -3.54 38.23 -10.23
CA LYS C 53 -4.99 38.36 -10.29
C LYS C 53 -5.49 38.28 -11.73
N LEU C 54 -6.51 37.46 -11.95
CA LEU C 54 -7.17 37.33 -13.27
C LEU C 54 -8.65 37.70 -13.16
N GLY C 55 -9.22 38.11 -14.29
CA GLY C 55 -10.64 38.46 -14.38
C GLY C 55 -11.35 37.66 -15.45
N SER C 56 -12.67 37.76 -15.50
CA SER C 56 -13.49 36.99 -16.44
C SER C 56 -14.09 37.81 -17.59
N SER C 57 -14.04 39.15 -17.47
CA SER C 57 -14.70 40.03 -18.44
C SER C 57 -13.74 40.65 -19.46
N GLY C 58 -14.25 40.91 -20.66
CA GLY C 58 -13.49 41.55 -21.72
C GLY C 58 -12.57 40.62 -22.49
N ASP C 59 -12.23 41.01 -23.71
CA ASP C 59 -11.25 40.28 -24.52
C ASP C 59 -9.83 40.49 -24.00
N ASP C 60 -9.64 41.60 -23.28
CA ASP C 60 -8.34 41.93 -22.69
C ASP C 60 -8.08 41.23 -21.36
N ARG C 61 -8.88 40.21 -21.02
CA ARG C 61 -8.73 39.51 -19.75
C ARG C 61 -7.40 38.75 -19.68
N GLY C 62 -6.90 38.59 -18.46
CA GLY C 62 -5.58 38.02 -18.22
C GLY C 62 -5.41 36.60 -18.72
N LYS C 63 -4.18 36.26 -19.10
CA LYS C 63 -3.85 34.93 -19.60
C LYS C 63 -2.37 34.64 -19.33
N VAL C 64 -2.10 33.55 -18.60
CA VAL C 64 -0.73 33.14 -18.30
C VAL C 64 -0.46 31.77 -18.93
N ILE C 65 0.52 31.73 -19.83
CA ILE C 65 0.90 30.50 -20.52
C ILE C 65 2.23 29.97 -19.96
N VAL C 66 2.16 28.87 -19.23
CA VAL C 66 3.36 28.19 -18.73
C VAL C 66 3.71 27.05 -19.68
N THR C 67 4.89 27.13 -20.30
CA THR C 67 5.34 26.13 -21.26
C THR C 67 6.63 25.46 -20.80
N GLN C 68 6.66 24.13 -20.83
CA GLN C 68 7.83 23.35 -20.47
C GLN C 68 8.04 22.24 -21.49
N ASN C 69 9.02 22.42 -22.38
CA ASN C 69 9.21 21.52 -23.52
C ASN C 69 9.98 20.22 -23.21
N GLU C 70 10.91 20.28 -22.26
CA GLU C 70 11.76 19.11 -21.96
C GLU C 70 10.97 17.95 -21.36
N ASN C 71 11.27 16.75 -21.83
CA ASN C 71 10.47 15.55 -21.54
C ASN C 71 10.77 14.89 -20.20
N ILE C 72 11.93 15.15 -19.64
CA ILE C 72 12.35 14.48 -18.44
C ILE C 72 11.30 14.56 -17.34
N VAL C 73 10.75 15.75 -17.17
CA VAL C 73 9.76 15.97 -16.12
C VAL C 73 8.51 15.09 -16.27
N TYR C 74 8.08 14.87 -17.51
CA TYR C 74 6.82 14.18 -17.79
C TYR C 74 6.92 12.65 -17.71
N ASN C 75 8.13 12.11 -17.84
CA ASN C 75 8.36 10.68 -17.65
C ASN C 75 8.20 10.29 -16.17
N ALA C 76 8.69 11.15 -15.28
CA ALA C 76 8.50 10.98 -13.84
C ALA C 76 7.06 11.30 -13.43
N MET C 77 6.41 12.18 -14.19
CA MET C 77 5.04 12.59 -13.93
C MET C 77 4.02 11.53 -14.37
N TYR C 78 4.47 10.55 -15.17
CA TYR C 78 3.59 9.51 -15.71
C TYR C 78 3.02 8.59 -14.63
N GLU C 79 3.87 8.14 -13.71
CA GLU C 79 3.43 7.23 -12.64
C GLU C 79 2.60 7.97 -11.60
N SER C 80 3.20 9.00 -11.00
CA SER C 80 2.53 9.82 -9.99
C SER C 80 2.85 11.29 -10.18
N PHE C 81 1.90 12.14 -9.79
CA PHE C 81 2.12 13.59 -9.78
C PHE C 81 1.13 14.30 -8.87
N SER C 82 1.57 15.44 -8.33
CA SER C 82 0.74 16.26 -7.46
C SER C 82 0.74 17.71 -7.92
N ILE C 83 -0.39 18.40 -7.72
CA ILE C 83 -0.54 19.81 -8.05
C ILE C 83 -1.04 20.53 -6.80
N SER C 84 -0.37 21.62 -6.42
CA SER C 84 -0.76 22.39 -5.24
C SER C 84 -0.69 23.88 -5.51
N PHE C 85 -1.65 24.63 -4.96
CA PHE C 85 -1.70 26.07 -5.10
C PHE C 85 -2.68 26.73 -4.13
N TRP C 86 -2.45 28.01 -3.85
CA TRP C 86 -3.39 28.85 -3.13
C TRP C 86 -4.28 29.54 -4.13
N ILE C 87 -5.59 29.58 -3.85
CA ILE C 87 -6.56 30.19 -4.75
C ILE C 87 -7.68 30.90 -3.99
N ARG C 88 -8.12 32.03 -4.54
CA ARG C 88 -9.27 32.77 -4.03
C ARG C 88 -10.14 33.19 -5.21
N ILE C 89 -11.45 33.05 -5.06
CA ILE C 89 -12.41 33.41 -6.10
C ILE C 89 -13.47 34.32 -5.50
N ASN C 90 -13.68 35.48 -6.11
CA ASN C 90 -14.70 36.43 -5.66
C ASN C 90 -15.44 37.03 -6.85
N LYS C 91 -16.78 36.99 -6.86
CA LYS C 91 -17.62 36.43 -5.80
C LYS C 91 -18.08 35.03 -6.19
N TRP C 92 -17.60 34.01 -5.49
CA TRP C 92 -17.92 32.62 -5.81
C TRP C 92 -19.29 32.24 -5.25
N VAL C 93 -20.34 32.62 -5.98
CA VAL C 93 -21.71 32.32 -5.58
C VAL C 93 -22.05 30.85 -5.79
N SER C 94 -23.13 30.39 -5.14
CA SER C 94 -23.55 28.99 -5.20
C SER C 94 -24.10 28.59 -6.57
N ASN C 95 -24.64 29.56 -7.30
CA ASN C 95 -25.20 29.33 -8.65
C ASN C 95 -24.27 29.84 -9.76
N LEU C 96 -22.97 29.79 -9.51
CA LEU C 96 -21.98 30.27 -10.48
C LEU C 96 -22.03 29.44 -11.75
N PRO C 97 -21.97 30.07 -12.93
CA PRO C 97 -21.90 29.31 -14.18
C PRO C 97 -20.54 28.64 -14.38
N GLY C 98 -20.45 27.78 -15.39
CA GLY C 98 -19.24 27.00 -15.64
C GLY C 98 -18.06 27.84 -16.11
N TYR C 99 -16.90 27.57 -15.52
CA TYR C 99 -15.65 28.25 -15.89
C TYR C 99 -14.46 27.29 -15.85
N THR C 100 -13.70 27.24 -16.94
CA THR C 100 -12.38 26.61 -16.93
C THR C 100 -11.39 27.68 -16.49
N ILE C 101 -10.54 27.36 -15.52
CA ILE C 101 -9.62 28.34 -14.94
C ILE C 101 -8.14 27.99 -15.13
N ILE C 102 -7.80 26.71 -15.04
CA ILE C 102 -6.43 26.23 -15.26
C ILE C 102 -6.48 25.01 -16.19
N ASP C 103 -6.17 25.23 -17.46
CA ASP C 103 -6.31 24.19 -18.48
C ASP C 103 -4.96 23.66 -18.92
N SER C 104 -4.79 22.34 -18.86
CA SER C 104 -3.60 21.67 -19.38
C SER C 104 -4.02 20.47 -20.24
N VAL C 105 -4.97 20.70 -21.14
CA VAL C 105 -5.45 19.67 -22.05
C VAL C 105 -5.11 20.04 -23.49
N LYS C 106 -4.42 19.13 -24.18
CA LYS C 106 -4.10 19.30 -25.59
C LYS C 106 -4.30 17.95 -26.29
N ASN C 107 -4.91 17.98 -27.46
CA ASN C 107 -5.22 16.76 -28.23
C ASN C 107 -6.02 15.74 -27.41
N ASN C 108 -7.05 16.22 -26.71
CA ASN C 108 -7.93 15.39 -25.88
C ASN C 108 -7.18 14.55 -24.84
N SER C 109 -6.16 15.14 -24.23
CA SER C 109 -5.38 14.45 -23.20
C SER C 109 -4.71 15.44 -22.25
N GLY C 110 -4.68 15.08 -20.97
CA GLY C 110 -4.07 15.92 -19.93
C GLY C 110 -4.99 16.09 -18.73
N TRP C 111 -4.95 17.28 -18.12
CA TRP C 111 -5.80 17.60 -16.98
C TRP C 111 -6.31 19.04 -17.05
N SER C 112 -7.41 19.29 -16.36
CA SER C 112 -8.03 20.62 -16.34
C SER C 112 -8.72 20.88 -15.01
N ILE C 113 -8.56 22.09 -14.49
CA ILE C 113 -9.25 22.53 -13.28
C ILE C 113 -10.29 23.58 -13.65
N GLY C 114 -11.54 23.34 -13.23
CA GLY C 114 -12.63 24.26 -13.51
C GLY C 114 -13.51 24.49 -12.29
N ILE C 115 -14.41 25.47 -12.40
CA ILE C 115 -15.36 25.76 -11.33
C ILE C 115 -16.78 25.93 -11.90
N ILE C 116 -17.76 25.43 -11.16
CA ILE C 116 -19.16 25.53 -11.56
C ILE C 116 -20.04 25.37 -10.32
N SER C 117 -21.09 26.18 -10.24
CA SER C 117 -21.93 26.27 -9.03
C SER C 117 -21.02 26.47 -7.81
N ASN C 118 -21.06 25.54 -6.85
CA ASN C 118 -20.18 25.59 -5.67
C ASN C 118 -19.08 24.52 -5.74
N PHE C 119 -18.84 24.00 -6.93
CA PHE C 119 -17.86 22.93 -7.13
C PHE C 119 -16.58 23.47 -7.78
N LEU C 120 -15.44 23.02 -7.26
CA LEU C 120 -14.16 23.14 -7.98
C LEU C 120 -13.82 21.74 -8.47
N VAL C 121 -13.71 21.59 -9.80
CA VAL C 121 -13.59 20.28 -10.43
C VAL C 121 -12.22 20.10 -11.09
N PHE C 122 -11.48 19.08 -10.65
CA PHE C 122 -10.26 18.65 -11.34
C PHE C 122 -10.61 17.48 -12.26
N THR C 123 -10.42 17.70 -13.57
CA THR C 123 -10.70 16.68 -14.58
C THR C 123 -9.41 16.06 -15.09
N LEU C 124 -9.44 14.76 -15.37
CA LEU C 124 -8.28 14.02 -15.86
C LEU C 124 -8.64 13.29 -17.16
N LYS C 125 -8.38 13.93 -18.29
CA LYS C 125 -8.64 13.33 -19.61
C LYS C 125 -7.53 12.33 -19.97
N GLN C 126 -7.89 11.05 -20.00
CA GLN C 126 -6.95 9.98 -20.29
C GLN C 126 -6.80 9.78 -21.79
N ASN C 127 -7.92 9.89 -22.52
CA ASN C 127 -7.91 9.84 -23.98
C ASN C 127 -9.19 10.48 -24.57
N GLU C 128 -9.55 10.11 -25.79
CA GLU C 128 -10.76 10.60 -26.46
C GLU C 128 -12.02 10.30 -25.64
N ASN C 129 -12.67 11.35 -25.16
CA ASN C 129 -13.91 11.25 -24.38
C ASN C 129 -13.91 10.08 -23.40
N SER C 130 -12.91 10.06 -22.53
CA SER C 130 -12.77 9.03 -21.50
C SER C 130 -12.14 9.66 -20.27
N GLU C 131 -12.90 10.55 -19.63
CA GLU C 131 -12.36 11.38 -18.55
C GLU C 131 -12.99 11.06 -17.19
N GLN C 132 -12.16 11.07 -16.16
CA GLN C 132 -12.63 11.07 -14.78
C GLN C 132 -12.49 12.48 -14.24
N ASP C 133 -13.27 12.81 -13.21
CA ASP C 133 -13.14 14.10 -12.54
C ASP C 133 -13.49 14.01 -11.06
N ILE C 134 -12.67 14.68 -10.25
CA ILE C 134 -12.84 14.71 -8.79
C ILE C 134 -13.04 16.17 -8.39
N ASN C 135 -13.78 16.40 -7.30
CA ASN C 135 -14.17 17.76 -6.94
C ASN C 135 -14.28 18.05 -5.45
N PHE C 136 -14.28 19.35 -5.14
CA PHE C 136 -14.59 19.85 -3.80
C PHE C 136 -15.79 20.78 -3.91
N SER C 137 -16.81 20.54 -3.08
CA SER C 137 -18.00 21.37 -3.04
C SER C 137 -18.13 22.02 -1.67
N TYR C 138 -18.04 23.35 -1.62
CA TYR C 138 -18.06 24.06 -0.36
C TYR C 138 -19.46 24.06 0.27
N ASP C 139 -19.50 24.13 1.60
CA ASP C 139 -20.75 24.15 2.34
C ASP C 139 -21.47 25.48 2.10
N ILE C 140 -22.62 25.41 1.43
CA ILE C 140 -23.37 26.61 1.04
C ILE C 140 -23.98 27.31 2.26
N SER C 141 -24.47 26.52 3.21
CA SER C 141 -25.07 27.08 4.43
C SER C 141 -24.06 27.85 5.27
N LYS C 142 -22.79 27.46 5.21
CA LYS C 142 -21.71 28.14 5.95
C LYS C 142 -21.06 29.28 5.15
N ASN C 143 -21.44 29.43 3.88
CA ASN C 143 -20.89 30.47 3.01
C ASN C 143 -21.99 31.08 2.13
N ALA C 144 -23.02 31.62 2.78
CA ALA C 144 -24.18 32.17 2.07
C ALA C 144 -23.86 33.46 1.30
N ALA C 145 -22.76 34.12 1.65
CA ALA C 145 -22.27 35.29 0.92
C ALA C 145 -21.22 34.91 -0.14
N GLY C 146 -21.15 33.63 -0.48
CA GLY C 146 -20.18 33.13 -1.45
C GLY C 146 -18.87 32.74 -0.81
N TYR C 147 -18.27 31.65 -1.30
CA TYR C 147 -16.99 31.17 -0.80
C TYR C 147 -15.88 32.06 -1.37
N ASN C 148 -15.66 33.21 -0.73
CA ASN C 148 -14.76 34.23 -1.26
C ASN C 148 -13.44 34.30 -0.50
N LYS C 149 -13.04 33.18 0.09
CA LYS C 149 -11.84 33.14 0.95
C LYS C 149 -10.71 32.36 0.29
N TRP C 150 -9.47 32.73 0.61
CA TRP C 150 -8.30 31.96 0.19
C TRP C 150 -8.42 30.53 0.68
N PHE C 151 -8.16 29.58 -0.21
CA PHE C 151 -8.06 28.17 0.18
C PHE C 151 -6.96 27.46 -0.59
N PHE C 152 -6.27 26.55 0.11
CA PHE C 152 -5.13 25.83 -0.46
C PHE C 152 -5.62 24.52 -1.08
N VAL C 153 -5.44 24.41 -2.39
CA VAL C 153 -5.79 23.19 -3.12
C VAL C 153 -4.55 22.31 -3.23
N THR C 154 -4.75 21.01 -3.06
CA THR C 154 -3.70 20.02 -3.32
C THR C 154 -4.33 18.79 -3.95
N ILE C 155 -3.96 18.52 -5.19
CA ILE C 155 -4.48 17.39 -5.94
C ILE C 155 -3.35 16.40 -6.18
N THR C 156 -3.57 15.15 -5.77
CA THR C 156 -2.59 14.09 -5.98
C THR C 156 -3.21 12.99 -6.84
N THR C 157 -2.40 12.41 -7.72
CA THR C 157 -2.88 11.40 -8.67
C THR C 157 -1.86 10.27 -8.83
N ASN C 158 -2.29 9.05 -8.55
CA ASN C 158 -1.52 7.85 -8.84
C ASN C 158 -2.25 7.05 -9.91
N MET C 159 -1.63 6.89 -11.07
CA MET C 159 -2.27 6.24 -12.22
C MET C 159 -2.53 4.75 -11.98
N MET C 160 -1.74 4.14 -11.10
CA MET C 160 -1.96 2.77 -10.67
C MET C 160 -2.51 2.75 -9.25
N GLY C 161 -3.47 3.64 -8.97
CA GLY C 161 -4.03 3.78 -7.64
C GLY C 161 -5.18 4.76 -7.58
N ASN C 162 -5.09 5.72 -6.67
CA ASN C 162 -6.18 6.66 -6.41
C ASN C 162 -5.92 8.06 -6.95
N MET C 163 -7.01 8.80 -7.12
CA MET C 163 -6.99 10.22 -7.44
C MET C 163 -7.63 10.93 -6.26
N MET C 164 -6.91 11.87 -5.64
CA MET C 164 -7.37 12.52 -4.42
C MET C 164 -7.28 14.05 -4.52
N ILE C 165 -8.20 14.73 -3.83
CA ILE C 165 -8.19 16.18 -3.76
C ILE C 165 -8.26 16.63 -2.30
N TYR C 166 -7.37 17.54 -1.92
CA TYR C 166 -7.29 18.07 -0.56
C TYR C 166 -7.58 19.56 -0.56
N ILE C 167 -8.24 20.03 0.49
CA ILE C 167 -8.49 21.45 0.69
C ILE C 167 -7.99 21.84 2.08
N ASN C 168 -7.12 22.85 2.13
CA ASN C 168 -6.52 23.30 3.38
C ASN C 168 -5.90 22.17 4.20
N GLY C 169 -5.26 21.23 3.50
CA GLY C 169 -4.61 20.08 4.13
C GLY C 169 -5.52 18.91 4.47
N LYS C 170 -6.83 19.09 4.30
CA LYS C 170 -7.81 18.07 4.66
C LYS C 170 -8.26 17.28 3.43
N LEU C 171 -8.27 15.96 3.54
CA LEU C 171 -8.74 15.08 2.46
C LEU C 171 -10.25 15.22 2.28
N ILE C 172 -10.68 15.53 1.06
CA ILE C 172 -12.09 15.75 0.75
C ILE C 172 -12.71 14.57 0.01
N ASP C 173 -12.01 14.06 -1.00
CA ASP C 173 -12.53 12.99 -1.84
C ASP C 173 -11.42 12.08 -2.35
N THR C 174 -11.76 10.82 -2.61
CA THR C 174 -10.81 9.82 -3.11
C THR C 174 -11.50 8.92 -4.14
N ILE C 175 -11.06 9.01 -5.39
CA ILE C 175 -11.60 8.19 -6.48
C ILE C 175 -10.50 7.30 -7.05
N LYS C 176 -10.84 6.04 -7.29
CA LYS C 176 -9.91 5.09 -7.91
C LYS C 176 -9.77 5.42 -9.39
N VAL C 177 -8.54 5.34 -9.90
CA VAL C 177 -8.26 5.66 -11.31
C VAL C 177 -8.68 4.48 -12.20
N LYS C 178 -9.24 4.82 -13.37
CA LYS C 178 -9.80 3.83 -14.29
C LYS C 178 -8.75 3.24 -15.23
N GLU C 179 -9.19 2.27 -16.03
CA GLU C 179 -8.46 1.72 -17.17
C GLU C 179 -7.28 0.78 -16.77
N LEU C 180 -5.99 1.13 -16.84
CA LEU C 180 -5.38 2.40 -17.28
C LEU C 180 -5.10 2.38 -18.79
N THR C 181 -5.41 3.48 -19.45
CA THR C 181 -5.11 3.67 -20.87
C THR C 181 -3.74 4.30 -21.02
N GLY C 182 -3.49 5.33 -20.21
CA GLY C 182 -2.24 6.07 -20.24
C GLY C 182 -2.51 7.56 -20.37
N ILE C 183 -1.72 8.37 -19.68
CA ILE C 183 -1.85 9.82 -19.74
C ILE C 183 -0.76 10.42 -20.62
N ASN C 184 -1.17 11.19 -21.63
CA ASN C 184 -0.25 11.91 -22.50
C ASN C 184 -0.34 13.40 -22.18
N PHE C 185 0.58 13.86 -21.33
CA PHE C 185 0.51 15.22 -20.78
C PHE C 185 0.75 16.31 -21.82
N SER C 186 0.01 17.41 -21.68
CA SER C 186 0.26 18.61 -22.46
C SER C 186 1.50 19.30 -21.93
N LYS C 187 2.22 20.00 -22.80
CA LYS C 187 3.41 20.75 -22.40
C LYS C 187 3.06 22.15 -21.90
N THR C 188 1.78 22.53 -22.05
CA THR C 188 1.33 23.88 -21.73
C THR C 188 0.28 23.88 -20.63
N ILE C 189 0.37 24.88 -19.75
CA ILE C 189 -0.69 25.16 -18.76
C ILE C 189 -1.18 26.58 -18.99
N THR C 190 -2.48 26.73 -19.23
CA THR C 190 -3.07 28.04 -19.50
C THR C 190 -3.96 28.48 -18.34
N PHE C 191 -3.52 29.51 -17.62
CA PHE C 191 -4.32 30.14 -16.57
C PHE C 191 -5.17 31.23 -17.21
N GLN C 192 -6.47 30.98 -17.30
CA GLN C 192 -7.40 31.94 -17.91
C GLN C 192 -8.83 31.58 -17.53
N MET C 193 -9.63 32.59 -17.21
CA MET C 193 -11.02 32.37 -16.82
C MET C 193 -11.92 32.36 -18.05
N ASN C 194 -12.20 31.15 -18.54
CA ASN C 194 -12.98 30.96 -19.76
C ASN C 194 -14.36 30.37 -19.46
N LYS C 195 -15.40 31.09 -19.85
CA LYS C 195 -16.78 30.69 -19.60
C LYS C 195 -17.18 29.55 -20.54
N ILE C 196 -17.73 28.48 -19.98
CA ILE C 196 -18.13 27.31 -20.75
C ILE C 196 -19.52 27.54 -21.37
N PRO C 197 -19.69 27.21 -22.67
CA PRO C 197 -21.03 27.27 -23.26
C PRO C 197 -21.97 26.21 -22.67
N ASN C 198 -22.90 26.63 -21.82
CA ASN C 198 -23.82 25.72 -21.13
C ASN C 198 -25.04 25.37 -21.97
N ASP C 207 -21.81 40.01 -11.68
CA ASP C 207 -21.77 38.91 -12.64
C ASP C 207 -20.33 38.48 -12.95
N ASN C 208 -19.46 39.46 -13.20
N ASN C 208 -19.46 39.46 -13.22
CA ASN C 208 -18.05 39.20 -13.48
CA ASN C 208 -18.04 39.21 -13.47
C ASN C 208 -17.29 38.81 -12.22
C ASN C 208 -17.29 38.81 -12.20
N ILE C 209 -16.41 37.81 -12.33
CA ILE C 209 -15.65 37.30 -11.18
C ILE C 209 -14.14 37.49 -11.34
N ASN C 210 -13.45 37.50 -10.21
CA ASN C 210 -11.99 37.59 -10.17
C ASN C 210 -11.39 36.32 -9.57
N MET C 211 -10.08 36.14 -9.79
CA MET C 211 -9.37 34.97 -9.30
C MET C 211 -7.93 35.36 -8.94
N TRP C 212 -7.54 35.05 -7.71
CA TRP C 212 -6.17 35.27 -7.24
C TRP C 212 -5.48 33.92 -7.04
N ILE C 213 -4.25 33.80 -7.51
CA ILE C 213 -3.47 32.57 -7.38
C ILE C 213 -2.05 32.92 -6.92
N ARG C 214 -1.45 32.04 -6.12
CA ARG C 214 -0.04 32.17 -5.76
C ARG C 214 0.58 30.82 -5.37
N ASP C 215 1.88 30.68 -5.65
CA ASP C 215 2.64 29.47 -5.38
C ASP C 215 2.01 28.23 -6.01
N PHE C 216 1.95 28.22 -7.34
CA PHE C 216 1.45 27.07 -8.09
C PHE C 216 2.59 26.09 -8.32
N TYR C 217 2.60 25.00 -7.55
CA TYR C 217 3.64 23.98 -7.67
C TYR C 217 3.10 22.70 -8.29
N ILE C 218 3.94 22.02 -9.06
CA ILE C 218 3.66 20.65 -9.50
C ILE C 218 4.81 19.76 -9.04
N PHE C 219 4.45 18.62 -8.42
CA PHE C 219 5.44 17.65 -7.96
C PHE C 219 5.33 16.38 -8.80
N ALA C 220 6.46 15.70 -8.98
CA ALA C 220 6.51 14.49 -9.79
C ALA C 220 6.35 13.22 -8.93
N LYS C 221 5.47 13.30 -7.95
CA LYS C 221 5.15 12.15 -7.09
C LYS C 221 3.83 12.35 -6.36
N GLU C 222 3.35 11.28 -5.73
CA GLU C 222 2.12 11.32 -4.94
C GLU C 222 2.45 11.75 -3.51
N LEU C 223 2.08 12.96 -3.15
CA LEU C 223 2.31 13.47 -1.79
C LEU C 223 1.31 12.86 -0.82
N ASP C 224 1.79 12.40 0.33
CA ASP C 224 0.92 11.87 1.39
C ASP C 224 0.37 13.01 2.25
N ASP C 225 -0.53 12.67 3.17
CA ASP C 225 -1.16 13.65 4.06
C ASP C 225 -0.12 14.46 4.86
N LYS C 226 0.89 13.75 5.37
CA LYS C 226 1.98 14.37 6.14
C LYS C 226 2.69 15.47 5.35
N ASP C 227 3.11 15.15 4.13
CA ASP C 227 3.82 16.10 3.27
C ASP C 227 2.94 17.28 2.87
N ILE C 228 1.66 17.02 2.64
CA ILE C 228 0.71 18.06 2.22
C ILE C 228 0.49 19.08 3.35
N ASN C 229 0.40 18.59 4.58
CA ASN C 229 0.24 19.48 5.74
C ASN C 229 1.50 20.30 6.04
N ILE C 230 2.67 19.71 5.81
CA ILE C 230 3.94 20.43 5.94
C ILE C 230 4.04 21.52 4.88
N LEU C 231 3.62 21.19 3.66
CA LEU C 231 3.58 22.15 2.56
C LEU C 231 2.56 23.25 2.83
N PHE C 232 1.39 22.85 3.32
CA PHE C 232 0.30 23.75 3.66
C PHE C 232 0.75 24.84 4.65
N ASN C 233 1.46 24.42 5.69
CA ASN C 233 1.90 25.33 6.74
C ASN C 233 3.15 26.12 6.38
N SER C 234 4.02 25.54 5.57
CA SER C 234 5.26 26.21 5.14
C SER C 234 4.99 27.43 4.25
N LEU C 235 3.83 27.44 3.59
CA LEU C 235 3.45 28.55 2.71
C LEU C 235 2.61 29.62 3.41
N GLN C 236 2.55 29.54 4.75
CA GLN C 236 1.78 30.50 5.53
C GLN C 236 2.63 31.16 6.61
N TYR C 237 2.30 32.41 6.92
CA TYR C 237 2.77 33.03 8.15
C TYR C 237 1.67 32.79 9.19
N THR C 238 1.85 31.75 9.99
CA THR C 238 0.81 31.25 10.88
C THR C 238 0.53 32.14 12.10
N ASN C 239 1.46 33.03 12.43
CA ASN C 239 1.26 33.98 13.52
C ASN C 239 0.67 35.31 13.06
N VAL C 240 0.65 35.54 11.75
CA VAL C 240 -0.06 36.68 11.19
C VAL C 240 -1.54 36.33 11.17
N VAL C 241 -2.34 37.07 11.94
CA VAL C 241 -3.78 36.84 11.99
C VAL C 241 -4.38 37.22 10.64
N LYS C 242 -5.36 36.44 10.19
CA LYS C 242 -5.99 36.65 8.90
C LYS C 242 -7.43 37.16 9.05
N ASP C 243 -7.87 37.98 8.11
CA ASP C 243 -9.27 38.41 8.07
C ASP C 243 -10.16 37.27 7.57
N TYR C 244 -11.45 37.53 7.38
CA TYR C 244 -12.40 36.48 7.02
C TYR C 244 -12.11 35.81 5.67
N TRP C 245 -11.54 36.56 4.73
CA TRP C 245 -11.25 36.05 3.39
C TRP C 245 -9.83 35.47 3.26
N GLY C 246 -9.06 35.48 4.34
CA GLY C 246 -7.72 34.90 4.32
C GLY C 246 -6.57 35.88 4.13
N ASN C 247 -6.90 37.14 3.85
CA ASN C 247 -5.88 38.19 3.75
C ASN C 247 -5.36 38.56 5.14
N ASP C 248 -4.20 39.21 5.19
CA ASP C 248 -3.59 39.57 6.45
C ASP C 248 -4.44 40.61 7.19
N LEU C 249 -4.81 40.29 8.43
CA LEU C 249 -5.57 41.22 9.26
C LEU C 249 -4.68 42.40 9.61
N ARG C 250 -5.19 43.62 9.43
CA ARG C 250 -4.40 44.84 9.58
C ARG C 250 -4.98 45.76 10.65
N TYR C 251 -4.12 46.62 11.20
CA TYR C 251 -4.58 47.69 12.08
C TYR C 251 -5.07 48.86 11.24
N ASP C 252 -5.79 49.79 11.87
CA ASP C 252 -6.29 50.99 11.21
C ASP C 252 -7.14 50.67 9.97
N LYS C 253 -7.95 49.62 10.05
CA LYS C 253 -8.80 49.17 8.95
C LYS C 253 -10.19 48.80 9.45
N GLU C 254 -11.22 49.24 8.73
CA GLU C 254 -12.60 48.94 9.10
C GLU C 254 -12.95 47.48 8.81
N TYR C 255 -13.42 46.77 9.84
CA TYR C 255 -13.91 45.41 9.69
C TYR C 255 -15.28 45.26 10.33
N TYR C 256 -16.00 44.23 9.92
CA TYR C 256 -17.20 43.79 10.62
C TYR C 256 -16.79 42.63 11.53
N MET C 257 -16.86 42.87 12.84
CA MET C 257 -16.51 41.86 13.83
C MET C 257 -17.69 40.92 14.04
N ILE C 258 -17.48 39.64 13.76
CA ILE C 258 -18.54 38.63 13.83
C ILE C 258 -18.06 37.40 14.61
N ASN C 259 -18.98 36.77 15.35
CA ASN C 259 -18.69 35.53 16.05
C ASN C 259 -19.02 34.32 15.18
N VAL C 260 -18.18 33.29 15.26
CA VAL C 260 -18.34 32.07 14.45
C VAL C 260 -19.70 31.40 14.65
N ASN C 261 -20.18 31.39 15.90
CA ASN C 261 -21.46 30.77 16.22
C ASN C 261 -22.67 31.63 15.83
N TYR C 262 -22.43 32.90 15.48
CA TYR C 262 -23.50 33.84 15.17
C TYR C 262 -23.16 34.65 13.91
N MET C 263 -23.01 33.95 12.79
CA MET C 263 -22.66 34.61 11.53
C MET C 263 -23.80 35.47 10.98
N ASN C 264 -25.03 35.14 11.36
CA ASN C 264 -26.20 35.95 10.98
C ASN C 264 -26.50 37.09 11.95
N ARG C 265 -25.52 37.49 12.77
CA ARG C 265 -25.65 38.65 13.63
C ARG C 265 -24.69 39.75 13.23
N TYR C 266 -25.15 40.99 13.34
CA TYR C 266 -24.28 42.16 13.16
C TYR C 266 -24.20 42.93 14.47
N MET C 267 -23.27 43.88 14.52
CA MET C 267 -22.98 44.61 15.74
C MET C 267 -23.80 45.89 15.85
N SER C 268 -24.53 46.03 16.95
CA SER C 268 -25.33 47.22 17.24
C SER C 268 -24.99 47.75 18.62
N LYS C 269 -25.68 48.81 19.05
CA LYS C 269 -25.42 49.43 20.34
C LYS C 269 -26.69 49.91 21.03
N LYS C 270 -26.74 49.71 22.35
CA LYS C 270 -27.81 50.26 23.18
C LYS C 270 -27.22 50.66 24.54
N GLY C 271 -27.23 51.96 24.82
CA GLY C 271 -26.60 52.49 26.03
C GLY C 271 -25.10 52.26 25.98
N ASN C 272 -24.55 51.72 27.07
CA ASN C 272 -23.13 51.37 27.12
C ASN C 272 -22.80 50.07 26.41
N GLY C 273 -23.80 49.22 26.21
CA GLY C 273 -23.59 47.86 25.73
C GLY C 273 -23.57 47.70 24.22
N ILE C 274 -22.70 46.80 23.76
CA ILE C 274 -22.74 46.32 22.38
C ILE C 274 -23.73 45.16 22.36
N VAL C 275 -24.70 45.22 21.45
CA VAL C 275 -25.68 44.15 21.29
C VAL C 275 -25.64 43.62 19.86
N PHE C 276 -25.95 42.34 19.71
CA PHE C 276 -25.93 41.68 18.41
C PHE C 276 -27.35 41.47 17.89
N ASN C 277 -27.66 42.11 16.77
CA ASN C 277 -28.96 41.97 16.10
C ASN C 277 -28.86 41.06 14.88
N THR C 278 -29.98 40.44 14.51
CA THR C 278 -30.02 39.53 13.36
C THR C 278 -30.00 40.31 12.05
N ARG C 279 -29.09 39.94 11.15
CA ARG C 279 -28.91 40.66 9.88
C ARG C 279 -30.04 40.37 8.88
N LYS C 280 -30.21 41.29 7.93
CA LYS C 280 -31.36 41.28 7.03
C LYS C 280 -31.32 40.14 6.01
N ASN C 281 -30.17 39.97 5.36
CA ASN C 281 -29.99 38.92 4.36
C ASN C 281 -28.52 38.49 4.24
N ASN C 282 -28.27 37.48 3.39
CA ASN C 282 -26.92 36.95 3.21
C ASN C 282 -26.24 37.38 1.89
N ASN C 283 -26.61 38.56 1.39
CA ASN C 283 -25.98 39.10 0.18
C ASN C 283 -24.53 39.47 0.44
N ASP C 284 -24.32 40.26 1.49
CA ASP C 284 -22.99 40.64 1.95
C ASP C 284 -23.03 40.90 3.44
N PHE C 285 -21.87 41.20 4.03
CA PHE C 285 -21.78 41.46 5.47
C PHE C 285 -21.96 42.94 5.83
N ASN C 286 -22.31 43.77 4.84
CA ASN C 286 -22.41 45.21 5.06
C ASN C 286 -23.69 45.64 5.78
N GLU C 287 -23.66 45.52 7.11
CA GLU C 287 -24.77 45.94 7.97
C GLU C 287 -24.27 46.13 9.39
N GLY C 288 -24.76 47.16 10.08
CA GLY C 288 -24.37 47.45 11.45
C GLY C 288 -23.11 48.30 11.56
N TYR C 289 -22.56 48.36 12.77
CA TYR C 289 -21.38 49.17 13.04
C TYR C 289 -20.09 48.40 12.77
N LYS C 290 -19.03 49.15 12.45
CA LYS C 290 -17.73 48.57 12.10
C LYS C 290 -16.73 48.85 13.20
N ILE C 291 -15.74 47.98 13.33
CA ILE C 291 -14.65 48.20 14.28
C ILE C 291 -13.35 48.53 13.54
N ILE C 292 -12.47 49.23 14.23
CA ILE C 292 -11.10 49.47 13.77
C ILE C 292 -10.16 48.96 14.85
N ILE C 293 -9.20 48.13 14.46
CA ILE C 293 -8.25 47.53 15.40
C ILE C 293 -7.07 48.49 15.56
N LYS C 294 -6.68 48.71 16.82
CA LYS C 294 -5.62 49.67 17.15
C LYS C 294 -4.52 48.99 17.95
N ARG C 295 -3.27 49.19 17.55
CA ARG C 295 -2.14 48.52 18.18
C ARG C 295 -1.70 49.24 19.46
N ILE C 296 -1.34 48.45 20.48
CA ILE C 296 -0.69 48.96 21.68
C ILE C 296 0.73 48.39 21.76
N ARG C 297 0.85 47.07 21.65
CA ARG C 297 2.14 46.39 21.57
C ARG C 297 2.19 45.50 20.34
N GLY C 298 3.28 45.61 19.58
CA GLY C 298 3.47 44.83 18.36
C GLY C 298 4.56 45.42 17.48
N ASN C 299 4.52 45.09 16.19
CA ASN C 299 5.50 45.58 15.23
C ASN C 299 5.16 47.01 14.78
N THR C 300 5.98 47.98 15.21
CA THR C 300 5.67 49.39 15.03
C THR C 300 5.78 49.87 13.57
N ASN C 301 6.69 49.26 12.81
CA ASN C 301 6.89 49.62 11.39
C ASN C 301 6.01 48.83 10.42
N ASP C 302 5.06 48.07 10.96
CA ASP C 302 4.16 47.25 10.16
C ASP C 302 2.70 47.47 10.59
N THR C 303 1.77 47.15 9.69
CA THR C 303 0.35 47.36 9.95
C THR C 303 -0.39 46.04 10.21
N ARG C 304 0.30 44.91 10.09
CA ARG C 304 -0.34 43.60 10.22
C ARG C 304 -0.52 43.19 11.69
N VAL C 305 -1.65 42.56 11.97
CA VAL C 305 -1.96 42.07 13.32
C VAL C 305 -1.35 40.69 13.48
N ARG C 306 -0.58 40.51 14.54
CA ARG C 306 0.09 39.24 14.82
C ARG C 306 -0.30 38.68 16.18
N GLY C 307 -0.09 37.38 16.37
CA GLY C 307 -0.39 36.72 17.63
C GLY C 307 0.44 37.28 18.77
N GLU C 308 -0.18 37.38 19.95
CA GLU C 308 0.42 37.99 21.15
C GLU C 308 0.58 39.51 21.07
N ASN C 309 0.03 40.15 20.04
CA ASN C 309 -0.05 41.60 20.00
C ASN C 309 -1.10 42.06 20.99
N VAL C 310 -0.81 43.15 21.69
CA VAL C 310 -1.79 43.77 22.56
C VAL C 310 -2.46 44.89 21.78
N LEU C 311 -3.79 44.93 21.80
CA LEU C 311 -4.56 45.83 20.96
C LEU C 311 -5.92 46.19 21.57
N TYR C 312 -6.58 47.19 20.98
CA TYR C 312 -7.94 47.57 21.38
C TYR C 312 -8.78 47.88 20.14
N PHE C 313 -10.09 48.05 20.35
CA PHE C 313 -11.03 48.22 19.26
C PHE C 313 -11.76 49.56 19.34
N ASN C 314 -11.74 50.31 18.24
CA ASN C 314 -12.56 51.51 18.09
C ASN C 314 -13.76 51.21 17.21
N THR C 315 -14.82 52.02 17.35
CA THR C 315 -16.01 51.86 16.52
C THR C 315 -16.77 53.17 16.42
N THR C 316 -17.12 53.56 15.19
CA THR C 316 -17.81 54.82 14.93
C THR C 316 -19.33 54.61 14.95
N ILE C 317 -20.02 55.41 15.76
CA ILE C 317 -21.47 55.32 15.89
C ILE C 317 -22.07 56.72 15.98
N ASP C 318 -22.87 57.10 14.98
CA ASP C 318 -23.46 58.44 14.90
C ASP C 318 -22.41 59.54 15.04
N ASN C 319 -21.37 59.45 14.21
CA ASN C 319 -20.28 60.43 14.17
C ASN C 319 -19.51 60.57 15.49
N LYS C 320 -19.49 59.51 16.30
CA LYS C 320 -18.71 59.46 17.54
C LYS C 320 -17.96 58.13 17.59
N GLN C 321 -16.68 58.19 17.94
CA GLN C 321 -15.90 56.96 18.13
C GLN C 321 -15.93 56.53 19.59
N TYR C 322 -16.22 55.25 19.80
CA TYR C 322 -16.16 54.64 21.12
C TYR C 322 -15.10 53.55 21.07
N SER C 323 -14.57 53.18 22.23
CA SER C 323 -13.69 52.02 22.36
C SER C 323 -14.45 50.90 23.04
N LEU C 324 -14.13 49.66 22.69
CA LEU C 324 -14.73 48.51 23.37
C LEU C 324 -14.08 48.35 24.73
N GLY C 325 -14.92 48.24 25.77
CA GLY C 325 -14.43 48.16 27.14
C GLY C 325 -15.46 47.59 28.09
N MET C 326 -15.00 47.12 29.24
CA MET C 326 -15.87 46.50 30.23
C MET C 326 -16.75 47.54 30.92
N TYR C 327 -17.99 47.15 31.22
CA TYR C 327 -18.91 48.00 31.97
C TYR C 327 -19.70 47.18 32.98
N LYS C 328 -20.21 47.86 34.01
CA LYS C 328 -21.01 47.22 35.04
C LYS C 328 -22.46 47.08 34.55
N PRO C 329 -22.97 45.84 34.46
CA PRO C 329 -24.34 45.63 34.02
C PRO C 329 -25.37 45.99 35.10
N SER C 330 -26.61 46.20 34.71
CA SER C 330 -27.69 46.57 35.64
C SER C 330 -27.88 45.52 36.74
N ARG C 331 -27.68 44.26 36.38
CA ARG C 331 -27.61 43.17 37.36
C ARG C 331 -26.60 42.13 36.92
N ASN C 332 -26.22 41.24 37.85
N ASN C 332 -26.24 41.24 37.84
CA ASN C 332 -25.19 40.23 37.57
CA ASN C 332 -25.23 40.19 37.59
C ASN C 332 -25.64 39.20 36.53
C ASN C 332 -25.67 39.22 36.50
N LEU C 333 -24.77 38.95 35.55
CA LEU C 333 -25.07 38.05 34.43
C LEU C 333 -24.69 36.61 34.76
N GLY C 334 -23.66 36.44 35.58
CA GLY C 334 -23.21 35.12 36.01
C GLY C 334 -21.84 35.19 36.66
N THR C 335 -21.34 34.04 37.11
CA THR C 335 -20.05 33.98 37.80
C THR C 335 -18.90 34.30 36.84
N ASP C 336 -18.02 35.21 37.25
CA ASP C 336 -16.85 35.62 36.47
C ASP C 336 -17.19 36.16 35.07
N LEU C 337 -18.36 36.76 34.93
CA LEU C 337 -18.76 37.34 33.65
C LEU C 337 -18.78 38.86 33.72
N VAL C 338 -18.20 39.50 32.70
CA VAL C 338 -18.21 40.95 32.58
C VAL C 338 -18.52 41.30 31.13
N PRO C 339 -19.58 42.10 30.89
CA PRO C 339 -19.96 42.41 29.52
C PRO C 339 -19.06 43.45 28.86
N LEU C 340 -18.84 43.30 27.56
CA LEU C 340 -18.04 44.24 26.78
C LEU C 340 -18.98 45.23 26.09
N GLY C 341 -18.63 46.51 26.13
CA GLY C 341 -19.47 47.55 25.57
C GLY C 341 -18.70 48.68 24.90
N ALA C 342 -19.43 49.58 24.25
CA ALA C 342 -18.83 50.73 23.56
C ALA C 342 -18.78 51.95 24.48
N LEU C 343 -17.57 52.38 24.81
CA LEU C 343 -17.37 53.47 25.78
C LEU C 343 -16.53 54.60 25.21
N ASP C 344 -16.77 55.82 25.70
CA ASP C 344 -15.99 56.98 25.31
C ASP C 344 -14.92 57.22 26.37
N GLN C 345 -13.83 56.48 26.27
CA GLN C 345 -12.80 56.43 27.31
C GLN C 345 -11.48 57.02 26.83
N PRO C 346 -10.68 57.59 27.74
CA PRO C 346 -9.31 57.95 27.41
C PRO C 346 -8.42 56.71 27.39
N MET C 347 -7.16 56.87 27.00
CA MET C 347 -6.25 55.73 26.77
C MET C 347 -5.96 54.94 28.05
N ASP C 348 -5.81 55.64 29.18
CA ASP C 348 -5.58 55.00 30.48
C ASP C 348 -6.66 53.98 30.84
N GLU C 349 -7.92 54.33 30.54
CA GLU C 349 -9.04 53.44 30.82
C GLU C 349 -9.11 52.28 29.83
N ILE C 350 -8.66 52.53 28.59
CA ILE C 350 -8.61 51.49 27.57
C ILE C 350 -7.56 50.43 27.93
N ARG C 351 -6.41 50.88 28.41
CA ARG C 351 -5.33 49.98 28.82
C ARG C 351 -5.75 49.08 29.97
N LYS C 352 -6.48 49.65 30.94
CA LYS C 352 -6.93 48.91 32.11
C LYS C 352 -8.10 47.96 31.81
N TYR C 353 -9.10 48.44 31.09
CA TYR C 353 -10.38 47.73 30.95
C TYR C 353 -10.86 47.49 29.51
N GLY C 354 -9.97 47.66 28.52
CA GLY C 354 -10.36 47.44 27.13
C GLY C 354 -9.28 46.93 26.18
N SER C 355 -8.20 46.39 26.72
CA SER C 355 -7.10 45.88 25.91
C SER C 355 -7.16 44.36 25.81
N PHE C 356 -6.86 43.83 24.62
CA PHE C 356 -6.92 42.40 24.37
C PHE C 356 -5.62 41.87 23.76
N ILE C 357 -5.28 40.63 24.12
CA ILE C 357 -4.17 39.91 23.54
C ILE C 357 -4.75 38.97 22.50
N ILE C 358 -4.39 39.18 21.23
CA ILE C 358 -4.97 38.40 20.13
C ILE C 358 -4.15 37.13 19.86
N GLN C 359 -4.85 36.12 19.36
N GLN C 359 -4.85 36.10 19.41
CA GLN C 359 -4.27 34.81 19.07
CA GLN C 359 -4.22 34.83 19.04
C GLN C 359 -4.94 34.26 17.82
C GLN C 359 -4.92 34.27 17.81
N PRO C 360 -4.15 33.88 16.79
CA PRO C 360 -4.77 33.34 15.57
C PRO C 360 -5.45 31.99 15.83
N CYS C 361 -6.56 31.76 15.16
CA CYS C 361 -7.37 30.56 15.39
C CYS C 361 -8.03 30.11 14.09
N ASN C 362 -7.26 29.44 13.25
CA ASN C 362 -7.72 29.01 11.94
C ASN C 362 -8.21 27.56 11.94
N THR C 363 -9.35 27.33 11.28
CA THR C 363 -9.89 26.00 11.08
C THR C 363 -10.09 25.80 9.58
N PHE C 364 -10.58 24.62 9.20
CA PHE C 364 -10.93 24.34 7.80
C PHE C 364 -12.02 25.30 7.30
N ASP C 365 -12.98 25.60 8.16
CA ASP C 365 -14.15 26.40 7.77
C ASP C 365 -13.86 27.90 7.70
N TYR C 366 -12.94 28.41 8.51
CA TYR C 366 -12.77 29.85 8.63
C TYR C 366 -11.41 30.31 9.14
N TYR C 367 -11.07 31.56 8.83
CA TYR C 367 -9.95 32.26 9.44
C TYR C 367 -10.49 33.12 10.59
N ALA C 368 -10.17 32.74 11.82
CA ALA C 368 -10.67 33.46 12.99
C ALA C 368 -9.55 33.73 13.98
N SER C 369 -9.91 34.26 15.14
CA SER C 369 -8.94 34.55 16.20
C SER C 369 -9.59 34.47 17.58
N GLN C 370 -8.77 34.33 18.60
CA GLN C 370 -9.22 34.39 19.99
C GLN C 370 -8.65 35.63 20.67
N LEU C 371 -9.47 36.28 21.49
CA LEU C 371 -9.09 37.52 22.15
C LEU C 371 -9.11 37.33 23.67
N PHE C 372 -7.97 37.54 24.31
CA PHE C 372 -7.83 37.40 25.76
C PHE C 372 -7.70 38.77 26.42
N LEU C 373 -8.46 39.01 27.48
CA LEU C 373 -8.40 40.27 28.21
C LEU C 373 -6.98 40.49 28.75
N SER C 374 -6.46 41.69 28.50
CA SER C 374 -5.10 42.04 28.90
C SER C 374 -5.09 42.72 30.27
N SER C 375 -4.08 42.39 31.07
CA SER C 375 -3.85 43.08 32.34
C SER C 375 -2.97 44.30 32.09
N ASN C 376 -3.56 45.48 32.17
CA ASN C 376 -2.84 46.75 31.98
C ASN C 376 -2.03 46.82 30.67
N ALA C 377 -2.62 46.30 29.60
CA ALA C 377 -1.99 46.29 28.27
C ALA C 377 -0.68 45.50 28.20
N THR C 378 -0.57 44.45 29.03
CA THR C 378 0.56 43.53 28.98
C THR C 378 0.11 42.22 28.33
N THR C 379 1.01 41.26 28.22
CA THR C 379 0.67 39.95 27.67
C THR C 379 0.09 39.00 28.73
N ASN C 380 -0.02 39.46 29.97
CA ASN C 380 -0.70 38.70 31.03
C ASN C 380 -2.21 38.64 30.77
N ARG C 381 -2.76 37.43 30.82
CA ARG C 381 -4.17 37.20 30.48
C ARG C 381 -5.04 37.13 31.74
N LEU C 382 -6.19 37.80 31.68
CA LEU C 382 -7.16 37.78 32.77
C LEU C 382 -8.44 37.02 32.41
N GLY C 383 -8.78 36.97 31.13
CA GLY C 383 -10.00 36.30 30.68
C GLY C 383 -10.01 36.08 29.18
N ILE C 384 -11.17 35.66 28.67
CA ILE C 384 -11.34 35.38 27.24
C ILE C 384 -12.66 35.97 26.74
N LEU C 385 -12.65 36.54 25.55
CA LEU C 385 -13.84 37.16 24.97
C LEU C 385 -14.76 36.10 24.35
N SER C 386 -15.96 35.96 24.91
CA SER C 386 -16.96 35.03 24.38
C SER C 386 -18.22 35.80 23.99
N ILE C 387 -19.32 35.07 23.81
CA ILE C 387 -20.61 35.66 23.44
C ILE C 387 -21.74 34.86 24.09
N GLY C 388 -22.81 35.55 24.46
CA GLY C 388 -23.95 34.88 25.07
C GLY C 388 -25.14 35.81 25.26
N SER C 389 -26.32 35.21 25.40
CA SER C 389 -27.55 35.97 25.63
C SER C 389 -27.84 36.05 27.12
N TYR C 390 -27.91 37.27 27.64
CA TYR C 390 -28.15 37.50 29.07
C TYR C 390 -29.27 38.50 29.29
N SER C 391 -30.01 38.33 30.37
CA SER C 391 -31.18 39.15 30.67
C SER C 391 -30.85 40.28 31.66
N PHE C 392 -30.84 41.51 31.15
CA PHE C 392 -30.61 42.69 31.98
C PHE C 392 -31.12 43.96 31.29
N LYS C 393 -30.74 45.14 31.78
CA LYS C 393 -31.26 46.41 31.26
C LYS C 393 -30.15 47.24 30.58
N LEU C 394 -30.47 47.79 29.41
CA LEU C 394 -29.55 48.64 28.66
C LEU C 394 -30.28 49.89 28.17
N GLY C 395 -29.52 50.97 28.00
CA GLY C 395 -30.08 52.22 27.48
C GLY C 395 -31.24 52.73 28.32
N ASP C 396 -32.41 52.85 27.69
CA ASP C 396 -33.59 53.41 28.36
C ASP C 396 -34.55 52.33 28.88
N ASP C 397 -34.05 51.12 29.10
CA ASP C 397 -34.82 50.07 29.78
C ASP C 397 -35.03 50.48 31.23
N TYR C 398 -36.22 50.21 31.76
CA TYR C 398 -36.57 50.62 33.11
C TYR C 398 -37.38 49.56 33.86
N TRP C 399 -38.55 49.23 33.33
CA TRP C 399 -39.48 48.34 34.02
C TRP C 399 -39.05 46.88 33.97
N PHE C 400 -38.71 46.38 32.77
CA PHE C 400 -38.38 44.98 32.57
C PHE C 400 -36.97 44.77 32.05
N ASN C 401 -36.39 43.63 32.41
CA ASN C 401 -35.11 43.19 31.84
C ASN C 401 -35.34 42.61 30.44
N HIS C 402 -34.29 42.56 29.63
CA HIS C 402 -34.39 42.05 28.26
C HIS C 402 -33.21 41.14 27.92
N GLU C 403 -33.49 40.08 27.18
CA GLU C 403 -32.44 39.20 26.67
C GLU C 403 -31.64 39.93 25.59
N TYR C 404 -30.34 40.11 25.85
CA TYR C 404 -29.44 40.76 24.90
C TYR C 404 -28.29 39.82 24.56
N LEU C 405 -28.12 39.55 23.27
CA LEU C 405 -26.95 38.83 22.79
C LEU C 405 -25.78 39.82 22.80
N ILE C 406 -24.85 39.60 23.73
CA ILE C 406 -23.76 40.55 23.98
C ILE C 406 -22.40 39.85 23.96
N PRO C 407 -21.33 40.61 23.65
CA PRO C 407 -20.00 40.07 23.86
C PRO C 407 -19.65 40.12 25.34
N VAL C 408 -19.12 39.03 25.87
CA VAL C 408 -18.89 38.91 27.31
C VAL C 408 -17.51 38.30 27.59
N ILE C 409 -16.84 38.81 28.63
CA ILE C 409 -15.54 38.30 29.03
C ILE C 409 -15.70 37.38 30.23
N LYS C 410 -15.22 36.14 30.10
CA LYS C 410 -15.14 35.22 31.21
C LYS C 410 -13.76 35.37 31.84
N ILE C 411 -13.72 35.81 33.10
CA ILE C 411 -12.44 36.10 33.76
C ILE C 411 -12.00 34.96 34.68
N GLU C 412 -10.69 34.91 34.95
CA GLU C 412 -10.09 33.98 35.92
C GLU C 412 -10.20 32.51 35.54
N HIS C 413 -11.42 31.98 35.51
CA HIS C 413 -11.67 30.57 35.21
C HIS C 413 -12.37 30.43 33.86
N TYR C 414 -11.64 29.98 32.84
CA TYR C 414 -12.18 29.88 31.49
C TYR C 414 -11.50 28.80 30.62
N ALA C 415 -10.97 27.76 31.25
CA ALA C 415 -10.27 26.70 30.50
C ALA C 415 -11.21 25.92 29.59
N SER C 416 -12.47 25.76 30.00
CA SER C 416 -13.48 25.07 29.19
C SER C 416 -13.86 25.88 27.94
N LEU C 417 -13.81 27.21 28.04
CA LEU C 417 -14.12 28.08 26.90
C LEU C 417 -12.99 28.18 25.86
N LEU C 418 -11.78 27.74 26.22
CA LEU C 418 -10.65 27.75 25.28
C LEU C 418 -10.93 26.93 24.02
N GLU C 419 -11.59 25.78 24.21
CA GLU C 419 -11.90 24.87 23.10
C GLU C 419 -13.24 25.18 22.42
N SER C 420 -13.96 26.17 22.93
CA SER C 420 -15.27 26.54 22.40
C SER C 420 -15.14 27.46 21.18
N THR C 421 -16.03 27.27 20.21
CA THR C 421 -16.08 28.11 19.01
C THR C 421 -16.78 29.45 19.27
N SER C 422 -17.39 29.60 20.45
CA SER C 422 -17.99 30.88 20.85
C SER C 422 -16.93 31.94 21.18
N THR C 423 -15.67 31.51 21.28
CA THR C 423 -14.54 32.43 21.48
C THR C 423 -13.80 32.75 20.17
N HIS C 424 -14.29 32.21 19.05
CA HIS C 424 -13.64 32.40 17.76
C HIS C 424 -14.26 33.58 17.02
N TRP C 425 -13.49 34.65 16.89
CA TRP C 425 -13.95 35.89 16.26
C TRP C 425 -13.34 36.06 14.89
N VAL C 426 -14.15 36.53 13.94
CA VAL C 426 -13.69 36.80 12.58
C VAL C 426 -13.87 38.28 12.24
N PHE C 427 -13.15 38.73 11.21
CA PHE C 427 -13.21 40.12 10.78
C PHE C 427 -13.40 40.20 9.27
N VAL C 428 -14.58 40.65 8.85
CA VAL C 428 -14.88 40.84 7.42
C VAL C 428 -14.57 42.27 7.05
N PRO C 429 -13.70 42.49 6.04
CA PRO C 429 -13.39 43.87 5.65
C PRO C 429 -14.60 44.59 5.07
N ALA C 430 -14.73 45.87 5.38
CA ALA C 430 -15.87 46.67 4.91
C ALA C 430 -15.71 47.03 3.43
N SER C 431 -14.52 47.49 3.04
CA SER C 431 -14.22 47.88 1.66
C SER C 431 -15.24 48.86 1.10
N LYS D 4 -2.27 39.65 39.58
CA LYS D 4 -3.20 38.55 39.14
C LYS D 4 -4.42 38.44 40.04
N GLU D 5 -4.21 38.01 41.28
CA GLU D 5 -5.30 37.86 42.26
C GLU D 5 -5.93 39.21 42.62
N ASP D 6 -5.09 40.25 42.66
CA ASP D 6 -5.57 41.62 42.90
C ASP D 6 -6.33 42.16 41.70
N ALA D 7 -5.90 41.78 40.50
CA ALA D 7 -6.57 42.20 39.26
C ALA D 7 -8.00 41.68 39.19
N PHE D 8 -8.19 40.41 39.57
CA PHE D 8 -9.52 39.80 39.54
C PHE D 8 -10.46 40.48 40.54
N SER D 9 -9.96 40.76 41.74
CA SER D 9 -10.74 41.44 42.76
C SER D 9 -11.01 42.90 42.38
N LYS D 10 -10.07 43.51 41.67
CA LYS D 10 -10.24 44.87 41.15
C LYS D 10 -11.37 44.92 40.12
N LEU D 11 -11.36 43.99 39.18
CA LEU D 11 -12.41 43.88 38.17
C LEU D 11 -13.75 43.53 38.80
N LYS D 12 -13.71 42.64 39.79
CA LYS D 12 -14.93 42.24 40.51
C LYS D 12 -15.53 43.40 41.30
N GLU D 13 -14.67 44.18 41.94
CA GLU D 13 -15.10 45.35 42.70
C GLU D 13 -15.72 46.42 41.82
N LYS D 14 -15.21 46.54 40.58
CA LYS D 14 -15.62 47.62 39.67
C LYS D 14 -16.79 47.25 38.77
N PHE D 15 -16.85 46.00 38.32
CA PHE D 15 -17.82 45.58 37.29
C PHE D 15 -18.88 44.56 37.73
N MET D 16 -18.78 44.03 38.94
CA MET D 16 -19.80 43.11 39.47
C MET D 16 -20.68 43.85 40.48
N ASN D 17 -21.96 43.52 40.50
CA ASN D 17 -22.90 44.13 41.45
C ASN D 17 -22.75 43.55 42.85
N GLU D 18 -23.08 44.36 43.85
CA GLU D 18 -22.89 44.01 45.25
C GLU D 18 -24.17 43.42 45.84
N LYS E 4 26.99 -38.65 -3.88
CA LYS E 4 25.96 -39.22 -2.95
C LYS E 4 26.22 -40.70 -2.66
N GLU E 5 26.40 -41.48 -3.72
CA GLU E 5 26.65 -42.92 -3.58
C GLU E 5 28.05 -43.18 -3.00
N ASP E 6 29.00 -42.32 -3.35
CA ASP E 6 30.34 -42.36 -2.76
C ASP E 6 30.32 -41.91 -1.30
N ALA E 7 29.39 -41.00 -0.98
CA ALA E 7 29.22 -40.52 0.40
C ALA E 7 28.75 -41.64 1.33
N PHE E 8 27.89 -42.52 0.82
CA PHE E 8 27.42 -43.67 1.62
C PHE E 8 28.54 -44.66 1.88
N SER E 9 29.35 -44.94 0.86
CA SER E 9 30.49 -45.85 1.01
C SER E 9 31.60 -45.24 1.86
N LYS E 10 31.66 -43.90 1.88
CA LYS E 10 32.59 -43.18 2.74
C LYS E 10 32.22 -43.38 4.21
N LEU E 11 30.93 -43.25 4.51
CA LEU E 11 30.40 -43.45 5.86
C LEU E 11 30.56 -44.91 6.31
N LYS E 12 30.25 -45.83 5.41
CA LYS E 12 30.39 -47.27 5.70
C LYS E 12 31.86 -47.67 5.90
N GLU E 13 32.77 -47.04 5.16
CA GLU E 13 34.19 -47.30 5.31
C GLU E 13 34.72 -46.74 6.64
N LYS E 14 34.20 -45.58 7.04
CA LYS E 14 34.68 -44.89 8.24
C LYS E 14 34.01 -45.36 9.52
N PHE E 15 32.69 -45.52 9.49
CA PHE E 15 31.91 -45.76 10.72
C PHE E 15 31.33 -47.17 10.89
N MET E 16 31.75 -48.12 10.06
CA MET E 16 31.30 -49.50 10.20
C MET E 16 32.46 -50.48 10.15
N ASN E 17 32.32 -51.60 10.86
CA ASN E 17 33.40 -52.56 11.03
C ASN E 17 33.59 -53.47 9.82
N GLU E 18 34.81 -53.96 9.66
CA GLU E 18 35.23 -54.70 8.48
C GLU E 18 34.95 -56.19 8.64
N LYS F 4 -19.16 17.79 -38.66
CA LYS F 4 -18.96 16.32 -38.56
C LYS F 4 -19.95 15.54 -39.43
N GLU F 5 -21.21 15.99 -39.45
CA GLU F 5 -22.22 15.41 -40.33
C GLU F 5 -21.96 15.81 -41.79
N ASP F 6 -21.40 17.01 -41.98
CA ASP F 6 -20.96 17.47 -43.30
C ASP F 6 -19.73 16.69 -43.78
N ALA F 7 -18.90 16.27 -42.84
CA ALA F 7 -17.71 15.48 -43.15
C ALA F 7 -18.08 14.11 -43.74
N PHE F 8 -19.12 13.48 -43.19
CA PHE F 8 -19.57 12.17 -43.68
C PHE F 8 -20.16 12.25 -45.08
N SER F 9 -20.98 13.28 -45.32
CA SER F 9 -21.59 13.48 -46.64
C SER F 9 -20.54 13.86 -47.69
N LYS F 10 -19.51 14.58 -47.26
CA LYS F 10 -18.39 14.94 -48.14
C LYS F 10 -17.61 13.70 -48.57
N LEU F 11 -17.39 12.77 -47.64
CA LEU F 11 -16.68 11.52 -47.94
C LEU F 11 -17.51 10.61 -48.86
N LYS F 12 -18.80 10.54 -48.59
CA LYS F 12 -19.73 9.76 -49.42
C LYS F 12 -19.83 10.33 -50.83
N GLU F 13 -19.81 11.66 -50.93
CA GLU F 13 -19.83 12.35 -52.21
C GLU F 13 -18.58 12.05 -53.04
N LYS F 14 -17.42 11.97 -52.37
CA LYS F 14 -16.14 11.84 -53.04
C LYS F 14 -15.73 10.39 -53.32
N PHE F 15 -15.91 9.51 -52.35
CA PHE F 15 -15.34 8.15 -52.42
C PHE F 15 -16.35 7.01 -52.61
N MET F 16 -17.61 7.34 -52.89
CA MET F 16 -18.62 6.32 -53.14
C MET F 16 -19.38 6.60 -54.44
N ASN F 17 -19.78 5.53 -55.11
CA ASN F 17 -20.42 5.65 -56.42
C ASN F 17 -21.89 6.09 -56.32
N GLU F 18 -22.38 6.68 -57.39
CA GLU F 18 -23.67 7.36 -57.40
C GLU F 18 -24.72 6.52 -58.12
#